data_3C5D
# 
_entry.id   3C5D 
# 
_audit_conform.dict_name       mmcif_pdbx.dic 
_audit_conform.dict_version    5.380 
_audit_conform.dict_location   http://mmcif.pdb.org/dictionaries/ascii/mmcif_pdbx.dic 
# 
loop_
_database_2.database_id 
_database_2.database_code 
_database_2.pdbx_database_accession 
_database_2.pdbx_DOI 
PDB   3C5D         pdb_00003c5d 10.2210/pdb3c5d/pdb 
NDB   DR0043       ?            ?                   
RCSB  RCSB046361   ?            ?                   
WWPDB D_1000046361 ?            ?                   
# 
loop_
_pdbx_database_related.db_name 
_pdbx_database_related.db_id 
_pdbx_database_related.details 
_pdbx_database_related.content_type 
PDB 2QEK 'free subtype F HIV-1 DIS extended duplex'                  unspecified 
PDB 3C44 'Subtype F HIV-1 DIS extended duplex bound to paromomycin'  unspecified 
PDB 3C3Z 'Subtype F HIV-1 DIS extended duplex bound to ribostamycin' unspecified 
# 
_pdbx_database_status.status_code                     REL 
_pdbx_database_status.entry_id                        3C5D 
_pdbx_database_status.recvd_initial_deposition_date   2008-01-31 
_pdbx_database_status.deposit_site                    RCSB 
_pdbx_database_status.process_site                    PDBJ 
_pdbx_database_status.status_code_sf                  REL 
_pdbx_database_status.status_code_mr                  ? 
_pdbx_database_status.SG_entry                        ? 
_pdbx_database_status.pdb_format_compatible           Y 
_pdbx_database_status.status_code_cs                  ? 
_pdbx_database_status.status_code_nmr_data            ? 
_pdbx_database_status.methods_development_category    ? 
# 
loop_
_audit_author.name 
_audit_author.pdbx_ordinal 
'Freisz, S.'  1 
'Lang, K.'    2 
'Micura, R.'  3 
'Dumas, P.'   4 
'Ennifar, E.' 5 
# 
_citation.id                        primary 
_citation.title                     
'Binding of aminoglycoside antibiotics to the duplex form of the HIV-1 genomic RNA dimerization initiation site.' 
_citation.journal_abbrev            Angew.Chem.Int.Ed.Engl. 
_citation.journal_volume            47 
_citation.page_first                4110 
_citation.page_last                 4113 
_citation.year                      2008 
_citation.journal_id_ASTM           ACIEAY 
_citation.country                   GE 
_citation.journal_id_ISSN           0570-0833 
_citation.journal_id_CSD            0179 
_citation.book_publisher            ? 
_citation.pdbx_database_id_PubMed   18435520 
_citation.pdbx_database_id_DOI      10.1002/anie.200800726 
# 
loop_
_citation_author.citation_id 
_citation_author.name 
_citation_author.ordinal 
_citation_author.identifier_ORCID 
primary 'Freisz, S.'  1 ? 
primary 'Lang, K.'    2 ? 
primary 'Micura, R.'  3 ? 
primary 'Dumas, P.'   4 ? 
primary 'Ennifar, E.' 5 ? 
# 
_cell.entry_id           3C5D 
_cell.length_a           100.086 
_cell.length_b           29.294 
_cell.length_c           59.607 
_cell.angle_alpha        90.00 
_cell.angle_beta         120.84 
_cell.angle_gamma        90.00 
_cell.Z_PDB              8 
_cell.pdbx_unique_axis   ? 
_cell.length_a_esd       ? 
_cell.length_b_esd       ? 
_cell.length_c_esd       ? 
_cell.angle_alpha_esd    ? 
_cell.angle_beta_esd     ? 
_cell.angle_gamma_esd    ? 
# 
_symmetry.entry_id                         3C5D 
_symmetry.space_group_name_H-M             'C 1 2 1' 
_symmetry.pdbx_full_space_group_name_H-M   ? 
_symmetry.cell_setting                     ? 
_symmetry.Int_Tables_number                5 
_symmetry.space_group_name_Hall            ? 
# 
loop_
_entity.id 
_entity.type 
_entity.src_method 
_entity.pdbx_description 
_entity.formula_weight 
_entity.pdbx_number_of_molecules 
_entity.pdbx_ec 
_entity.pdbx_mutation 
_entity.pdbx_fragment 
_entity.details 
1 polymer     syn 
;'HIV-1 subtype F genomic RNA
;
7463.459 2   ? ? ? ? 
2 non-polymer syn 'POTASSIUM ION' 39.098   2   ? ? ? ? 
3 non-polymer syn 
;(2R,3S,4S,5S,6R)-2-((2S,3S,4R,5R,6R)-5-AMINO-2-(AMINOMETHYL)-6-((2R,3S,4R,5S)-5-((1R,2R,3S,5R,6S)-3,5-DIAMINO-2-((2S,3R ,5S,6R)-3-AMINO-5-HYDROXY-6-(HYDROXYMETHYL)-TETRAHYDRO-2H-PYRAN-2-YLOXY)-6-HYDROXYCYCLOHEXYLOXY)-4-HYDROXY-2-(HYDROXYMET HYL)-TETRAHYDROFURAN-3-YLOXY)-4-HYDROXY-TETRAHYDRO-2H-PYRAN-3-YLOXY)-6-(HYDROXYMETHYL)-TETRAHYDRO-2H-PYRAN-3,4,5-TRIOL
;
761.770  2   ? ? ? ? 
4 water       nat water 18.015   140 ? ? ? ? 
# 
_entity_poly.entity_id                      1 
_entity_poly.type                           'polydeoxyribonucleotide/polyribonucleotide hybrid' 
_entity_poly.nstd_linkage                   no 
_entity_poly.nstd_monomer                   yes 
_entity_poly.pdbx_seq_one_letter_code       'CU(UMS)GCUGAAGUGCACACAGCAAG' 
_entity_poly.pdbx_seq_one_letter_code_can   CUUGCUGAAGUGCACACAGCAAG 
_entity_poly.pdbx_strand_id                 A,B 
_entity_poly.pdbx_target_identifier         ? 
# 
loop_
_entity_poly_seq.entity_id 
_entity_poly_seq.num 
_entity_poly_seq.mon_id 
_entity_poly_seq.hetero 
1 1  C   n 
1 2  U   n 
1 3  UMS n 
1 4  G   n 
1 5  C   n 
1 6  U   n 
1 7  G   n 
1 8  A   n 
1 9  A   n 
1 10 G   n 
1 11 U   n 
1 12 G   n 
1 13 C   n 
1 14 A   n 
1 15 C   n 
1 16 A   n 
1 17 C   n 
1 18 A   n 
1 19 G   n 
1 20 C   n 
1 21 A   n 
1 22 A   n 
1 23 G   n 
# 
_struct_ref.id                         1 
_struct_ref.db_name                    PDB 
_struct_ref.db_code                    3C5D 
_struct_ref.pdbx_db_accession          3C5D 
_struct_ref.entity_id                  1 
_struct_ref.pdbx_align_begin           ? 
_struct_ref.pdbx_seq_one_letter_code   ? 
_struct_ref.pdbx_db_isoform            ? 
# 
loop_
_struct_ref_seq.align_id 
_struct_ref_seq.ref_id 
_struct_ref_seq.pdbx_PDB_id_code 
_struct_ref_seq.pdbx_strand_id 
_struct_ref_seq.seq_align_beg 
_struct_ref_seq.pdbx_seq_align_beg_ins_code 
_struct_ref_seq.seq_align_end 
_struct_ref_seq.pdbx_seq_align_end_ins_code 
_struct_ref_seq.pdbx_db_accession 
_struct_ref_seq.db_align_beg 
_struct_ref_seq.pdbx_db_align_beg_ins_code 
_struct_ref_seq.db_align_end 
_struct_ref_seq.pdbx_db_align_end_ins_code 
_struct_ref_seq.pdbx_auth_seq_align_beg 
_struct_ref_seq.pdbx_auth_seq_align_end 
1 1 3C5D A 1 ? 23 ? 3C5D 1 ? 23 ? 1 23 
2 1 3C5D B 1 ? 23 ? 3C5D 1 ? 23 ? 1 23 
# 
loop_
_chem_comp.id 
_chem_comp.type 
_chem_comp.mon_nstd_flag 
_chem_comp.name 
_chem_comp.pdbx_synonyms 
_chem_comp.formula 
_chem_comp.formula_weight 
A   'RNA linking' y "ADENOSINE-5'-MONOPHOSPHATE" ? 'C10 H14 N5 O7 P'    347.221 
C   'RNA linking' y "CYTIDINE-5'-MONOPHOSPHATE" ? 'C9 H14 N3 O8 P'     323.197 
G   'RNA linking' y "GUANOSINE-5'-MONOPHOSPHATE" ? 'C10 H14 N5 O8 P'    363.221 
HOH non-polymer   . WATER ? 'H2 O'               18.015  
K   non-polymer   . 'POTASSIUM ION' ? 'K 1'                39.098  
LIV non-polymer   . 
;(2R,3S,4S,5S,6R)-2-((2S,3S,4R,5R,6R)-5-AMINO-2-(AMINOMETHYL)-6-((2R,3S,4R,5S)-5-((1R,2R,3S,5R,6S)-3,5-DIAMINO-2-((2S,3R ,5S,6R)-3-AMINO-5-HYDROXY-6-(HYDROXYMETHYL)-TETRAHYDRO-2H-PYRAN-2-YLOXY)-6-HYDROXYCYCLOHEXYLOXY)-4-HYDROXY-2-(HYDROXYMET HYL)-TETRAHYDROFURAN-3-YLOXY)-4-HYDROXY-TETRAHYDRO-2H-PYRAN-3-YLOXY)-6-(HYDROXYMETHYL)-TETRAHYDRO-2H-PYRAN-3,4,5-TRIOL
;
;LIVIDOMYCIN A; O-2-AMINO-2,3-DIDEOXY-ALPHA-D-GLUCOPYRANOSYL-(1,4)-O-[BETA-D-MANNOPYRANOSYL-(1,4)-O-2,6-DIAMINO-2,6-DIDEOXY-BETA-L-IDOPY RANOSYL-(1,3)-BETA-D-RIBOFURANOSYL-(1,5)-2-DEOXY-D-STREPTAMINE
;
'C29 H55 N5 O18'     761.770 
U   'RNA linking' y "URIDINE-5'-MONOPHOSPHATE" ? 'C9 H13 N2 O9 P'     324.181 
UMS 'DNA linking' n "2'-METHYLSELENYL-2'-DEOXYURIDINE-5'-PHOSPHATE" ? 'C10 H15 N2 O8 P Se' 401.168 
# 
_exptl.entry_id          3C5D 
_exptl.method            'X-RAY DIFFRACTION' 
_exptl.crystals_number   1 
# 
_exptl_crystal.id                    1 
_exptl_crystal.density_meas          ? 
_exptl_crystal.density_Matthews      2.51 
_exptl_crystal.density_percent_sol   51.06 
_exptl_crystal.description           ? 
_exptl_crystal.F_000                 ? 
_exptl_crystal.preparation           ? 
# 
_exptl_crystal_grow.crystal_id      1 
_exptl_crystal_grow.method          'VAPOR DIFFUSION, SITTING DROP' 
_exptl_crystal_grow.temp            310 
_exptl_crystal_grow.temp_details    ? 
_exptl_crystal_grow.pH              6.5 
_exptl_crystal_grow.pdbx_details    'MPD, KCl, MgCl2, Na cacodylate, pH 6.5, VAPOR DIFFUSION, SITTING DROP, temperature 310K' 
_exptl_crystal_grow.pdbx_pH_range   . 
# 
loop_
_exptl_crystal_grow_comp.crystal_id 
_exptl_crystal_grow_comp.id 
_exptl_crystal_grow_comp.sol_id 
_exptl_crystal_grow_comp.name 
_exptl_crystal_grow_comp.conc 
_exptl_crystal_grow_comp.volume 
_exptl_crystal_grow_comp.details 
1 1 1 'Na cacodylate' ? ? ? 
1 2 1 MgCl2           ? ? ? 
1 3 1 KCl             ? ? ? 
1 4 1 MPD             ? ? ? 
1 5 2 'Na cacodylate' ? ? ? 
1 6 2 MgCl2           ? ? ? 
1 7 2 KCl             ? ? ? 
1 8 2 MPD             ? ? ? 
# 
_diffrn.id                     1 
_diffrn.ambient_temp           90 
_diffrn.ambient_temp_details   ? 
_diffrn.crystal_id             1 
# 
_diffrn_detector.diffrn_id              1 
_diffrn_detector.detector               CCD 
_diffrn_detector.type                   'ADSC QUANTUM 315' 
_diffrn_detector.pdbx_collection_date   2006-12-03 
_diffrn_detector.details                ? 
# 
_diffrn_radiation.diffrn_id                        1 
_diffrn_radiation.wavelength_id                    1 
_diffrn_radiation.pdbx_monochromatic_or_laue_m_l   M 
_diffrn_radiation.monochromator                    crystal 
_diffrn_radiation.pdbx_diffrn_protocol             'SINGLE WAVELENGTH' 
_diffrn_radiation.pdbx_scattering_type             x-ray 
# 
_diffrn_radiation_wavelength.id           1 
_diffrn_radiation_wavelength.wavelength   0.9783 
_diffrn_radiation_wavelength.wt           1.0 
# 
_diffrn_source.diffrn_id                   1 
_diffrn_source.source                      SYNCHROTRON 
_diffrn_source.type                        'ESRF BEAMLINE ID14-4' 
_diffrn_source.pdbx_synchrotron_site       ESRF 
_diffrn_source.pdbx_synchrotron_beamline   ID14-4 
_diffrn_source.pdbx_wavelength             ? 
_diffrn_source.pdbx_wavelength_list        0.9783 
# 
_reflns.entry_id                     3C5D 
_reflns.observed_criterion_sigma_I   0 
_reflns.observed_criterion_sigma_F   0 
_reflns.d_resolution_low             30.0 
_reflns.d_resolution_high            1.8 
_reflns.number_obs                   24286 
_reflns.number_all                   ? 
_reflns.percent_possible_obs         89.4 
_reflns.pdbx_Rmerge_I_obs            ? 
_reflns.pdbx_Rsym_value              0.043 
_reflns.pdbx_netI_over_sigmaI        31.2 
_reflns.B_iso_Wilson_estimate        30.7 
_reflns.pdbx_redundancy              4.1 
_reflns.R_free_details               ? 
_reflns.pdbx_chi_squared             ? 
_reflns.pdbx_scaling_rejects         ? 
_reflns.pdbx_diffrn_id               1 
_reflns.pdbx_ordinal                 1 
# 
_reflns_shell.d_res_high             1.80 
_reflns_shell.d_res_low              1.86 
_reflns_shell.percent_possible_all   53.1 
_reflns_shell.Rmerge_I_obs           ? 
_reflns_shell.pdbx_Rsym_value        0.17 
_reflns_shell.meanI_over_sigI_obs    6.2 
_reflns_shell.pdbx_redundancy        2.6 
_reflns_shell.percent_possible_obs   ? 
_reflns_shell.number_unique_all      1452 
_reflns_shell.number_measured_all    ? 
_reflns_shell.number_measured_obs    ? 
_reflns_shell.number_unique_obs      ? 
_reflns_shell.pdbx_chi_squared       ? 
_reflns_shell.pdbx_diffrn_id         ? 
_reflns_shell.pdbx_ordinal           1 
# 
_refine.entry_id                                 3C5D 
_refine.ls_number_reflns_obs                     24175 
_refine.ls_number_reflns_all                     26926 
_refine.pdbx_ls_sigma_I                          0 
_refine.pdbx_ls_sigma_F                          0.0 
_refine.pdbx_data_cutoff_high_absF               804872.12 
_refine.pdbx_data_cutoff_low_absF                0.000000 
_refine.pdbx_data_cutoff_high_rms_absF           ? 
_refine.ls_d_res_low                             19.95 
_refine.ls_d_res_high                            1.80 
_refine.ls_percent_reflns_obs                    89.8 
_refine.ls_R_factor_obs                          0.232 
_refine.ls_R_factor_all                          ? 
_refine.ls_R_factor_R_work                       0.232 
_refine.ls_R_factor_R_free                       0.245 
_refine.ls_R_factor_R_free_error                 0.006 
_refine.ls_R_factor_R_free_error_details         ? 
_refine.ls_percent_reflns_R_free                 7.4 
_refine.ls_number_reflns_R_free                  1796 
_refine.ls_number_parameters                     ? 
_refine.ls_number_restraints                     ? 
_refine.occupancy_min                            ? 
_refine.occupancy_max                            ? 
_refine.correlation_coeff_Fo_to_Fc               ? 
_refine.correlation_coeff_Fo_to_Fc_free          ? 
_refine.B_iso_mean                               47.2 
_refine.aniso_B[1][1]                            -8.76 
_refine.aniso_B[2][2]                            15.47 
_refine.aniso_B[3][3]                            -6.71 
_refine.aniso_B[1][2]                            0.00 
_refine.aniso_B[1][3]                            -0.60 
_refine.aniso_B[2][3]                            0.00 
_refine.solvent_model_details                    'FLAT MODEL' 
_refine.solvent_model_param_ksol                 0.361176 
_refine.solvent_model_param_bsol                 51.1067 
_refine.pdbx_solvent_vdw_probe_radii             ? 
_refine.pdbx_solvent_ion_probe_radii             ? 
_refine.pdbx_solvent_shrinkage_radii             ? 
_refine.pdbx_ls_cross_valid_method               THROUGHOUT 
_refine.details                                  ? 
_refine.pdbx_starting_model                      3C3Z 
_refine.pdbx_method_to_determine_struct          'MOLECULAR REPLACEMENT' 
_refine.pdbx_isotropic_thermal_model             RESTRAINED 
_refine.pdbx_stereochemistry_target_values       ? 
_refine.pdbx_stereochem_target_val_spec_case     ? 
_refine.pdbx_R_Free_selection_details            RANDOM 
_refine.pdbx_overall_ESU_R                       ? 
_refine.pdbx_overall_ESU_R_Free                  ? 
_refine.overall_SU_ML                            ? 
_refine.overall_SU_B                             ? 
_refine.ls_redundancy_reflns_obs                 ? 
_refine.overall_SU_R_Cruickshank_DPI             ? 
_refine.overall_SU_R_free                        ? 
_refine.ls_wR_factor_R_free                      ? 
_refine.ls_wR_factor_R_work                      ? 
_refine.overall_FOM_free_R_set                   ? 
_refine.overall_FOM_work_R_set                   ? 
_refine.pdbx_overall_phase_error                 ? 
_refine.pdbx_refine_id                           'X-RAY DIFFRACTION' 
_refine.pdbx_diffrn_id                           1 
_refine.pdbx_TLS_residual_ADP_flag               ? 
_refine.pdbx_overall_SU_R_free_Cruickshank_DPI   ? 
_refine.pdbx_overall_SU_R_Blow_DPI               ? 
_refine.pdbx_overall_SU_R_free_Blow_DPI          ? 
# 
_refine_analyze.entry_id                        3C5D 
_refine_analyze.Luzzati_coordinate_error_obs    0.31 
_refine_analyze.Luzzati_sigma_a_obs             0.32 
_refine_analyze.Luzzati_d_res_low_obs           5.00 
_refine_analyze.Luzzati_coordinate_error_free   0.38 
_refine_analyze.Luzzati_sigma_a_free            0.37 
_refine_analyze.Luzzati_d_res_low_free          ? 
_refine_analyze.number_disordered_residues      ? 
_refine_analyze.occupancy_sum_hydrogen          ? 
_refine_analyze.occupancy_sum_non_hydrogen      ? 
_refine_analyze.pdbx_refine_id                  'X-RAY DIFFRACTION' 
# 
_refine_hist.pdbx_refine_id                   'X-RAY DIFFRACTION' 
_refine_hist.cycle_id                         LAST 
_refine_hist.pdbx_number_atoms_protein        0 
_refine_hist.pdbx_number_atoms_nucleic_acid   980 
_refine_hist.pdbx_number_atoms_ligand         106 
_refine_hist.number_atoms_solvent             140 
_refine_hist.number_atoms_total               1226 
_refine_hist.d_res_high                       1.80 
_refine_hist.d_res_low                        19.95 
# 
loop_
_refine_ls_restr.type 
_refine_ls_restr.dev_ideal 
_refine_ls_restr.dev_ideal_target 
_refine_ls_restr.weight 
_refine_ls_restr.number 
_refine_ls_restr.pdbx_refine_id 
_refine_ls_restr.pdbx_restraint_function 
c_bond_d           0.013 ? ? ? 'X-RAY DIFFRACTION' ? 
c_angle_deg        1.2   ? ? ? 'X-RAY DIFFRACTION' ? 
c_dihedral_angle_d 8.2   ? ? ? 'X-RAY DIFFRACTION' ? 
c_improper_angle_d 4.90  ? ? ? 'X-RAY DIFFRACTION' ? 
# 
_refine_ls_shell.pdbx_total_number_of_bins_used   6 
_refine_ls_shell.d_res_high                       1.80 
_refine_ls_shell.d_res_low                        1.91 
_refine_ls_shell.number_reflns_R_work             2390 
_refine_ls_shell.R_factor_R_work                  0.371 
_refine_ls_shell.percent_reflns_obs               58.1 
_refine_ls_shell.R_factor_R_free                  0.383 
_refine_ls_shell.R_factor_R_free_error            0.028 
_refine_ls_shell.percent_reflns_R_free            7.4 
_refine_ls_shell.number_reflns_R_free             192 
_refine_ls_shell.number_reflns_all                ? 
_refine_ls_shell.R_factor_all                     ? 
_refine_ls_shell.number_reflns_obs                ? 
_refine_ls_shell.redundancy_reflns_obs            ? 
_refine_ls_shell.pdbx_refine_id                   'X-RAY DIFFRACTION' 
# 
loop_
_pdbx_xplor_file.serial_no 
_pdbx_xplor_file.param_file 
_pdbx_xplor_file.topol_file 
_pdbx_xplor_file.pdbx_refine_id 
1 dna-rna_multi_end.param dna-rna_multi_end.top 'X-RAY DIFFRACTION' 
2 lividomycin.param       lividomycin.top       'X-RAY DIFFRACTION' 
3 water_rep.param         water_rep.top         'X-RAY DIFFRACTION' 
4 ion.param               ion.top               'X-RAY DIFFRACTION' 
5 ums_xplor.param         ums_xplor.top         'X-RAY DIFFRACTION' 
# 
_struct.entry_id                  3C5D 
_struct.title                     'Crystal structure of HIV-1 subtype F DIS extended duplex RNA bound to lividomycin' 
_struct.pdbx_model_details        ? 
_struct.pdbx_CASP_flag            ? 
_struct.pdbx_model_type_details   ? 
# 
_struct_keywords.entry_id        3C5D 
_struct_keywords.pdbx_keywords   RNA 
_struct_keywords.text            'HIV-1, RNA, aminoglycoside, lividomycin, extended duplex' 
# 
loop_
_struct_asym.id 
_struct_asym.pdbx_blank_PDB_chainid_flag 
_struct_asym.pdbx_modified 
_struct_asym.entity_id 
_struct_asym.details 
A N N 1 ? 
B N N 1 ? 
C N N 2 ? 
D N N 3 ? 
E N N 3 ? 
F N N 2 ? 
G N N 4 ? 
H N N 4 ? 
# 
_struct_biol.id        1 
_struct_biol.details   ? 
# 
loop_
_struct_conn.id 
_struct_conn.conn_type_id 
_struct_conn.pdbx_leaving_atom_flag 
_struct_conn.pdbx_PDB_id 
_struct_conn.ptnr1_label_asym_id 
_struct_conn.ptnr1_label_comp_id 
_struct_conn.ptnr1_label_seq_id 
_struct_conn.ptnr1_label_atom_id 
_struct_conn.pdbx_ptnr1_label_alt_id 
_struct_conn.pdbx_ptnr1_PDB_ins_code 
_struct_conn.pdbx_ptnr1_standard_comp_id 
_struct_conn.ptnr1_symmetry 
_struct_conn.ptnr2_label_asym_id 
_struct_conn.ptnr2_label_comp_id 
_struct_conn.ptnr2_label_seq_id 
_struct_conn.ptnr2_label_atom_id 
_struct_conn.pdbx_ptnr2_label_alt_id 
_struct_conn.pdbx_ptnr2_PDB_ins_code 
_struct_conn.ptnr1_auth_asym_id 
_struct_conn.ptnr1_auth_comp_id 
_struct_conn.ptnr1_auth_seq_id 
_struct_conn.ptnr2_auth_asym_id 
_struct_conn.ptnr2_auth_comp_id 
_struct_conn.ptnr2_auth_seq_id 
_struct_conn.ptnr2_symmetry 
_struct_conn.pdbx_ptnr3_label_atom_id 
_struct_conn.pdbx_ptnr3_label_seq_id 
_struct_conn.pdbx_ptnr3_label_comp_id 
_struct_conn.pdbx_ptnr3_label_asym_id 
_struct_conn.pdbx_ptnr3_label_alt_id 
_struct_conn.pdbx_ptnr3_PDB_ins_code 
_struct_conn.details 
_struct_conn.pdbx_dist_value 
_struct_conn.pdbx_value_order 
_struct_conn.pdbx_role 
covale1  covale both ? A U   2  "O3'" ? ? ? 1_555 A UMS 3  P  ? ? A U   2  A UMS 3  1_555 ? ? ? ? ? ? ?            1.600 ? ? 
covale2  covale both ? A UMS 3  "O3'" ? ? ? 1_555 A G   4  P  ? ? A UMS 3  A G   4  1_555 ? ? ? ? ? ? ?            1.605 ? ? 
covale3  covale both ? B U   2  "O3'" ? ? ? 1_555 B UMS 3  P  ? ? B U   2  B UMS 3  1_555 ? ? ? ? ? ? ?            1.610 ? ? 
covale4  covale both ? B UMS 3  "O3'" ? ? ? 1_555 B G   4  P  ? ? B UMS 3  B G   4  1_555 ? ? ? ? ? ? ?            1.603 ? ? 
metalc1  metalc ?    ? A UMS 3  O4    ? ? ? 1_555 C K   .  K  ? ? A UMS 3  A K   24 1_555 ? ? ? ? ? ? ?            2.658 ? ? 
metalc2  metalc ?    ? A G   4  O6    ? ? ? 1_555 C K   .  K  ? ? A G   4  A K   24 1_555 ? ? ? ? ? ? ?            2.634 ? ? 
metalc3  metalc ?    ? C K   .  K     ? ? ? 1_555 G HOH .  O  ? ? A K   24 A HOH 74 1_555 ? ? ? ? ? ? ?            2.692 ? ? 
metalc4  metalc ?    ? G HOH .  O     ? ? ? 1_555 F K   .  K  ? ? A HOH 39 B K   26 1_555 ? ? ? ? ? ? ?            2.837 ? ? 
metalc5  metalc ?    ? B UMS 3  O4    ? ? ? 1_555 F K   .  K  ? ? B UMS 3  B K   26 1_555 ? ? ? ? ? ? ?            2.844 ? ? 
metalc6  metalc ?    ? B G   4  O6    ? ? ? 1_555 F K   .  K  ? ? B G   4  B K   26 1_555 ? ? ? ? ? ? ?            2.647 ? ? 
hydrog1  hydrog ?    ? A C   1  N3    ? ? ? 1_555 B G   23 N1 ? ? A C   1  B G   23 1_555 ? ? ? ? ? ? WATSON-CRICK ?     ? ? 
hydrog2  hydrog ?    ? A C   1  N4    ? ? ? 1_555 B G   23 O6 ? ? A C   1  B G   23 1_555 ? ? ? ? ? ? WATSON-CRICK ?     ? ? 
hydrog3  hydrog ?    ? A C   1  O2    ? ? ? 1_555 B G   23 N2 ? ? A C   1  B G   23 1_555 ? ? ? ? ? ? WATSON-CRICK ?     ? ? 
hydrog4  hydrog ?    ? A U   2  N3    ? ? ? 1_555 B A   22 N1 ? ? A U   2  B A   22 1_555 ? ? ? ? ? ? WATSON-CRICK ?     ? ? 
hydrog5  hydrog ?    ? A U   2  O4    ? ? ? 1_555 B A   22 N6 ? ? A U   2  B A   22 1_555 ? ? ? ? ? ? WATSON-CRICK ?     ? ? 
hydrog6  hydrog ?    ? A UMS 3  N3    ? ? ? 1_555 B A   21 N1 ? ? A UMS 3  B A   21 1_555 ? ? ? ? ? ? WATSON-CRICK ?     ? ? 
hydrog7  hydrog ?    ? A UMS 3  O4    ? ? ? 1_555 B A   21 N6 ? ? A UMS 3  B A   21 1_555 ? ? ? ? ? ? WATSON-CRICK ?     ? ? 
hydrog8  hydrog ?    ? A G   4  N1    ? ? ? 1_555 B C   20 N3 ? ? A G   4  B C   20 1_555 ? ? ? ? ? ? WATSON-CRICK ?     ? ? 
hydrog9  hydrog ?    ? A G   4  N2    ? ? ? 1_555 B C   20 O2 ? ? A G   4  B C   20 1_555 ? ? ? ? ? ? WATSON-CRICK ?     ? ? 
hydrog10 hydrog ?    ? A G   4  O6    ? ? ? 1_555 B C   20 N4 ? ? A G   4  B C   20 1_555 ? ? ? ? ? ? WATSON-CRICK ?     ? ? 
hydrog11 hydrog ?    ? A C   5  N3    ? ? ? 1_555 B G   19 N1 ? ? A C   5  B G   19 1_555 ? ? ? ? ? ? WATSON-CRICK ?     ? ? 
hydrog12 hydrog ?    ? A C   5  N4    ? ? ? 1_555 B G   19 O6 ? ? A C   5  B G   19 1_555 ? ? ? ? ? ? WATSON-CRICK ?     ? ? 
hydrog13 hydrog ?    ? A C   5  O2    ? ? ? 1_555 B G   19 N2 ? ? A C   5  B G   19 1_555 ? ? ? ? ? ? WATSON-CRICK ?     ? ? 
hydrog14 hydrog ?    ? A U   6  N3    ? ? ? 1_555 B A   18 N1 ? ? A U   6  B A   18 1_555 ? ? ? ? ? ? WATSON-CRICK ?     ? ? 
hydrog15 hydrog ?    ? A U   6  O4    ? ? ? 1_555 B A   18 N6 ? ? A U   6  B A   18 1_555 ? ? ? ? ? ? WATSON-CRICK ?     ? ? 
hydrog16 hydrog ?    ? A G   7  N1    ? ? ? 1_555 B C   17 N3 ? ? A G   7  B C   17 1_555 ? ? ? ? ? ? WATSON-CRICK ?     ? ? 
hydrog17 hydrog ?    ? A G   7  N2    ? ? ? 1_555 B C   17 O2 ? ? A G   7  B C   17 1_555 ? ? ? ? ? ? WATSON-CRICK ?     ? ? 
hydrog18 hydrog ?    ? A G   7  O6    ? ? ? 1_555 B C   17 N4 ? ? A G   7  B C   17 1_555 ? ? ? ? ? ? WATSON-CRICK ?     ? ? 
hydrog19 hydrog ?    ? A G   10 N1    ? ? ? 1_555 B C   15 N3 ? ? A G   10 B C   15 1_555 ? ? ? ? ? ? WATSON-CRICK ?     ? ? 
hydrog20 hydrog ?    ? A G   10 N2    ? ? ? 1_555 B C   15 O2 ? ? A G   10 B C   15 1_555 ? ? ? ? ? ? WATSON-CRICK ?     ? ? 
hydrog21 hydrog ?    ? A G   10 O6    ? ? ? 1_555 B C   15 N4 ? ? A G   10 B C   15 1_555 ? ? ? ? ? ? WATSON-CRICK ?     ? ? 
hydrog22 hydrog ?    ? A U   11 N3    ? ? ? 1_555 B A   14 N1 ? ? A U   11 B A   14 1_555 ? ? ? ? ? ? WATSON-CRICK ?     ? ? 
hydrog23 hydrog ?    ? A U   11 O4    ? ? ? 1_555 B A   14 N6 ? ? A U   11 B A   14 1_555 ? ? ? ? ? ? WATSON-CRICK ?     ? ? 
hydrog24 hydrog ?    ? A G   12 N1    ? ? ? 1_555 B C   13 N3 ? ? A G   12 B C   13 1_555 ? ? ? ? ? ? WATSON-CRICK ?     ? ? 
hydrog25 hydrog ?    ? A G   12 N2    ? ? ? 1_555 B C   13 O2 ? ? A G   12 B C   13 1_555 ? ? ? ? ? ? WATSON-CRICK ?     ? ? 
hydrog26 hydrog ?    ? A G   12 O6    ? ? ? 1_555 B C   13 N4 ? ? A G   12 B C   13 1_555 ? ? ? ? ? ? WATSON-CRICK ?     ? ? 
hydrog27 hydrog ?    ? A C   13 N3    ? ? ? 1_555 B G   12 N1 ? ? A C   13 B G   12 1_555 ? ? ? ? ? ? WATSON-CRICK ?     ? ? 
hydrog28 hydrog ?    ? A C   13 N4    ? ? ? 1_555 B G   12 O6 ? ? A C   13 B G   12 1_555 ? ? ? ? ? ? WATSON-CRICK ?     ? ? 
hydrog29 hydrog ?    ? A C   13 O2    ? ? ? 1_555 B G   12 N2 ? ? A C   13 B G   12 1_555 ? ? ? ? ? ? WATSON-CRICK ?     ? ? 
hydrog30 hydrog ?    ? A A   14 N1    ? ? ? 1_555 B U   11 N3 ? ? A A   14 B U   11 1_555 ? ? ? ? ? ? WATSON-CRICK ?     ? ? 
hydrog31 hydrog ?    ? A A   14 N6    ? ? ? 1_555 B U   11 O4 ? ? A A   14 B U   11 1_555 ? ? ? ? ? ? WATSON-CRICK ?     ? ? 
hydrog32 hydrog ?    ? A C   15 N3    ? ? ? 1_555 B G   10 N1 ? ? A C   15 B G   10 1_555 ? ? ? ? ? ? WATSON-CRICK ?     ? ? 
hydrog33 hydrog ?    ? A C   15 N4    ? ? ? 1_555 B G   10 O6 ? ? A C   15 B G   10 1_555 ? ? ? ? ? ? WATSON-CRICK ?     ? ? 
hydrog34 hydrog ?    ? A C   15 O2    ? ? ? 1_555 B G   10 N2 ? ? A C   15 B G   10 1_555 ? ? ? ? ? ? WATSON-CRICK ?     ? ? 
hydrog35 hydrog ?    ? A C   17 N3    ? ? ? 1_555 B G   7  N1 ? ? A C   17 B G   7  1_555 ? ? ? ? ? ? WATSON-CRICK ?     ? ? 
hydrog36 hydrog ?    ? A C   17 N4    ? ? ? 1_555 B G   7  O6 ? ? A C   17 B G   7  1_555 ? ? ? ? ? ? WATSON-CRICK ?     ? ? 
hydrog37 hydrog ?    ? A C   17 O2    ? ? ? 1_555 B G   7  N2 ? ? A C   17 B G   7  1_555 ? ? ? ? ? ? WATSON-CRICK ?     ? ? 
hydrog38 hydrog ?    ? A A   18 N1    ? ? ? 1_555 B U   6  N3 ? ? A A   18 B U   6  1_555 ? ? ? ? ? ? WATSON-CRICK ?     ? ? 
hydrog39 hydrog ?    ? A A   18 N6    ? ? ? 1_555 B U   6  O4 ? ? A A   18 B U   6  1_555 ? ? ? ? ? ? WATSON-CRICK ?     ? ? 
hydrog40 hydrog ?    ? A G   19 N1    ? ? ? 1_555 B C   5  N3 ? ? A G   19 B C   5  1_555 ? ? ? ? ? ? WATSON-CRICK ?     ? ? 
hydrog41 hydrog ?    ? A G   19 N2    ? ? ? 1_555 B C   5  O2 ? ? A G   19 B C   5  1_555 ? ? ? ? ? ? WATSON-CRICK ?     ? ? 
hydrog42 hydrog ?    ? A G   19 O6    ? ? ? 1_555 B C   5  N4 ? ? A G   19 B C   5  1_555 ? ? ? ? ? ? WATSON-CRICK ?     ? ? 
hydrog43 hydrog ?    ? A C   20 N3    ? ? ? 1_555 B G   4  N1 ? ? A C   20 B G   4  1_555 ? ? ? ? ? ? WATSON-CRICK ?     ? ? 
hydrog44 hydrog ?    ? A C   20 N4    ? ? ? 1_555 B G   4  O6 ? ? A C   20 B G   4  1_555 ? ? ? ? ? ? WATSON-CRICK ?     ? ? 
hydrog45 hydrog ?    ? A C   20 O2    ? ? ? 1_555 B G   4  N2 ? ? A C   20 B G   4  1_555 ? ? ? ? ? ? WATSON-CRICK ?     ? ? 
hydrog46 hydrog ?    ? A A   21 N1    ? ? ? 1_555 B UMS 3  N3 ? ? A A   21 B UMS 3  1_555 ? ? ? ? ? ? WATSON-CRICK ?     ? ? 
hydrog47 hydrog ?    ? A A   21 N6    ? ? ? 1_555 B UMS 3  O4 ? ? A A   21 B UMS 3  1_555 ? ? ? ? ? ? WATSON-CRICK ?     ? ? 
hydrog48 hydrog ?    ? A A   22 N1    ? ? ? 1_555 B U   2  N3 ? ? A A   22 B U   2  1_555 ? ? ? ? ? ? WATSON-CRICK ?     ? ? 
hydrog49 hydrog ?    ? A A   22 N6    ? ? ? 1_555 B U   2  O4 ? ? A A   22 B U   2  1_555 ? ? ? ? ? ? WATSON-CRICK ?     ? ? 
hydrog50 hydrog ?    ? A G   23 N1    ? ? ? 1_555 B C   1  N3 ? ? A G   23 B C   1  1_555 ? ? ? ? ? ? WATSON-CRICK ?     ? ? 
hydrog51 hydrog ?    ? A G   23 N2    ? ? ? 1_555 B C   1  O2 ? ? A G   23 B C   1  1_555 ? ? ? ? ? ? WATSON-CRICK ?     ? ? 
hydrog52 hydrog ?    ? A G   23 O6    ? ? ? 1_555 B C   1  N4 ? ? A G   23 B C   1  1_555 ? ? ? ? ? ? WATSON-CRICK ?     ? ? 
# 
loop_
_struct_conn_type.id 
_struct_conn_type.criteria 
_struct_conn_type.reference 
covale ? ? 
metalc ? ? 
hydrog ? ? 
# 
loop_
_struct_site.id 
_struct_site.pdbx_evidence_code 
_struct_site.pdbx_auth_asym_id 
_struct_site.pdbx_auth_comp_id 
_struct_site.pdbx_auth_seq_id 
_struct_site.pdbx_auth_ins_code 
_struct_site.pdbx_num_residues 
_struct_site.details 
AC1 Software B LIV 24 ? 13 'BINDING SITE FOR RESIDUE LIV B 24' 
AC2 Software B LIV 25 ? 15 'BINDING SITE FOR RESIDUE LIV B 25' 
AC3 Software B K   26 ? 1  'BINDING SITE FOR RESIDUE K B 26'   
AC4 Software A K   24 ? 1  'BINDING SITE FOR RESIDUE K A 24'   
1   ?        ? ?   ?  ? ?  ?                                   
# 
loop_
_struct_site_gen.id 
_struct_site_gen.site_id 
_struct_site_gen.pdbx_num_res 
_struct_site_gen.label_comp_id 
_struct_site_gen.label_asym_id 
_struct_site_gen.label_seq_id 
_struct_site_gen.pdbx_auth_ins_code 
_struct_site_gen.auth_comp_id 
_struct_site_gen.auth_asym_id 
_struct_site_gen.auth_seq_id 
_struct_site_gen.label_atom_id 
_struct_site_gen.label_alt_id 
_struct_site_gen.symmetry 
_struct_site_gen.details 
1  AC1 13 HOH G . ? HOH A 73  . ? 1_555 ? 
2  AC1 13 HOH H . ? HOH B 30  . ? 1_555 ? 
3  AC1 13 HOH H . ? HOH B 35  . ? 1_555 ? 
4  AC1 13 HOH H . ? HOH B 39  . ? 1_555 ? 
5  AC1 13 HOH H . ? HOH B 43  . ? 1_555 ? 
6  AC1 13 HOH H . ? HOH B 44  . ? 1_555 ? 
7  AC1 13 HOH H . ? HOH B 58  . ? 1_555 ? 
8  AC1 13 HOH H . ? HOH B 62  . ? 1_555 ? 
9  AC1 13 HOH H . ? HOH B 74  . ? 1_555 ? 
10 AC1 13 HOH H . ? HOH B 86  . ? 1_555 ? 
11 AC1 13 HOH H . ? HOH B 95  . ? 1_555 ? 
12 AC1 13 HOH H . ? HOH B 104 . ? 1_555 ? 
13 AC1 13 HOH H . ? HOH B 105 . ? 1_555 ? 
14 AC2 15 HOH G . ? HOH A 30  . ? 1_555 ? 
15 AC2 15 HOH G . ? HOH A 33  . ? 1_555 ? 
16 AC2 15 HOH H . ? HOH B 27  . ? 1_555 ? 
17 AC2 15 HOH H . ? HOH B 30  . ? 1_555 ? 
18 AC2 15 HOH H . ? HOH B 31  . ? 1_555 ? 
19 AC2 15 HOH H . ? HOH B 35  . ? 1_555 ? 
20 AC2 15 HOH H . ? HOH B 43  . ? 1_555 ? 
21 AC2 15 HOH H . ? HOH B 45  . ? 1_555 ? 
22 AC2 15 HOH H . ? HOH B 65  . ? 1_555 ? 
23 AC2 15 HOH H . ? HOH B 85  . ? 1_555 ? 
24 AC2 15 HOH H . ? HOH B 88  . ? 1_555 ? 
25 AC2 15 HOH H . ? HOH B 90  . ? 1_555 ? 
26 AC2 15 HOH H . ? HOH B 111 . ? 1_555 ? 
27 AC2 15 HOH H . ? HOH B 112 . ? 1_555 ? 
28 AC2 15 HOH H . ? HOH B 113 . ? 1_555 ? 
29 AC3 1  HOH G . ? HOH A 39  . ? 1_555 ? 
30 AC4 1  HOH G . ? HOH A 74  . ? 1_555 ? 
# 
_atom_sites.entry_id                    3C5D 
_atom_sites.fract_transf_matrix[1][1]   0.00885993 
_atom_sites.fract_transf_matrix[1][2]   -0.00746774 
_atom_sites.fract_transf_matrix[1][3]   -0.00107134 
_atom_sites.fract_transf_matrix[2][1]   -0.00830296 
_atom_sites.fract_transf_matrix[2][2]   -0.01414585 
_atom_sites.fract_transf_matrix[2][3]   0.02993811 
_atom_sites.fract_transf_matrix[3][1]   -0.00245444 
_atom_sites.fract_transf_matrix[3][2]   -0.01725449 
_atom_sites.fract_transf_matrix[3][3]   -0.00883351 
_atom_sites.fract_transf_vector[1]      0.236454 
_atom_sites.fract_transf_vector[2]      0.011966 
_atom_sites.fract_transf_vector[3]      0.235684 
# 
loop_
_atom_type.symbol 
C  
K  
N  
O  
P  
SE 
# 
loop_
_atom_site.group_PDB 
_atom_site.id 
_atom_site.type_symbol 
_atom_site.label_atom_id 
_atom_site.label_alt_id 
_atom_site.label_comp_id 
_atom_site.label_asym_id 
_atom_site.label_entity_id 
_atom_site.label_seq_id 
_atom_site.pdbx_PDB_ins_code 
_atom_site.Cartn_x 
_atom_site.Cartn_y 
_atom_site.Cartn_z 
_atom_site.occupancy 
_atom_site.B_iso_or_equiv 
_atom_site.pdbx_formal_charge 
_atom_site.auth_seq_id 
_atom_site.auth_comp_id 
_atom_site.auth_asym_id 
_atom_site.auth_atom_id 
_atom_site.pdbx_PDB_model_num 
ATOM   1    O  "O5'"  . C   A 1 1  ? -9.371  20.966  3.210   1.00 57.92 ? 1   C   A "O5'"  1 
ATOM   2    C  "C5'"  . C   A 1 1  ? -10.793 20.914  3.093   1.00 56.81 ? 1   C   A "C5'"  1 
ATOM   3    C  "C4'"  . C   A 1 1  ? -11.274 21.744  1.929   1.00 56.87 ? 1   C   A "C4'"  1 
ATOM   4    O  "O4'"  . C   A 1 1  ? -10.914 23.133  2.137   1.00 56.36 ? 1   C   A "O4'"  1 
ATOM   5    C  "C3'"  . C   A 1 1  ? -10.645 21.399  0.591   1.00 56.59 ? 1   C   A "C3'"  1 
ATOM   6    O  "O3'"  . C   A 1 1  ? -11.310 20.295  0.002   1.00 57.76 ? 1   C   A "O3'"  1 
ATOM   7    C  "C2'"  . C   A 1 1  ? -10.833 22.687  -0.201  1.00 55.17 ? 1   C   A "C2'"  1 
ATOM   8    O  "O2'"  . C   A 1 1  ? -12.142 22.840  -0.707  1.00 55.55 ? 1   C   A "O2'"  1 
ATOM   9    C  "C1'"  . C   A 1 1  ? -10.617 23.737  0.887   1.00 55.21 ? 1   C   A "C1'"  1 
ATOM   10   N  N1     . C   A 1 1  ? -9.249  24.276  0.941   1.00 53.90 ? 1   C   A N1     1 
ATOM   11   C  C2     . C   A 1 1  ? -8.834  25.155  -0.066  1.00 52.58 ? 1   C   A C2     1 
ATOM   12   O  O2     . C   A 1 1  ? -9.621  25.424  -0.987  1.00 51.97 ? 1   C   A O2     1 
ATOM   13   N  N3     . C   A 1 1  ? -7.595  25.685  -0.008  1.00 52.42 ? 1   C   A N3     1 
ATOM   14   C  C4     . C   A 1 1  ? -6.777  25.369  0.999   1.00 53.38 ? 1   C   A C4     1 
ATOM   15   N  N4     . C   A 1 1  ? -5.569  25.938  1.027   1.00 52.48 ? 1   C   A N4     1 
ATOM   16   C  C5     . C   A 1 1  ? -7.164  24.459  2.028   1.00 53.48 ? 1   C   A C5     1 
ATOM   17   C  C6     . C   A 1 1  ? -8.399  23.941  1.959   1.00 54.60 ? 1   C   A C6     1 
ATOM   18   P  P      . U   A 1 2  ? -10.463 19.194  -0.800  1.00 58.68 ? 2   U   A P      1 
ATOM   19   O  OP1    . U   A 1 2  ? -11.343 18.014  -1.041  1.00 58.95 ? 2   U   A OP1    1 
ATOM   20   O  OP2    . U   A 1 2  ? -9.183  19.021  -0.057  1.00 58.95 ? 2   U   A OP2    1 
ATOM   21   O  "O5'"  . U   A 1 2  ? -10.170 19.904  -2.193  1.00 58.41 ? 2   U   A "O5'"  1 
ATOM   22   C  "C5'"  . U   A 1 2  ? -11.253 20.363  -3.018  1.00 58.01 ? 2   U   A "C5'"  1 
ATOM   23   C  "C4'"  . U   A 1 2  ? -10.708 21.125  -4.189  1.00 57.75 ? 2   U   A "C4'"  1 
ATOM   24   O  "O4'"  . U   A 1 2  ? -10.167 22.390  -3.740  1.00 58.53 ? 2   U   A "O4'"  1 
ATOM   25   C  "C3'"  . U   A 1 2  ? -9.536  20.431  -4.848  1.00 58.77 ? 2   U   A "C3'"  1 
ATOM   26   O  "O3'"  . U   A 1 2  ? -9.989  19.441  -5.755  1.00 60.17 ? 2   U   A "O3'"  1 
ATOM   27   C  "C2'"  . U   A 1 2  ? -8.789  21.586  -5.507  1.00 57.87 ? 2   U   A "C2'"  1 
ATOM   28   O  "O2'"  . U   A 1 2  ? -9.370  21.991  -6.733  1.00 57.73 ? 2   U   A "O2'"  1 
ATOM   29   C  "C1'"  . U   A 1 2  ? -8.987  22.694  -4.469  1.00 57.02 ? 2   U   A "C1'"  1 
ATOM   30   N  N1     . U   A 1 2  ? -7.895  22.881  -3.501  1.00 55.31 ? 2   U   A N1     1 
ATOM   31   C  C2     . U   A 1 2  ? -6.822  23.676  -3.872  1.00 54.12 ? 2   U   A C2     1 
ATOM   32   O  O2     . U   A 1 2  ? -6.705  24.155  -4.987  1.00 53.71 ? 2   U   A O2     1 
ATOM   33   N  N3     . U   A 1 2  ? -5.887  23.880  -2.887  1.00 52.05 ? 2   U   A N3     1 
ATOM   34   C  C4     . U   A 1 2  ? -5.909  23.366  -1.603  1.00 52.23 ? 2   U   A C4     1 
ATOM   35   O  O4     . U   A 1 2  ? -5.017  23.678  -0.813  1.00 49.63 ? 2   U   A O4     1 
ATOM   36   C  C5     . U   A 1 2  ? -7.027  22.524  -1.314  1.00 52.38 ? 2   U   A C5     1 
ATOM   37   C  C6     . U   A 1 2  ? -7.955  22.312  -2.248  1.00 54.10 ? 2   U   A C6     1 
HETATM 38   P  P      . UMS A 1 3  ? -9.054  18.181  -6.068  1.00 60.61 ? 3   UMS A P      1 
HETATM 39   O  OP1    . UMS A 1 3  ? -9.741  17.301  -7.051  1.00 59.66 ? 3   UMS A OP1    1 
HETATM 40   O  OP2    . UMS A 1 3  ? -8.616  17.626  -4.755  1.00 59.17 ? 3   UMS A OP2    1 
HETATM 41   O  "O5'"  . UMS A 1 3  ? -7.748  18.811  -6.742  1.00 57.72 ? 3   UMS A "O5'"  1 
HETATM 42   C  "C5'"  . UMS A 1 3  ? -7.776  19.382  -8.066  1.00 56.75 ? 3   UMS A "C5'"  1 
HETATM 43   C  "C4'"  . UMS A 1 3  ? -6.438  20.028  -8.399  1.00 56.52 ? 3   UMS A "C4'"  1 
HETATM 44   O  "O4'"  . UMS A 1 3  ? -6.217  21.300  -7.725  1.00 56.25 ? 3   UMS A "O4'"  1 
HETATM 45   C  "C3'"  . UMS A 1 3  ? -5.088  19.344  -8.439  1.00 56.36 ? 3   UMS A "C3'"  1 
HETATM 46   O  "O3'"  . UMS A 1 3  ? -4.906  18.407  -9.479  1.00 56.92 ? 3   UMS A "O3'"  1 
HETATM 47   C  "C2'"  . UMS A 1 3  ? -4.097  20.470  -8.416  1.00 55.73 ? 3   UMS A "C2'"  1 
HETATM 48   SE "SE2'" . UMS A 1 3  ? -4.106  21.168  -10.330 1.00 53.02 ? 3   UMS A "SE2'" 1 
HETATM 49   C  "C1'"  . UMS A 1 3  ? -4.812  21.509  -7.554  1.00 55.20 ? 3   UMS A "C1'"  1 
HETATM 50   C  "CA'"  . UMS A 1 3  ? -3.311  19.943  -11.498 1.00 55.96 ? 3   UMS A "CA'"  1 
HETATM 51   N  N1     . UMS A 1 3  ? -4.492  21.398  -6.129  1.00 54.07 ? 3   UMS A N1     1 
HETATM 52   C  C2     . UMS A 1 3  ? -3.355  22.092  -5.682  1.00 53.66 ? 3   UMS A C2     1 
HETATM 53   O  O2     . UMS A 1 3  ? -2.628  22.715  -6.438  1.00 53.98 ? 3   UMS A O2     1 
HETATM 54   N  N3     . UMS A 1 3  ? -3.114  22.033  -4.326  1.00 52.18 ? 3   UMS A N3     1 
HETATM 55   C  C4     . UMS A 1 3  ? -3.832  21.321  -3.379  1.00 52.31 ? 3   UMS A C4     1 
HETATM 56   O  O4     . UMS A 1 3  ? -3.493  21.354  -2.215  1.00 50.74 ? 3   UMS A O4     1 
HETATM 57   C  C5     . UMS A 1 3  ? -5.055  20.539  -3.962  1.00 52.64 ? 3   UMS A C5     1 
HETATM 58   C  C6     . UMS A 1 3  ? -5.292  20.642  -5.269  1.00 53.31 ? 3   UMS A C6     1 
ATOM   59   P  P      . G   A 1 4  ? -4.082  17.030  -9.438  1.00 62.26 ? 4   G   A P      1 
ATOM   60   O  OP1    . G   A 1 4  ? -4.159  16.385  -10.777 1.00 61.85 ? 4   G   A OP1    1 
ATOM   61   O  OP2    . G   A 1 4  ? -4.534  16.283  -8.231  1.00 60.04 ? 4   G   A OP2    1 
ATOM   62   O  "O5'"  . G   A 1 4  ? -2.584  17.490  -9.178  1.00 59.04 ? 4   G   A "O5'"  1 
ATOM   63   C  "C5'"  . G   A 1 4  ? -1.834  18.090  -10.233 1.00 56.49 ? 4   G   A "C5'"  1 
ATOM   64   C  "C4'"  . G   A 1 4  ? -0.556  18.677  -9.700  1.00 53.37 ? 4   G   A "C4'"  1 
ATOM   65   O  "O4'"  . G   A 1 4  ? -0.855  19.774  -8.794  1.00 51.84 ? 4   G   A "O4'"  1 
ATOM   66   C  "C3'"  . G   A 1 4  ? 0.305   17.777  -8.839  1.00 52.48 ? 4   G   A "C3'"  1 
ATOM   67   O  "O3'"  . G   A 1 4  ? 1.018   16.789  -9.575  1.00 52.95 ? 4   G   A "O3'"  1 
ATOM   68   C  "C2'"  . G   A 1 4  ? 1.221   18.807  -8.201  1.00 51.18 ? 4   G   A "C2'"  1 
ATOM   69   O  "O2'"  . G   A 1 4  ? 2.160   19.307  -9.136  1.00 50.45 ? 4   G   A "O2'"  1 
ATOM   70   C  "C1'"  . G   A 1 4  ? 0.214   19.911  -7.867  1.00 49.63 ? 4   G   A "C1'"  1 
ATOM   71   N  N9     . G   A 1 4  ? -0.307  19.751  -6.513  1.00 46.43 ? 4   G   A N9     1 
ATOM   72   C  C8     . G   A 1 4  ? -1.484  19.159  -6.122  1.00 46.37 ? 4   G   A C8     1 
ATOM   73   N  N7     . G   A 1 4  ? -1.649  19.153  -4.825  1.00 43.90 ? 4   G   A N7     1 
ATOM   74   C  C5     . G   A 1 4  ? -0.516  19.787  -4.335  1.00 44.05 ? 4   G   A C5     1 
ATOM   75   C  C6     . G   A 1 4  ? -0.129  20.088  -3.002  1.00 43.00 ? 4   G   A C6     1 
ATOM   76   O  O6     . G   A 1 4  ? -0.742  19.867  -1.946  1.00 43.23 ? 4   G   A O6     1 
ATOM   77   N  N1     . G   A 1 4  ? 1.104   20.722  -2.960  1.00 42.90 ? 4   G   A N1     1 
ATOM   78   C  C2     . G   A 1 4  ? 1.867   21.047  -4.053  1.00 41.97 ? 4   G   A C2     1 
ATOM   79   N  N2     . G   A 1 4  ? 3.031   21.661  -3.806  1.00 41.69 ? 4   G   A N2     1 
ATOM   80   N  N3     . G   A 1 4  ? 1.513   20.788  -5.299  1.00 44.62 ? 4   G   A N3     1 
ATOM   81   C  C4     . G   A 1 4  ? 0.321   20.159  -5.364  1.00 44.51 ? 4   G   A C4     1 
ATOM   82   P  P      . C   A 1 5  ? 1.473   15.437  -8.833  1.00 52.51 ? 5   C   A P      1 
ATOM   83   O  OP1    . C   A 1 5  ? 1.948   14.463  -9.851  1.00 53.02 ? 5   C   A OP1    1 
ATOM   84   O  OP2    . C   A 1 5  ? 0.375   15.049  -7.909  1.00 50.12 ? 5   C   A OP2    1 
ATOM   85   O  "O5'"  . C   A 1 5  ? 2.718   15.903  -7.951  1.00 49.95 ? 5   C   A "O5'"  1 
ATOM   86   C  "C5'"  . C   A 1 5  ? 3.799   16.644  -8.549  1.00 45.56 ? 5   C   A "C5'"  1 
ATOM   87   C  "C4'"  . C   A 1 5  ? 4.724   17.190  -7.486  1.00 43.91 ? 5   C   A "C4'"  1 
ATOM   88   O  "O4'"  . C   A 1 5  ? 4.036   18.191  -6.692  1.00 42.71 ? 5   C   A "O4'"  1 
ATOM   89   C  "C3'"  . C   A 1 5  ? 5.223   16.197  -6.455  1.00 41.96 ? 5   C   A "C3'"  1 
ATOM   90   O  "O3'"  . C   A 1 5  ? 6.309   15.431  -6.933  1.00 41.65 ? 5   C   A "O3'"  1 
ATOM   91   C  "C2'"  . C   A 1 5  ? 5.638   17.112  -5.318  1.00 40.91 ? 5   C   A "C2'"  1 
ATOM   92   O  "O2'"  . C   A 1 5  ? 6.855   17.778  -5.588  1.00 38.47 ? 5   C   A "O2'"  1 
ATOM   93   C  "C1'"  . C   A 1 5  ? 4.509   18.138  -5.351  1.00 41.74 ? 5   C   A "C1'"  1 
ATOM   94   N  N1     . C   A 1 5  ? 3.391   17.750  -4.484  1.00 39.27 ? 5   C   A N1     1 
ATOM   95   C  C2     . C   A 1 5  ? 3.472   18.027  -3.113  1.00 38.83 ? 5   C   A C2     1 
ATOM   96   O  O2     . C   A 1 5  ? 4.490   18.580  -2.669  1.00 37.89 ? 5   C   A O2     1 
ATOM   97   N  N3     . C   A 1 5  ? 2.445   17.684  -2.309  1.00 38.57 ? 5   C   A N3     1 
ATOM   98   C  C4     . C   A 1 5  ? 1.368   17.092  -2.822  1.00 39.37 ? 5   C   A C4     1 
ATOM   99   N  N4     . C   A 1 5  ? 0.374   16.789  -1.992  1.00 40.97 ? 5   C   A N4     1 
ATOM   100  C  C5     . C   A 1 5  ? 1.262   16.788  -4.214  1.00 38.92 ? 5   C   A C5     1 
ATOM   101  C  C6     . C   A 1 5  ? 2.287   17.131  -4.998  1.00 38.53 ? 5   C   A C6     1 
ATOM   102  P  P      . U   A 1 6  ? 6.537   13.951  -6.362  1.00 42.05 ? 6   U   A P      1 
ATOM   103  O  OP1    . U   A 1 6  ? 7.656   13.356  -7.132  1.00 44.75 ? 6   U   A OP1    1 
ATOM   104  O  OP2    . U   A 1 6  ? 5.217   13.270  -6.322  1.00 42.64 ? 6   U   A OP2    1 
ATOM   105  O  "O5'"  . U   A 1 6  ? 7.054   14.188  -4.875  1.00 38.18 ? 6   U   A "O5'"  1 
ATOM   106  C  "C5'"  . U   A 1 6  ? 8.277   14.910  -4.650  1.00 36.83 ? 6   U   A "C5'"  1 
ATOM   107  C  "C4'"  . U   A 1 6  ? 8.435   15.236  -3.194  1.00 36.36 ? 6   U   A "C4'"  1 
ATOM   108  O  "O4'"  . U   A 1 6  ? 7.338   16.076  -2.747  1.00 34.97 ? 6   U   A "O4'"  1 
ATOM   109  C  "C3'"  . U   A 1 6  ? 8.338   14.052  -2.254  1.00 35.50 ? 6   U   A "C3'"  1 
ATOM   110  O  "O3'"  . U   A 1 6  ? 9.538   13.316  -2.206  1.00 35.43 ? 6   U   A "O3'"  1 
ATOM   111  C  "C2'"  . U   A 1 6  ? 8.086   14.750  -0.930  1.00 33.10 ? 6   U   A "C2'"  1 
ATOM   112  O  "O2'"  . U   A 1 6  ? 9.270   15.350  -0.464  1.00 33.02 ? 6   U   A "O2'"  1 
ATOM   113  C  "C1'"  . U   A 1 6  ? 7.107   15.839  -1.359  1.00 32.86 ? 6   U   A "C1'"  1 
ATOM   114  N  N1     . U   A 1 6  ? 5.713   15.414  -1.171  1.00 32.68 ? 6   U   A N1     1 
ATOM   115  C  C2     . U   A 1 6  ? 5.186   15.520  0.112   1.00 33.48 ? 6   U   A C2     1 
ATOM   116  O  O2     . U   A 1 6  ? 5.846   15.889  1.052   1.00 30.15 ? 6   U   A O2     1 
ATOM   117  N  N3     . U   A 1 6  ? 3.866   15.156  0.235   1.00 33.74 ? 6   U   A N3     1 
ATOM   118  C  C4     . U   A 1 6  ? 3.045   14.678  -0.764  1.00 34.62 ? 6   U   A C4     1 
ATOM   119  O  O4     . U   A 1 6  ? 1.863   14.432  -0.514  1.00 34.89 ? 6   U   A O4     1 
ATOM   120  C  C5     . U   A 1 6  ? 3.673   14.563  -2.053  1.00 34.04 ? 6   U   A C5     1 
ATOM   121  C  C6     . U   A 1 6  ? 4.953   14.934  -2.208  1.00 33.43 ? 6   U   A C6     1 
ATOM   122  P  P      . G   A 1 7  ? 9.513   11.816  -1.636  1.00 36.27 ? 7   G   A P      1 
ATOM   123  O  OP1    . G   A 1 7  ? 10.885  11.267  -1.816  1.00 38.68 ? 7   G   A OP1    1 
ATOM   124  O  OP2    . G   A 1 7  ? 8.349   11.128  -2.223  1.00 34.10 ? 7   G   A OP2    1 
ATOM   125  O  "O5'"  . G   A 1 7  ? 9.227   11.998  -0.085  1.00 36.33 ? 7   G   A "O5'"  1 
ATOM   126  C  "C5'"  . G   A 1 7  ? 10.232  12.496  0.795   1.00 34.73 ? 7   G   A "C5'"  1 
ATOM   127  C  "C4'"  . G   A 1 7  ? 9.693   12.528  2.201   1.00 35.53 ? 7   G   A "C4'"  1 
ATOM   128  O  "O4'"  . G   A 1 7  ? 8.530   13.390  2.241   1.00 36.49 ? 7   G   A "O4'"  1 
ATOM   129  C  "C3'"  . G   A 1 7  ? 9.145   11.199  2.690   1.00 36.03 ? 7   G   A "C3'"  1 
ATOM   130  O  "O3'"  . G   A 1 7  ? 10.183  10.378  3.174   1.00 39.70 ? 7   G   A "O3'"  1 
ATOM   131  C  "C2'"  . G   A 1 7  ? 8.223   11.634  3.818   1.00 35.78 ? 7   G   A "C2'"  1 
ATOM   132  O  "O2'"  . G   A 1 7  ? 8.942   11.957  4.990   1.00 36.64 ? 7   G   A "O2'"  1 
ATOM   133  C  "C1'"  . G   A 1 7  ? 7.612   12.901  3.220   1.00 34.77 ? 7   G   A "C1'"  1 
ATOM   134  N  N9     . G   A 1 7  ? 6.345   12.595  2.567   1.00 34.20 ? 7   G   A N9     1 
ATOM   135  C  C8     . G   A 1 7  ? 6.124   12.322  1.237   1.00 30.97 ? 7   G   A C8     1 
ATOM   136  N  N7     . G   A 1 7  ? 4.875   12.048  0.974   1.00 32.77 ? 7   G   A N7     1 
ATOM   137  C  C5     . G   A 1 7  ? 4.234   12.159  2.207   1.00 32.89 ? 7   G   A C5     1 
ATOM   138  C  C6     . G   A 1 7  ? 2.869   11.985  2.556   1.00 33.36 ? 7   G   A C6     1 
ATOM   139  O  O6     . G   A 1 7  ? 1.921   11.712  1.824   1.00 32.18 ? 7   G   A O6     1 
ATOM   140  N  N1     . G   A 1 7  ? 2.657   12.172  3.925   1.00 32.87 ? 7   G   A N1     1 
ATOM   141  C  C2     . G   A 1 7  ? 3.632   12.498  4.834   1.00 33.73 ? 7   G   A C2     1 
ATOM   142  N  N2     . G   A 1 7  ? 3.242   12.600  6.126   1.00 35.57 ? 7   G   A N2     1 
ATOM   143  N  N3     . G   A 1 7  ? 4.904   12.698  4.513   1.00 33.54 ? 7   G   A N3     1 
ATOM   144  C  C4     . G   A 1 7  ? 5.129   12.501  3.193   1.00 33.24 ? 7   G   A C4     1 
ATOM   145  P  P      . A   A 1 8  ? 10.652  9.104   2.324   1.00 38.69 ? 8   A   A P      1 
ATOM   146  O  OP1    . A   A 1 8  ? 11.832  9.489   1.480   1.00 41.85 ? 8   A   A OP1    1 
ATOM   147  O  OP2    . A   A 1 8  ? 9.463   8.520   1.677   1.00 38.18 ? 8   A   A OP2    1 
ATOM   148  O  "O5'"  . A   A 1 8  ? 11.195  8.115   3.446   1.00 40.64 ? 8   A   A "O5'"  1 
ATOM   149  C  "C5'"  . A   A 1 8  ? 10.295  7.305   4.212   1.00 38.59 ? 8   A   A "C5'"  1 
ATOM   150  C  "C4'"  . A   A 1 8  ? 10.326  5.900   3.678   1.00 41.06 ? 8   A   A "C4'"  1 
ATOM   151  O  "O4'"  . A   A 1 8  ? 11.675  5.381   3.764   1.00 40.30 ? 8   A   A "O4'"  1 
ATOM   152  C  "C3'"  . A   A 1 8  ? 9.484   4.876   4.414   1.00 40.46 ? 8   A   A "C3'"  1 
ATOM   153  O  "O3'"  . A   A 1 8  ? 8.138   4.963   3.965   1.00 37.30 ? 8   A   A "O3'"  1 
ATOM   154  C  "C2'"  . A   A 1 8  ? 10.148  3.561   3.999   1.00 40.83 ? 8   A   A "C2'"  1 
ATOM   155  O  "O2'"  . A   A 1 8  ? 9.769   3.115   2.713   1.00 42.51 ? 8   A   A "O2'"  1 
ATOM   156  C  "C1'"  . A   A 1 8  ? 11.619  3.973   3.913   1.00 40.92 ? 8   A   A "C1'"  1 
ATOM   157  N  N9     . A   A 1 8  ? 12.460  3.587   5.040   1.00 39.80 ? 8   A   A N9     1 
ATOM   158  C  C8     . A   A 1 8  ? 13.012  4.386   6.006   1.00 37.45 ? 8   A   A C8     1 
ATOM   159  N  N7     . A   A 1 8  ? 13.812  3.748   6.824   1.00 38.03 ? 8   A   A N7     1 
ATOM   160  C  C5     . A   A 1 8  ? 13.759  2.434   6.386   1.00 39.62 ? 8   A   A C5     1 
ATOM   161  C  C6     . A   A 1 8  ? 14.401  1.261   6.827   1.00 40.13 ? 8   A   A C6     1 
ATOM   162  N  N6     . A   A 1 8  ? 15.263  1.233   7.844   1.00 40.82 ? 8   A   A N6     1 
ATOM   163  N  N1     . A   A 1 8  ? 14.124  0.107   6.172   1.00 39.60 ? 8   A   A N1     1 
ATOM   164  C  C2     . A   A 1 8  ? 13.272  0.149   5.139   1.00 39.85 ? 8   A   A C2     1 
ATOM   165  N  N3     . A   A 1 8  ? 12.619  1.190   4.623   1.00 39.29 ? 8   A   A N3     1 
ATOM   166  C  C4     . A   A 1 8  ? 12.910  2.315   5.302   1.00 39.73 ? 8   A   A C4     1 
ATOM   167  P  P      . A   A 1 9  ? 6.957   5.207   5.022   1.00 40.25 ? 9   A   A P      1 
ATOM   168  O  OP1    . A   A 1 9  ? 5.663   5.081   4.287   1.00 37.11 ? 9   A   A OP1    1 
ATOM   169  O  OP2    . A   A 1 9  ? 7.252   6.451   5.790   1.00 39.66 ? 9   A   A OP2    1 
ATOM   170  O  "O5'"  . A   A 1 9  ? 7.107   3.970   6.016   1.00 41.18 ? 9   A   A "O5'"  1 
ATOM   171  C  "C5'"  . A   A 1 9  ? 6.059   3.634   6.936   1.00 42.91 ? 9   A   A "C5'"  1 
ATOM   172  C  "C4'"  . A   A 1 9  ? 5.891   2.133   7.002   1.00 43.69 ? 9   A   A "C4'"  1 
ATOM   173  O  "O4'"  . A   A 1 9  ? 7.089   1.518   7.570   1.00 41.72 ? 9   A   A "O4'"  1 
ATOM   174  C  "C3'"  . A   A 1 9  ? 4.724   1.656   7.855   1.00 43.15 ? 9   A   A "C3'"  1 
ATOM   175  O  "O3'"  . A   A 1 9  ? 4.131   0.532   7.223   1.00 45.97 ? 9   A   A "O3'"  1 
ATOM   176  C  "C2'"  . A   A 1 9  ? 5.393   1.262   9.171   1.00 43.56 ? 9   A   A "C2'"  1 
ATOM   177  O  "O2'"  . A   A 1 9  ? 4.659   0.263   9.850   1.00 41.23 ? 9   A   A "O2'"  1 
ATOM   178  C  "C1'"  . A   A 1 9  ? 6.732   0.710   8.679   1.00 42.68 ? 9   A   A "C1'"  1 
ATOM   179  N  N9     . A   A 1 9  ? 7.809   0.776   9.674   1.00 40.85 ? 9   A   A N9     1 
ATOM   180  C  C8     . A   A 1 9  ? 8.458   1.891   10.141  1.00 39.37 ? 9   A   A C8     1 
ATOM   181  N  N7     . A   A 1 9  ? 9.394   1.631   11.023  1.00 40.77 ? 9   A   A N7     1 
ATOM   182  C  C5     . A   A 1 9  ? 9.351   0.252   11.155  1.00 39.78 ? 9   A   A C5     1 
ATOM   183  C  C6     . A   A 1 9  ? 10.090  -0.644  11.950  1.00 39.09 ? 9   A   A C6     1 
ATOM   184  N  N6     . A   A 1 9  ? 11.058  -0.264  12.791  1.00 36.48 ? 9   A   A N6     1 
ATOM   185  N  N1     . A   A 1 9  ? 9.799   -1.961  11.849  1.00 37.45 ? 9   A   A N1     1 
ATOM   186  C  C2     . A   A 1 9  ? 8.831   -2.339  11.003  1.00 40.47 ? 9   A   A C2     1 
ATOM   187  N  N3     . A   A 1 9  ? 8.065   -1.589  10.206  1.00 39.83 ? 9   A   A N3     1 
ATOM   188  C  C4     . A   A 1 9  ? 8.379   -0.289  10.332  1.00 39.69 ? 9   A   A C4     1 
ATOM   189  P  P      . G   A 1 10 ? 2.910   0.757   6.195   1.00 47.71 ? 10  G   A P      1 
ATOM   190  O  OP1    . G   A 1 10 ? 2.464   -0.560  5.676   1.00 46.68 ? 10  G   A OP1    1 
ATOM   191  O  OP2    . G   A 1 10 ? 3.374   1.806   5.238   1.00 47.44 ? 10  G   A OP2    1 
ATOM   192  O  "O5'"  . G   A 1 10 ? 1.740   1.392   7.080   1.00 45.48 ? 10  G   A "O5'"  1 
ATOM   193  C  "C5'"  . G   A 1 10 ? 1.555   1.029   8.474   1.00 46.44 ? 10  G   A "C5'"  1 
ATOM   194  C  "C4'"  . G   A 1 10 ? 0.266   1.630   8.992   1.00 44.81 ? 10  G   A "C4'"  1 
ATOM   195  O  "O4'"  . G   A 1 10 ? 0.355   3.079   8.938   1.00 44.10 ? 10  G   A "O4'"  1 
ATOM   196  C  "C3'"  . G   A 1 10 ? -0.958  1.270   8.164   1.00 45.87 ? 10  G   A "C3'"  1 
ATOM   197  O  "O3'"  . G   A 1 10 ? -1.537  0.037   8.611   1.00 45.93 ? 10  G   A "O3'"  1 
ATOM   198  C  "C2'"  . G   A 1 10 ? -1.866  2.479   8.351   1.00 45.44 ? 10  G   A "C2'"  1 
ATOM   199  O  "O2'"  . G   A 1 10 ? -2.595  2.438   9.556   1.00 46.79 ? 10  G   A "O2'"  1 
ATOM   200  C  "C1'"  . G   A 1 10 ? -0.843  3.617   8.399   1.00 45.36 ? 10  G   A "C1'"  1 
ATOM   201  N  N9     . G   A 1 10 ? -0.523  4.144   7.076   1.00 45.08 ? 10  G   A N9     1 
ATOM   202  C  C8     . G   A 1 10 ? 0.720   4.168   6.483   1.00 45.17 ? 10  G   A C8     1 
ATOM   203  N  N7     . G   A 1 10 ? 0.702   4.653   5.269   1.00 42.10 ? 10  G   A N7     1 
ATOM   204  C  C5     . G   A 1 10 ? -0.631  4.976   5.046   1.00 41.10 ? 10  G   A C5     1 
ATOM   205  C  C6     . G   A 1 10 ? -1.256  5.518   3.898   1.00 39.43 ? 10  G   A C6     1 
ATOM   206  O  O6     . G   A 1 10 ? -0.741  5.795   2.806   1.00 36.99 ? 10  G   A O6     1 
ATOM   207  N  N1     . G   A 1 10 ? -2.620  5.713   4.097   1.00 39.53 ? 10  G   A N1     1 
ATOM   208  C  C2     . G   A 1 10 ? -3.304  5.402   5.253   1.00 41.42 ? 10  G   A C2     1 
ATOM   209  N  N2     . G   A 1 10 ? -4.619  5.663   5.244   1.00 39.59 ? 10  G   A N2     1 
ATOM   210  N  N3     . G   A 1 10 ? -2.734  4.873   6.332   1.00 41.45 ? 10  G   A N3     1 
ATOM   211  C  C4     . G   A 1 10 ? -1.401  4.689   6.158   1.00 42.18 ? 10  G   A C4     1 
ATOM   212  P  P      . U   A 1 11 ? -2.443  -0.839  7.611   1.00 47.51 ? 11  U   A P      1 
ATOM   213  O  OP1    . U   A 1 11 ? -3.040  -1.969  8.388   1.00 46.95 ? 11  U   A OP1    1 
ATOM   214  O  OP2    . U   A 1 11 ? -1.641  -1.133  6.394   1.00 46.84 ? 11  U   A OP2    1 
ATOM   215  O  "O5'"  . U   A 1 11 ? -3.616  0.151   7.197   1.00 45.73 ? 11  U   A "O5'"  1 
ATOM   216  C  "C5'"  . U   A 1 11 ? -4.719  0.400   8.073   1.00 45.28 ? 11  U   A "C5'"  1 
ATOM   217  C  "C4'"  . U   A 1 11 ? -5.883  0.907   7.273   1.00 44.77 ? 11  U   A "C4'"  1 
ATOM   218  O  "O4'"  . U   A 1 11 ? -5.498  2.161   6.653   1.00 43.90 ? 11  U   A "O4'"  1 
ATOM   219  C  "C3'"  . U   A 1 11 ? -6.261  0.029   6.093   1.00 43.73 ? 11  U   A "C3'"  1 
ATOM   220  O  "O3'"  . U   A 1 11 ? -7.101  -1.050  6.475   1.00 44.04 ? 11  U   A "O3'"  1 
ATOM   221  C  "C2'"  . U   A 1 11 ? -6.957  1.014   5.168   1.00 42.16 ? 11  U   A "C2'"  1 
ATOM   222  O  "O2'"  . U   A 1 11 ? -8.278  1.324   5.560   1.00 41.01 ? 11  U   A "O2'"  1 
ATOM   223  C  "C1'"  . U   A 1 11 ? -6.089  2.252   5.364   1.00 42.81 ? 11  U   A "C1'"  1 
ATOM   224  N  N1     . U   A 1 11 ? -5.019  2.375   4.359   1.00 39.43 ? 11  U   A N1     1 
ATOM   225  C  C2     . U   A 1 11 ? -5.381  2.852   3.117   1.00 38.44 ? 11  U   A C2     1 
ATOM   226  O  O2     . U   A 1 11 ? -6.536  3.101   2.824   1.00 35.96 ? 11  U   A O2     1 
ATOM   227  N  N3     . U   A 1 11 ? -4.339  3.016   2.229   1.00 38.79 ? 11  U   A N3     1 
ATOM   228  C  C4     . U   A 1 11 ? -3.004  2.736   2.454   1.00 38.21 ? 11  U   A C4     1 
ATOM   229  O  O4     . U   A 1 11 ? -2.176  2.966   1.569   1.00 38.03 ? 11  U   A O4     1 
ATOM   230  C  C5     . U   A 1 11 ? -2.717  2.207   3.753   1.00 37.70 ? 11  U   A C5     1 
ATOM   231  C  C6     . U   A 1 11 ? -3.714  2.047   4.640   1.00 39.36 ? 11  U   A C6     1 
ATOM   232  P  P      . G   A 1 12 ? -7.109  -2.398  5.597   1.00 44.01 ? 12  G   A P      1 
ATOM   233  O  OP1    . G   A 1 12 ? -7.921  -3.411  6.339   1.00 44.38 ? 12  G   A OP1    1 
ATOM   234  O  OP2    . G   A 1 12 ? -5.719  -2.724  5.192   1.00 44.60 ? 12  G   A OP2    1 
ATOM   235  O  "O5'"  . G   A 1 12 ? -7.913  -1.998  4.292   1.00 41.90 ? 12  G   A "O5'"  1 
ATOM   236  C  "C5'"  . G   A 1 12 ? -9.324  -1.787  4.357   1.00 42.17 ? 12  G   A "C5'"  1 
ATOM   237  C  "C4'"  . G   A 1 12 ? -9.853  -1.496  2.991   1.00 41.59 ? 12  G   A "C4'"  1 
ATOM   238  O  "O4'"  . G   A 1 12 ? -9.282  -0.252  2.516   1.00 41.80 ? 12  G   A "O4'"  1 
ATOM   239  C  "C3'"  . G   A 1 12 ? -9.453  -2.498  1.920   1.00 42.40 ? 12  G   A "C3'"  1 
ATOM   240  O  "O3'"  . G   A 1 12 ? -10.257 -3.684  1.961   1.00 40.82 ? 12  G   A "O3'"  1 
ATOM   241  C  "C2'"  . G   A 1 12 ? -9.678  -1.679  0.659   1.00 39.44 ? 12  G   A "C2'"  1 
ATOM   242  O  "O2'"  . G   A 1 12 ? -11.058 -1.589  0.366   1.00 40.45 ? 12  G   A "O2'"  1 
ATOM   243  C  "C1'"  . G   A 1 12 ? -9.155  -0.306  1.099   1.00 40.16 ? 12  G   A "C1'"  1 
ATOM   244  N  N9     . G   A 1 12 ? -7.749  -0.090  0.751   1.00 38.70 ? 12  G   A N9     1 
ATOM   245  C  C8     . G   A 1 12 ? -6.647  -0.315  1.543   1.00 36.18 ? 12  G   A C8     1 
ATOM   246  N  N7     . G   A 1 12 ? -5.519  -0.032  0.945   1.00 36.31 ? 12  G   A N7     1 
ATOM   247  C  C5     . G   A 1 12 ? -5.898  0.413   -0.319  1.00 35.11 ? 12  G   A C5     1 
ATOM   248  C  C6     . G   A 1 12 ? -5.106  0.859   -1.422  1.00 35.38 ? 12  G   A C6     1 
ATOM   249  O  O6     . G   A 1 12 ? -3.873  0.986   -1.491  1.00 34.81 ? 12  G   A O6     1 
ATOM   250  N  N1     . G   A 1 12 ? -5.899  1.191   -2.520  1.00 34.29 ? 12  G   A N1     1 
ATOM   251  C  C2     . G   A 1 12 ? -7.269  1.120   -2.551  1.00 36.05 ? 12  G   A C2     1 
ATOM   252  N  N2     . G   A 1 12 ? -7.853  1.490   -3.703  1.00 38.82 ? 12  G   A N2     1 
ATOM   253  N  N3     . G   A 1 12 ? -8.016  0.720   -1.531  1.00 36.68 ? 12  G   A N3     1 
ATOM   254  C  C4     . G   A 1 12 ? -7.269  0.382   -0.458  1.00 36.02 ? 12  G   A C4     1 
ATOM   255  P  P      . C   A 1 13 ? -9.634  -5.089  1.477   1.00 44.37 ? 13  C   A P      1 
ATOM   256  O  OP1    . C   A 1 13 ? -10.631 -6.168  1.742   1.00 42.66 ? 13  C   A OP1    1 
ATOM   257  O  OP2    . C   A 1 13 ? -8.270  -5.206  2.049   1.00 39.14 ? 13  C   A OP2    1 
ATOM   258  O  "O5'"  . C   A 1 13 ? -9.503  -4.915  -0.107  1.00 40.85 ? 13  C   A "O5'"  1 
ATOM   259  C  "C5'"  . C   A 1 13 ? -10.666 -4.676  -0.923  1.00 40.02 ? 13  C   A "C5'"  1 
ATOM   260  C  "C4'"  . C   A 1 13 ? -10.265 -4.251  -2.321  1.00 40.97 ? 13  C   A "C4'"  1 
ATOM   261  O  "O4'"  . C   A 1 13 ? -9.577  -2.978  -2.277  1.00 40.13 ? 13  C   A "O4'"  1 
ATOM   262  C  "C3'"  . C   A 1 13 ? -9.301  -5.155  -3.067  1.00 40.63 ? 13  C   A "C3'"  1 
ATOM   263  O  "O3'"  . C   A 1 13 ? -9.973  -6.274  -3.628  1.00 40.74 ? 13  C   A "O3'"  1 
ATOM   264  C  "C2'"  . C   A 1 13 ? -8.757  -4.214  -4.129  1.00 38.56 ? 13  C   A "C2'"  1 
ATOM   265  O  "O2'"  . C   A 1 13 ? -9.695  -3.982  -5.158  1.00 39.08 ? 13  C   A "O2'"  1 
ATOM   266  C  "C1'"  . C   A 1 13 ? -8.620  -2.920  -3.328  1.00 38.66 ? 13  C   A "C1'"  1 
ATOM   267  N  N1     . C   A 1 13 ? -7.284  -2.757  -2.736  1.00 37.36 ? 13  C   A N1     1 
ATOM   268  C  C2     . C   A 1 13 ? -6.244  -2.310  -3.558  1.00 35.55 ? 13  C   A C2     1 
ATOM   269  O  O2     . C   A 1 13 ? -6.491  -2.079  -4.755  1.00 33.93 ? 13  C   A O2     1 
ATOM   270  N  N3     . C   A 1 13 ? -5.011  -2.149  -3.034  1.00 32.53 ? 13  C   A N3     1 
ATOM   271  C  C4     . C   A 1 13 ? -4.795  -2.412  -1.737  1.00 34.92 ? 13  C   A C4     1 
ATOM   272  N  N4     . C   A 1 13 ? -3.574  -2.217  -1.249  1.00 30.28 ? 13  C   A N4     1 
ATOM   273  C  C5     . C   A 1 13 ? -5.837  -2.878  -0.880  1.00 34.54 ? 13  C   A C5     1 
ATOM   274  C  C6     . C   A 1 13 ? -7.051  -3.033  -1.419  1.00 35.05 ? 13  C   A C6     1 
ATOM   275  P  P      . A   A 1 14 ? -9.284  -7.726  -3.560  1.00 44.69 ? 14  A   A P      1 
ATOM   276  O  OP1    . A   A 1 14 ? -10.273 -8.737  -4.008  1.00 45.51 ? 14  A   A OP1    1 
ATOM   277  O  OP2    . A   A 1 14 ? -8.621  -7.873  -2.238  1.00 43.93 ? 14  A   A OP2    1 
ATOM   278  O  "O5'"  . A   A 1 14 ? -8.128  -7.646  -4.658  1.00 43.57 ? 14  A   A "O5'"  1 
ATOM   279  C  "C5'"  . A   A 1 14 ? -8.453  -7.670  -6.053  1.00 43.49 ? 14  A   A "C5'"  1 
ATOM   280  C  "C4'"  . A   A 1 14 ? -7.278  -7.212  -6.883  1.00 42.07 ? 14  A   A "C4'"  1 
ATOM   281  O  "O4'"  . A   A 1 14 ? -6.888  -5.867  -6.491  1.00 41.42 ? 14  A   A "O4'"  1 
ATOM   282  C  "C3'"  . A   A 1 14 ? -5.979  -7.982  -6.738  1.00 42.18 ? 14  A   A "C3'"  1 
ATOM   283  O  "O3'"  . A   A 1 14 ? -5.978  -9.226  -7.428  1.00 42.76 ? 14  A   A "O3'"  1 
ATOM   284  C  "C2'"  . A   A 1 14 ? -4.999  -6.998  -7.358  1.00 41.78 ? 14  A   A "C2'"  1 
ATOM   285  O  "O2'"  . A   A 1 14 ? -5.111  -6.959  -8.768  1.00 40.42 ? 14  A   A "O2'"  1 
ATOM   286  C  "C1'"  . A   A 1 14 ? -5.511  -5.680  -6.777  1.00 40.11 ? 14  A   A "C1'"  1 
ATOM   287  N  N9     . A   A 1 14 ? -4.807  -5.391  -5.533  1.00 37.17 ? 14  A   A N9     1 
ATOM   288  C  C8     . A   A 1 14 ? -5.246  -5.555  -4.240  1.00 36.77 ? 14  A   A C8     1 
ATOM   289  N  N7     . A   A 1 14 ? -4.339  -5.271  -3.338  1.00 35.79 ? 14  A   A N7     1 
ATOM   290  C  C5     . A   A 1 14 ? -3.237  -4.875  -4.084  1.00 34.84 ? 14  A   A C5     1 
ATOM   291  C  C6     . A   A 1 14 ? -1.943  -4.464  -3.720  1.00 34.29 ? 14  A   A C6     1 
ATOM   292  N  N6     . A   A 1 14 ? -1.508  -4.400  -2.455  1.00 30.22 ? 14  A   A N6     1 
ATOM   293  N  N1     . A   A 1 14 ? -1.087  -4.128  -4.715  1.00 32.06 ? 14  A   A N1     1 
ATOM   294  C  C2     . A   A 1 14 ? -1.511  -4.222  -5.981  1.00 33.46 ? 14  A   A C2     1 
ATOM   295  N  N3     . A   A 1 14 ? -2.692  -4.610  -6.447  1.00 34.80 ? 14  A   A N3     1 
ATOM   296  C  C4     . A   A 1 14 ? -3.521  -4.926  -5.437  1.00 36.35 ? 14  A   A C4     1 
ATOM   297  P  P      . C   A 1 15 ? -4.938  -10.372 -6.988  1.00 44.77 ? 15  C   A P      1 
ATOM   298  O  OP1    . C   A 1 15 ? -5.210  -11.542 -7.867  1.00 48.45 ? 15  C   A OP1    1 
ATOM   299  O  OP2    . C   A 1 15 ? -5.018  -10.518 -5.514  1.00 45.00 ? 15  C   A OP2    1 
ATOM   300  O  "O5'"  . C   A 1 15 ? -3.493  -9.794  -7.345  1.00 44.91 ? 15  C   A "O5'"  1 
ATOM   301  C  "C5'"  . C   A 1 15 ? -3.125  -9.548  -8.716  1.00 42.46 ? 15  C   A "C5'"  1 
ATOM   302  C  "C4'"  . C   A 1 15 ? -1.727  -8.978  -8.808  1.00 43.10 ? 15  C   A "C4'"  1 
ATOM   303  O  "O4'"  . C   A 1 15 ? -1.653  -7.724  -8.079  1.00 39.18 ? 15  C   A "O4'"  1 
ATOM   304  C  "C3'"  . C   A 1 15 ? -0.588  -9.784  -8.204  1.00 42.68 ? 15  C   A "C3'"  1 
ATOM   305  O  "O3'"  . C   A 1 15 ? -0.167  -10.878 -9.009  1.00 45.44 ? 15  C   A "O3'"  1 
ATOM   306  C  "C2'"  . C   A 1 15 ? 0.493   -8.724  -8.099  1.00 41.56 ? 15  C   A "C2'"  1 
ATOM   307  O  "O2'"  . C   A 1 15 ? 1.095   -8.418  -9.347  1.00 39.78 ? 15  C   A "O2'"  1 
ATOM   308  C  "C1'"  . C   A 1 15 ? -0.327  -7.523  -7.620  1.00 39.89 ? 15  C   A "C1'"  1 
ATOM   309  N  N1     . C   A 1 15 ? -0.332  -7.457  -6.147  1.00 36.68 ? 15  C   A N1     1 
ATOM   310  C  C2     . C   A 1 15 ? 0.799   -6.954  -5.517  1.00 36.96 ? 15  C   A C2     1 
ATOM   311  O  O2     . C   A 1 15 ? 1.726   -6.521  -6.221  1.00 39.19 ? 15  C   A O2     1 
ATOM   312  N  N3     . C   A 1 15 ? 0.860   -6.942  -4.159  1.00 36.45 ? 15  C   A N3     1 
ATOM   313  C  C4     . C   A 1 15 ? -0.172  -7.391  -3.444  1.00 36.93 ? 15  C   A C4     1 
ATOM   314  N  N4     . C   A 1 15 ? -0.060  -7.379  -2.104  1.00 34.39 ? 15  C   A N4     1 
ATOM   315  C  C5     . C   A 1 15 ? -1.362  -7.879  -4.066  1.00 34.98 ? 15  C   A C5     1 
ATOM   316  C  C6     . C   A 1 15 ? -1.397  -7.893  -5.412  1.00 37.35 ? 15  C   A C6     1 
ATOM   317  P  P      . A   A 1 16 ? 0.544   -12.143 -8.310  1.00 48.16 ? 16  A   A P      1 
ATOM   318  O  OP1    . A   A 1 16 ? 0.833   -13.148 -9.375  1.00 49.42 ? 16  A   A OP1    1 
ATOM   319  O  OP2    . A   A 1 16 ? -0.275  -12.532 -7.132  1.00 47.51 ? 16  A   A OP2    1 
ATOM   320  O  "O5'"  . A   A 1 16 ? 1.932   -11.580 -7.767  1.00 46.07 ? 16  A   A "O5'"  1 
ATOM   321  C  "C5'"  . A   A 1 16 ? 2.942   -11.131 -8.682  1.00 47.42 ? 16  A   A "C5'"  1 
ATOM   322  C  "C4'"  . A   A 1 16 ? 4.080   -10.478 -7.934  1.00 47.53 ? 16  A   A "C4'"  1 
ATOM   323  O  "O4'"  . A   A 1 16 ? 3.548   -9.464  -7.044  1.00 45.23 ? 16  A   A "O4'"  1 
ATOM   324  C  "C3'"  . A   A 1 16 ? 4.861   -11.351 -6.970  1.00 46.78 ? 16  A   A "C3'"  1 
ATOM   325  O  "O3'"  . A   A 1 16 ? 5.794   -12.192 -7.633  1.00 50.01 ? 16  A   A "O3'"  1 
ATOM   326  C  "C2'"  . A   A 1 16 ? 5.566   -10.301 -6.128  1.00 46.41 ? 16  A   A "C2'"  1 
ATOM   327  O  "O2'"  . A   A 1 16 ? 6.661   -9.702  -6.791  1.00 47.66 ? 16  A   A "O2'"  1 
ATOM   328  C  "C1'"  . A   A 1 16 ? 4.459   -9.260  -5.973  1.00 44.04 ? 16  A   A "C1'"  1 
ATOM   329  N  N9     . A   A 1 16 ? 3.743   -9.412  -4.707  1.00 40.82 ? 16  A   A N9     1 
ATOM   330  C  C8     . A   A 1 16 ? 2.499   -9.947  -4.490  1.00 40.89 ? 16  A   A C8     1 
ATOM   331  N  N7     . A   A 1 16 ? 2.134   -9.936  -3.230  1.00 38.28 ? 16  A   A N7     1 
ATOM   332  C  C5     . A   A 1 16 ? 3.212   -9.359  -2.574  1.00 38.68 ? 16  A   A C5     1 
ATOM   333  C  C6     . A   A 1 16 ? 3.448   -9.063  -1.217  1.00 38.81 ? 16  A   A C6     1 
ATOM   334  N  N6     . A   A 1 16 ? 2.573   -9.325  -0.241  1.00 38.38 ? 16  A   A N6     1 
ATOM   335  N  N1     . A   A 1 16 ? 4.627   -8.488  -0.893  1.00 37.43 ? 16  A   A N1     1 
ATOM   336  C  C2     . A   A 1 16 ? 5.505   -8.231  -1.878  1.00 39.89 ? 16  A   A C2     1 
ATOM   337  N  N3     . A   A 1 16 ? 5.398   -8.465  -3.185  1.00 39.32 ? 16  A   A N3     1 
ATOM   338  C  C4     . A   A 1 16 ? 4.213   -9.034  -3.470  1.00 40.13 ? 16  A   A C4     1 
ATOM   339  P  P      . C   A 1 17 ? 6.076   -13.673 -7.064  1.00 48.57 ? 17  C   A P      1 
ATOM   340  O  OP1    . C   A 1 17 ? 6.996   -14.335 -8.031  1.00 51.97 ? 17  C   A OP1    1 
ATOM   341  O  OP2    . C   A 1 17 ? 4.770   -14.305 -6.746  1.00 50.63 ? 17  C   A OP2    1 
ATOM   342  O  "O5'"  . C   A 1 17 ? 6.865   -13.419 -5.703  1.00 47.96 ? 17  C   A "O5'"  1 
ATOM   343  C  "C5'"  . C   A 1 17 ? 8.175   -12.824 -5.713  1.00 48.43 ? 17  C   A "C5'"  1 
ATOM   344  C  "C4'"  . C   A 1 17 ? 8.641   -12.565 -4.301  1.00 48.96 ? 17  C   A "C4'"  1 
ATOM   345  O  "O4'"  . C   A 1 17 ? 7.815   -11.543 -3.684  1.00 47.34 ? 17  C   A "O4'"  1 
ATOM   346  C  "C3'"  . C   A 1 17 ? 8.511   -13.739 -3.349  1.00 49.95 ? 17  C   A "C3'"  1 
ATOM   347  O  "O3'"  . C   A 1 17 ? 9.559   -14.678 -3.501  1.00 53.12 ? 17  C   A "O3'"  1 
ATOM   348  C  "C2'"  . C   A 1 17 ? 8.532   -13.056 -1.991  1.00 48.53 ? 17  C   A "C2'"  1 
ATOM   349  O  "O2'"  . C   A 1 17 ? 9.823   -12.672 -1.562  1.00 48.28 ? 17  C   A "O2'"  1 
ATOM   350  C  "C1'"  . C   A 1 17 ? 7.707   -11.805 -2.288  1.00 47.05 ? 17  C   A "C1'"  1 
ATOM   351  N  N1     . C   A 1 17 ? 6.299   -12.035 -1.954  1.00 44.05 ? 17  C   A N1     1 
ATOM   352  C  C2     . C   A 1 17 ? 5.897   -11.871 -0.624  1.00 43.21 ? 17  C   A C2     1 
ATOM   353  O  O2     . C   A 1 17 ? 6.742   -11.546 0.223   1.00 41.49 ? 17  C   A O2     1 
ATOM   354  N  N3     . C   A 1 17 ? 4.605   -12.073 -0.297  1.00 42.00 ? 17  C   A N3     1 
ATOM   355  C  C4     . C   A 1 17 ? 3.725   -12.424 -1.235  1.00 41.05 ? 17  C   A C4     1 
ATOM   356  N  N4     . C   A 1 17 ? 2.454   -12.588 -0.864  1.00 41.08 ? 17  C   A N4     1 
ATOM   357  C  C5     . C   A 1 17 ? 4.109   -12.613 -2.597  1.00 42.24 ? 17  C   A C5     1 
ATOM   358  C  C6     . C   A 1 17 ? 5.396   -12.407 -2.909  1.00 43.31 ? 17  C   A C6     1 
ATOM   359  P  P      . A   A 1 18 ? 9.247   -16.240 -3.311  1.00 55.17 ? 18  A   A P      1 
ATOM   360  O  OP1    . A   A 1 18 ? 10.447  -16.995 -3.754  1.00 56.83 ? 18  A   A OP1    1 
ATOM   361  O  OP2    . A   A 1 18 ? 7.930   -16.523 -3.937  1.00 56.51 ? 18  A   A OP2    1 
ATOM   362  O  "O5'"  . A   A 1 18 ? 9.113   -16.395 -1.738  1.00 52.18 ? 18  A   A "O5'"  1 
ATOM   363  C  "C5'"  . A   A 1 18 ? 10.245  -16.152 -0.904  1.00 52.28 ? 18  A   A "C5'"  1 
ATOM   364  C  "C4'"  . A   A 1 18 ? 9.840   -16.187 0.539   1.00 53.42 ? 18  A   A "C4'"  1 
ATOM   365  O  "O4'"  . A   A 1 18 ? 8.922   -15.099 0.806   1.00 51.47 ? 18  A   A "O4'"  1 
ATOM   366  C  "C3'"  . A   A 1 18 ? 9.070   -17.419 0.981   1.00 53.83 ? 18  A   A "C3'"  1 
ATOM   367  O  "O3'"  . A   A 1 18 ? 9.931   -18.526 1.221   1.00 55.80 ? 18  A   A "O3'"  1 
ATOM   368  C  "C2'"  . A   A 1 18 ? 8.403   -16.909 2.247   1.00 52.22 ? 18  A   A "C2'"  1 
ATOM   369  O  "O2'"  . A   A 1 18 ? 9.320   -16.819 3.322   1.00 52.82 ? 18  A   A "O2'"  1 
ATOM   370  C  "C1'"  . A   A 1 18 ? 7.998   -15.499 1.804   1.00 50.49 ? 18  A   A "C1'"  1 
ATOM   371  N  N9     . A   A 1 18 ? 6.661   -15.482 1.211   1.00 46.39 ? 18  A   A N9     1 
ATOM   372  C  C8     . A   A 1 18 ? 6.310   -15.543 -0.116  1.00 45.56 ? 18  A   A C8     1 
ATOM   373  N  N7     . A   A 1 18 ? 5.015   -15.509 -0.320  1.00 46.49 ? 18  A   A N7     1 
ATOM   374  C  C5     . A   A 1 18 ? 4.478   -15.419 0.959   1.00 44.81 ? 18  A   A C5     1 
ATOM   375  C  C6     . A   A 1 18 ? 3.152   -15.342 1.436   1.00 43.86 ? 18  A   A C6     1 
ATOM   376  N  N6     . A   A 1 18 ? 2.071   -15.340 0.650   1.00 42.56 ? 18  A   A N6     1 
ATOM   377  N  N1     . A   A 1 18 ? 2.972   -15.267 2.770   1.00 42.36 ? 18  A   A N1     1 
ATOM   378  C  C2     . A   A 1 18 ? 4.047   -15.273 3.565   1.00 43.12 ? 18  A   A C2     1 
ATOM   379  N  N3     . A   A 1 18 ? 5.334   -15.338 3.242   1.00 43.40 ? 18  A   A N3     1 
ATOM   380  C  C4     . A   A 1 18 ? 5.483   -15.408 1.909   1.00 44.12 ? 18  A   A C4     1 
ATOM   381  P  P      . G   A 1 19 ? 9.377   -20.021 1.017   1.00 57.50 ? 19  G   A P      1 
ATOM   382  O  OP1    . G   A 1 19 ? 10.552  -20.926 0.940   1.00 59.04 ? 19  G   A OP1    1 
ATOM   383  O  OP2    . G   A 1 19 ? 8.384   -20.014 -0.086  1.00 58.43 ? 19  G   A OP2    1 
ATOM   384  O  "O5'"  . G   A 1 19 ? 8.596   -20.308 2.368   1.00 55.42 ? 19  G   A "O5'"  1 
ATOM   385  C  "C5'"  . G   A 1 19 ? 9.279   -20.236 3.620   1.00 55.92 ? 19  G   A "C5'"  1 
ATOM   386  C  "C4'"  . G   A 1 19 ? 8.292   -20.297 4.750   1.00 54.64 ? 19  G   A "C4'"  1 
ATOM   387  O  "O4'"  . G   A 1 19 ? 7.473   -19.100 4.734   1.00 54.77 ? 19  G   A "O4'"  1 
ATOM   388  C  "C3'"  . G   A 1 19 ? 7.277   -21.421 4.666   1.00 54.90 ? 19  G   A "C3'"  1 
ATOM   389  O  "O3'"  . G   A 1 19 ? 7.813   -22.661 5.102   1.00 56.98 ? 19  G   A "O3'"  1 
ATOM   390  C  "C2'"  . G   A 1 19 ? 6.169   -20.896 5.566   1.00 53.25 ? 19  G   A "C2'"  1 
ATOM   391  O  "O2'"  . G   A 1 19 ? 6.490   -21.002 6.937   1.00 53.76 ? 19  G   A "O2'"  1 
ATOM   392  C  "C1'"  . G   A 1 19 ? 6.162   -19.416 5.181   1.00 52.43 ? 19  G   A "C1'"  1 
ATOM   393  N  N9     . G   A 1 19 ? 5.232   -19.146 4.090   1.00 49.49 ? 19  G   A N9     1 
ATOM   394  C  C8     . G   A 1 19 ? 5.528   -19.025 2.755   1.00 47.51 ? 19  G   A C8     1 
ATOM   395  N  N7     . G   A 1 19 ? 4.477   -18.797 2.018   1.00 47.58 ? 19  G   A N7     1 
ATOM   396  C  C5     . G   A 1 19 ? 3.426   -18.759 2.924   1.00 47.32 ? 19  G   A C5     1 
ATOM   397  C  C6     . G   A 1 19 ? 2.046   -18.549 2.713   1.00 46.87 ? 19  G   A C6     1 
ATOM   398  O  O6     . G   A 1 19 ? 1.453   -18.336 1.650   1.00 47.00 ? 19  G   A O6     1 
ATOM   399  N  N1     . G   A 1 19 ? 1.333   -18.606 3.906   1.00 47.65 ? 19  G   A N1     1 
ATOM   400  C  C2     . G   A 1 19 ? 1.879   -18.838 5.143   1.00 47.96 ? 19  G   A C2     1 
ATOM   401  N  N2     . G   A 1 19 ? 1.021   -18.868 6.176   1.00 48.52 ? 19  G   A N2     1 
ATOM   402  N  N3     . G   A 1 19 ? 3.167   -19.028 5.354   1.00 47.98 ? 19  G   A N3     1 
ATOM   403  C  C4     . G   A 1 19 ? 3.877   -18.976 4.205   1.00 47.82 ? 19  G   A C4     1 
ATOM   404  P  P      . C   A 1 20 ? 7.243   -24.033 4.486   1.00 58.41 ? 20  C   A P      1 
ATOM   405  O  OP1    . C   A 1 20 ? 8.091   -25.151 4.990   1.00 60.98 ? 20  C   A OP1    1 
ATOM   406  O  OP2    . C   A 1 20 ? 7.068   -23.854 3.017   1.00 59.26 ? 20  C   A OP2    1 
ATOM   407  O  "O5'"  . C   A 1 20 ? 5.801   -24.172 5.142   1.00 58.07 ? 20  C   A "O5'"  1 
ATOM   408  C  "C5'"  . C   A 1 20 ? 5.648   -24.239 6.569   1.00 57.95 ? 20  C   A "C5'"  1 
ATOM   409  C  "C4'"  . C   A 1 20 ? 4.191   -24.156 6.943   1.00 58.11 ? 20  C   A "C4'"  1 
ATOM   410  O  "O4'"  . C   A 1 20 ? 3.665   -22.849 6.589   1.00 57.51 ? 20  C   A "O4'"  1 
ATOM   411  C  "C3'"  . C   A 1 20 ? 3.267   -25.118 6.218   1.00 58.30 ? 20  C   A "C3'"  1 
ATOM   412  O  "O3'"  . C   A 1 20 ? 3.298   -26.418 6.787   1.00 60.76 ? 20  C   A "O3'"  1 
ATOM   413  C  "C2'"  . C   A 1 20 ? 1.918   -24.443 6.403   1.00 56.67 ? 20  C   A "C2'"  1 
ATOM   414  O  "O2'"  . C   A 1 20 ? 1.416   -24.620 7.714   1.00 57.31 ? 20  C   A "O2'"  1 
ATOM   415  C  "C1'"  . C   A 1 20 ? 2.300   -22.974 6.206   1.00 55.19 ? 20  C   A "C1'"  1 
ATOM   416  N  N1     . C   A 1 20 ? 2.162   -22.560 4.798   1.00 50.61 ? 20  C   A N1     1 
ATOM   417  C  C2     . C   A 1 20 ? 0.895   -22.218 4.325   1.00 48.74 ? 20  C   A C2     1 
ATOM   418  O  O2     . C   A 1 20 ? -0.064  -22.264 5.111   1.00 46.15 ? 20  C   A O2     1 
ATOM   419  N  N3     . C   A 1 20 ? 0.746   -21.850 3.030   1.00 47.22 ? 20  C   A N3     1 
ATOM   420  C  C4     . C   A 1 20 ? 1.807   -21.809 2.222   1.00 48.09 ? 20  C   A C4     1 
ATOM   421  N  N4     . C   A 1 20 ? 1.614   -21.435 0.955   1.00 45.00 ? 20  C   A N4     1 
ATOM   422  C  C5     . C   A 1 20 ? 3.115   -22.149 2.677   1.00 48.42 ? 20  C   A C5     1 
ATOM   423  C  C6     . C   A 1 20 ? 3.245   -22.517 3.961   1.00 50.12 ? 20  C   A C6     1 
ATOM   424  P  P      . A   A 1 21 ? 2.946   -27.693 5.875   1.00 62.09 ? 21  A   A P      1 
ATOM   425  O  OP1    . A   A 1 21 ? 3.239   -28.909 6.681   1.00 63.55 ? 21  A   A OP1    1 
ATOM   426  O  OP2    . A   A 1 21 ? 3.598   -27.515 4.552   1.00 61.65 ? 21  A   A OP2    1 
ATOM   427  O  "O5'"  . A   A 1 21 ? 1.368   -27.603 5.683   1.00 61.50 ? 21  A   A "O5'"  1 
ATOM   428  C  "C5'"  . A   A 1 21 ? 0.487   -27.741 6.809   1.00 60.55 ? 21  A   A "C5'"  1 
ATOM   429  C  "C4'"  . A   A 1 21 ? -0.946  -27.560 6.377   1.00 59.14 ? 21  A   A "C4'"  1 
ATOM   430  O  "O4'"  . A   A 1 21 ? -1.158  -26.187 5.958   1.00 57.39 ? 21  A   A "O4'"  1 
ATOM   431  C  "C3'"  . A   A 1 21 ? -1.377  -28.380 5.175   1.00 59.21 ? 21  A   A "C3'"  1 
ATOM   432  O  "O3'"  . A   A 1 21 ? -1.688  -29.728 5.524   1.00 60.36 ? 21  A   A "O3'"  1 
ATOM   433  C  "C2'"  . A   A 1 21 ? -2.582  -27.593 4.678   1.00 57.54 ? 21  A   A "C2'"  1 
ATOM   434  O  "O2'"  . A   A 1 21 ? -3.757  -27.806 5.436   1.00 58.76 ? 21  A   A "O2'"  1 
ATOM   435  C  "C1'"  . A   A 1 21 ? -2.103  -26.155 4.900   1.00 56.01 ? 21  A   A "C1'"  1 
ATOM   436  N  N9     . A   A 1 21 ? -1.442  -25.605 3.715   1.00 52.92 ? 21  A   A N9     1 
ATOM   437  C  C8     . A   A 1 21 ? -0.095  -25.499 3.480   1.00 52.06 ? 21  A   A C8     1 
ATOM   438  N  N7     . A   A 1 21 ? 0.200   -24.966 2.318   1.00 50.69 ? 21  A   A N7     1 
ATOM   439  C  C5     . A   A 1 21 ? -1.038  -24.701 1.749   1.00 48.73 ? 21  A   A C5     1 
ATOM   440  C  C6     . A   A 1 21 ? -1.409  -24.133 0.516   1.00 47.90 ? 21  A   A C6     1 
ATOM   441  N  N6     . A   A 1 21 ? -0.531  -23.710 -0.397  1.00 41.02 ? 21  A   A N6     1 
ATOM   442  N  N1     . A   A 1 21 ? -2.728  -24.011 0.252   1.00 47.22 ? 21  A   A N1     1 
ATOM   443  C  C2     . A   A 1 21 ? -3.607  -24.434 1.172   1.00 49.44 ? 21  A   A C2     1 
ATOM   444  N  N3     . A   A 1 21 ? -3.381  -24.982 2.369   1.00 49.63 ? 21  A   A N3     1 
ATOM   445  C  C4     . A   A 1 21 ? -2.060  -25.088 2.599   1.00 50.33 ? 21  A   A C4     1 
ATOM   446  P  P      . A   A 1 22 ? -1.564  -30.891 4.414   1.00 62.38 ? 22  A   A P      1 
ATOM   447  O  OP1    . A   A 1 22 ? -1.804  -32.203 5.081   1.00 62.67 ? 22  A   A OP1    1 
ATOM   448  O  OP2    . A   A 1 22 ? -0.311  -30.687 3.636   1.00 61.37 ? 22  A   A OP2    1 
ATOM   449  O  "O5'"  . A   A 1 22 ? -2.802  -30.620 3.453   1.00 60.02 ? 22  A   A "O5'"  1 
ATOM   450  C  "C5'"  . A   A 1 22 ? -4.138  -30.555 3.978   1.00 59.61 ? 22  A   A "C5'"  1 
ATOM   451  C  "C4'"  . A   A 1 22 ? -5.094  -30.141 2.892   1.00 57.55 ? 22  A   A "C4'"  1 
ATOM   452  O  "O4'"  . A   A 1 22 ? -4.889  -28.744 2.563   1.00 58.01 ? 22  A   A "O4'"  1 
ATOM   453  C  "C3'"  . A   A 1 22 ? -4.869  -30.852 1.573   1.00 57.33 ? 22  A   A "C3'"  1 
ATOM   454  O  "O3'"  . A   A 1 22 ? -5.460  -32.134 1.548   1.00 56.64 ? 22  A   A "O3'"  1 
ATOM   455  C  "C2'"  . A   A 1 22 ? -5.508  -29.899 0.580   1.00 56.58 ? 22  A   A "C2'"  1 
ATOM   456  O  "O2'"  . A   A 1 22 ? -6.918  -30.008 0.554   1.00 58.51 ? 22  A   A "O2'"  1 
ATOM   457  C  "C1'"  . A   A 1 22 ? -5.091  -28.551 1.170   1.00 55.80 ? 22  A   A "C1'"  1 
ATOM   458  N  N9     . A   A 1 22 ? -3.836  -28.082 0.587   1.00 53.49 ? 22  A   A N9     1 
ATOM   459  C  C8     . A   A 1 22 ? -2.559  -28.257 1.066   1.00 53.24 ? 22  A   A C8     1 
ATOM   460  N  N7     . A   A 1 22 ? -1.633  -27.738 0.298   1.00 52.86 ? 22  A   A N7     1 
ATOM   461  C  C5     . A   A 1 22 ? -2.346  -27.173 -0.750  1.00 49.85 ? 22  A   A C5     1 
ATOM   462  C  C6     . A   A 1 22 ? -1.942  -26.466 -1.892  1.00 49.04 ? 22  A   A C6     1 
ATOM   463  N  N6     . A   A 1 22 ? -0.666  -26.194 -2.180  1.00 47.16 ? 22  A   A N6     1 
ATOM   464  N  N1     . A   A 1 22 ? -2.905  -26.043 -2.741  1.00 46.94 ? 22  A   A N1     1 
ATOM   465  C  C2     . A   A 1 22 ? -4.181  -26.314 -2.450  1.00 48.92 ? 22  A   A C2     1 
ATOM   466  N  N3     . A   A 1 22 ? -4.688  -26.969 -1.403  1.00 49.00 ? 22  A   A N3     1 
ATOM   467  C  C4     . A   A 1 22 ? -3.704  -27.376 -0.583  1.00 50.44 ? 22  A   A C4     1 
ATOM   468  P  P      . G   A 1 23 ? -4.848  -33.258 0.588   1.00 57.27 ? 23  G   A P      1 
ATOM   469  O  OP1    . G   A 1 23 ? -5.633  -34.502 0.798   1.00 57.32 ? 23  G   A OP1    1 
ATOM   470  O  OP2    . G   A 1 23 ? -3.371  -33.272 0.786   1.00 56.26 ? 23  G   A OP2    1 
ATOM   471  O  "O5'"  . G   A 1 23 ? -5.152  -32.723 -0.886  1.00 56.01 ? 23  G   A "O5'"  1 
ATOM   472  C  "C5'"  . G   A 1 23 ? -6.498  -32.695 -1.391  1.00 52.65 ? 23  G   A "C5'"  1 
ATOM   473  C  "C4'"  . G   A 1 23 ? -6.528  -32.068 -2.764  1.00 51.63 ? 23  G   A "C4'"  1 
ATOM   474  O  "O4'"  . G   A 1 23 ? -5.996  -30.718 -2.685  1.00 50.92 ? 23  G   A "O4'"  1 
ATOM   475  C  "C3'"  . G   A 1 23 ? -5.663  -32.728 -3.822  1.00 49.67 ? 23  G   A "C3'"  1 
ATOM   476  O  "O3'"  . G   A 1 23 ? -6.220  -33.931 -4.363  1.00 49.60 ? 23  G   A "O3'"  1 
ATOM   477  C  "C2'"  . G   A 1 23 ? -5.498  -31.605 -4.837  1.00 49.50 ? 23  G   A "C2'"  1 
ATOM   478  O  "O2'"  . G   A 1 23 ? -6.623  -31.446 -5.680  1.00 47.79 ? 23  G   A "O2'"  1 
ATOM   479  C  "C1'"  . G   A 1 23 ? -5.369  -30.389 -3.915  1.00 49.71 ? 23  G   A "C1'"  1 
ATOM   480  N  N9     . G   A 1 23 ? -3.978  -30.047 -3.652  1.00 49.37 ? 23  G   A N9     1 
ATOM   481  C  C8     . G   A 1 23 ? -3.184  -30.469 -2.612  1.00 49.22 ? 23  G   A C8     1 
ATOM   482  N  N7     . G   A 1 23 ? -1.964  -30.008 -2.684  1.00 49.19 ? 23  G   A N7     1 
ATOM   483  C  C5     . G   A 1 23 ? -1.958  -29.234 -3.838  1.00 48.32 ? 23  G   A C5     1 
ATOM   484  C  C6     . G   A 1 23 ? -0.912  -28.489 -4.444  1.00 48.50 ? 23  G   A C6     1 
ATOM   485  O  O6     . G   A 1 23 ? 0.268   -28.372 -4.079  1.00 47.20 ? 23  G   A O6     1 
ATOM   486  N  N1     . G   A 1 23 ? -1.348  -27.842 -5.596  1.00 47.73 ? 23  G   A N1     1 
ATOM   487  C  C2     . G   A 1 23 ? -2.619  -27.908 -6.103  1.00 47.92 ? 23  G   A C2     1 
ATOM   488  N  N2     . G   A 1 23 ? -2.845  -27.207 -7.217  1.00 47.69 ? 23  G   A N2     1 
ATOM   489  N  N3     . G   A 1 23 ? -3.597  -28.605 -5.556  1.00 47.57 ? 23  G   A N3     1 
ATOM   490  C  C4     . G   A 1 23 ? -3.197  -29.238 -4.436  1.00 48.42 ? 23  G   A C4     1 
ATOM   491  O  "O5'"  . C   B 1 1  ? 3.180   -21.818 -9.492  1.00 50.29 ? 1   C   B "O5'"  1 
ATOM   492  C  "C5'"  . C   B 1 1  ? 2.786   -21.790 -10.865 1.00 46.99 ? 1   C   B "C5'"  1 
ATOM   493  C  "C4'"  . C   B 1 1  ? 1.552   -22.626 -11.089 1.00 46.95 ? 1   C   B "C4'"  1 
ATOM   494  O  "O4'"  . C   B 1 1  ? 1.833   -24.000 -10.706 1.00 46.84 ? 1   C   B "O4'"  1 
ATOM   495  C  "C3'"  . C   B 1 1  ? 0.345   -22.246 -10.243 1.00 45.48 ? 1   C   B "C3'"  1 
ATOM   496  O  "O3'"  . C   B 1 1  ? -0.371  -21.138 -10.803 1.00 43.43 ? 1   C   B "O3'"  1 
ATOM   497  C  "C2'"  . C   B 1 1  ? -0.450  -23.548 -10.234 1.00 43.88 ? 1   C   B "C2'"  1 
ATOM   498  O  "O2'"  . C   B 1 1  ? -1.148  -23.797 -11.439 1.00 46.25 ? 1   C   B "O2'"  1 
ATOM   499  C  "C1'"  . C   B 1 1  ? 0.672   -24.582 -10.129 1.00 44.47 ? 1   C   B "C1'"  1 
ATOM   500  N  N1     . C   B 1 1  ? 0.990   -24.983 -8.745  1.00 43.17 ? 1   C   B N1     1 
ATOM   501  C  C2     . C   B 1 1  ? 0.178   -25.934 -8.114  1.00 42.17 ? 1   C   B C2     1 
ATOM   502  O  O2     . C   B 1 1  ? -0.785  -26.395 -8.731  1.00 43.41 ? 1   C   B O2     1 
ATOM   503  N  N3     . C   B 1 1  ? 0.473   -26.322 -6.850  1.00 42.43 ? 1   C   B N3     1 
ATOM   504  C  C4     . C   B 1 1  ? 1.531   -25.804 -6.224  1.00 42.78 ? 1   C   B C4     1 
ATOM   505  N  N4     . C   B 1 1  ? 1.808   -26.241 -4.990  1.00 42.85 ? 1   C   B N4     1 
ATOM   506  C  C5     . C   B 1 1  ? 2.364   -24.823 -6.836  1.00 43.80 ? 1   C   B C5     1 
ATOM   507  C  C6     . C   B 1 1  ? 2.058   -24.445 -8.085  1.00 44.24 ? 1   C   B C6     1 
ATOM   508  P  P      . U   B 1 2  ? -1.126  -20.095 -9.829  1.00 43.94 ? 2   U   B P      1 
ATOM   509  O  OP1    . U   B 1 2  ? -1.693  -19.012 -10.678 1.00 44.08 ? 2   U   B OP1    1 
ATOM   510  O  OP2    . U   B 1 2  ? -0.249  -19.746 -8.688  1.00 41.71 ? 2   U   B OP2    1 
ATOM   511  O  "O5'"  . U   B 1 2  ? -2.379  -20.929 -9.309  1.00 40.85 ? 2   U   B "O5'"  1 
ATOM   512  C  "C5'"  . U   B 1 2  ? -3.411  -21.295 -10.233 1.00 42.46 ? 2   U   B "C5'"  1 
ATOM   513  C  "C4'"  . U   B 1 2  ? -4.483  -22.079 -9.535  1.00 42.42 ? 2   U   B "C4'"  1 
ATOM   514  O  "O4'"  . U   B 1 2  ? -3.940  -23.363 -9.131  1.00 44.40 ? 2   U   B "O4'"  1 
ATOM   515  C  "C3'"  . U   B 1 2  ? -5.005  -21.475 -8.242  1.00 42.84 ? 2   U   B "C3'"  1 
ATOM   516  O  "O3'"  . U   B 1 2  ? -5.986  -20.466 -8.473  1.00 42.69 ? 2   U   B "O3'"  1 
ATOM   517  C  "C2'"  . U   B 1 2  ? -5.586  -22.703 -7.554  1.00 41.03 ? 2   U   B "C2'"  1 
ATOM   518  O  "O2'"  . U   B 1 2  ? -6.801  -23.107 -8.160  1.00 41.56 ? 2   U   B "O2'"  1 
ATOM   519  C  "C1'"  . U   B 1 2  ? -4.521  -23.750 -7.894  1.00 41.01 ? 2   U   B "C1'"  1 
ATOM   520  N  N1     . U   B 1 2  ? -3.453  -23.833 -6.888  1.00 38.86 ? 2   U   B N1     1 
ATOM   521  C  C2     . U   B 1 2  ? -3.740  -24.516 -5.718  1.00 36.96 ? 2   U   B C2     1 
ATOM   522  O  O2     . U   B 1 2  ? -4.836  -24.985 -5.488  1.00 34.53 ? 2   U   B O2     1 
ATOM   523  N  N3     . U   B 1 2  ? -2.701  -24.618 -4.838  1.00 35.10 ? 2   U   B N3     1 
ATOM   524  C  C4     . U   B 1 2  ? -1.437  -24.104 -4.991  1.00 37.81 ? 2   U   B C4     1 
ATOM   525  O  O4     . U   B 1 2  ? -0.616  -24.257 -4.099  1.00 39.00 ? 2   U   B O4     1 
ATOM   526  C  C5     . U   B 1 2  ? -1.223  -23.382 -6.213  1.00 38.38 ? 2   U   B C5     1 
ATOM   527  C  C6     . U   B 1 2  ? -2.218  -23.274 -7.096  1.00 37.80 ? 2   U   B C6     1 
HETATM 528  P  P      . UMS B 1 3  ? -6.062  -19.192 -7.493  1.00 42.93 ? 3   UMS B P      1 
HETATM 529  O  OP1    . UMS B 1 3  ? -6.995  -18.202 -8.103  1.00 45.63 ? 3   UMS B OP1    1 
HETATM 530  O  OP2    . UMS B 1 3  ? -4.686  -18.784 -7.137  1.00 41.90 ? 3   UMS B OP2    1 
HETATM 531  O  "O5'"  . UMS B 1 3  ? -6.730  -19.728 -6.151  1.00 40.58 ? 3   UMS B "O5'"  1 
HETATM 532  C  "C5'"  . UMS B 1 3  ? -8.011  -20.340 -6.187  1.00 39.60 ? 3   UMS B "C5'"  1 
HETATM 533  C  "C4'"  . UMS B 1 3  ? -8.261  -21.036 -4.882  1.00 38.71 ? 3   UMS B "C4'"  1 
HETATM 534  O  "O4'"  . UMS B 1 3  ? -7.460  -22.239 -4.777  1.00 37.97 ? 3   UMS B "O4'"  1 
HETATM 535  C  "C3'"  . UMS B 1 3  ? -8.128  -20.353 -3.544  1.00 38.20 ? 3   UMS B "C3'"  1 
HETATM 536  O  "O3'"  . UMS B 1 3  ? -9.039  -19.309 -3.290  1.00 40.70 ? 3   UMS B "O3'"  1 
HETATM 537  C  "C2'"  . UMS B 1 3  ? -7.978  -21.491 -2.569  1.00 36.68 ? 3   UMS B "C2'"  1 
HETATM 538  SE "SE2'" . UMS B 1 3  ? -9.876  -22.257 -2.260  1.00 28.38 ? 3   UMS B "SE2'" 1 
HETATM 539  C  "C1'"  . UMS B 1 3  ? -7.165  -22.478 -3.403  1.00 36.39 ? 3   UMS B "C1'"  1 
HETATM 540  C  "CA'"  . UMS B 1 3  ? -10.774 -21.053 -1.293  1.00 40.19 ? 3   UMS B "CA'"  1 
HETATM 541  N  N1     . UMS B 1 3  ? -5.720  -22.369 -3.205  1.00 37.70 ? 3   UMS B N1     1 
HETATM 542  C  C2     . UMS B 1 3  ? -5.137  -22.998 -2.093  1.00 38.61 ? 3   UMS B C2     1 
HETATM 543  O  O2     . UMS B 1 3  ? -5.795  -23.605 -1.265  1.00 39.44 ? 3   UMS B O2     1 
HETATM 544  N  N3     . UMS B 1 3  ? -3.765  -22.895 -1.999  1.00 37.47 ? 3   UMS B N3     1 
HETATM 545  C  C4     . UMS B 1 3  ? -2.919  -22.194 -2.842  1.00 38.76 ? 3   UMS B C4     1 
HETATM 546  O  O4     . UMS B 1 3  ? -1.725  -22.183 -2.627  1.00 38.46 ? 3   UMS B O4     1 
HETATM 547  C  C5     . UMS B 1 3  ? -3.649  -21.483 -4.030  1.00 37.84 ? 3   UMS B C5     1 
HETATM 548  C  C6     . UMS B 1 3  ? -4.970  -21.629 -4.123  1.00 37.99 ? 3   UMS B C6     1 
ATOM   549  P  P      . G   B 1 4  ? -8.774  -17.980 -2.435  1.00 44.72 ? 4   G   B P      1 
ATOM   550  O  OP1    . G   B 1 4  ? -10.034 -17.188 -2.400  1.00 46.98 ? 4   G   B OP1    1 
ATOM   551  O  OP2    . G   B 1 4  ? -7.525  -17.370 -2.949  1.00 45.23 ? 4   G   B OP2    1 
ATOM   552  O  "O5'"  . G   B 1 4  ? -8.480  -18.498 -0.958  1.00 45.16 ? 4   G   B "O5'"  1 
ATOM   553  C  "C5'"  . G   B 1 4  ? -9.516  -19.098 -0.178  1.00 44.66 ? 4   G   B "C5'"  1 
ATOM   554  C  "C4'"  . G   B 1 4  ? -8.926  -19.760 1.032   1.00 44.07 ? 4   G   B "C4'"  1 
ATOM   555  O  "O4'"  . G   B 1 4  ? -8.013  -20.805 0.617   1.00 44.14 ? 4   G   B "O4'"  1 
ATOM   556  C  "C3'"  . G   B 1 4  ? -8.047  -18.879 1.895   1.00 45.02 ? 4   G   B "C3'"  1 
ATOM   557  O  "O3'"  . G   B 1 4  ? -8.818  -18.037 2.727   1.00 48.23 ? 4   G   B "O3'"  1 
ATOM   558  C  "C2'"  . G   B 1 4  ? -7.266  -19.919 2.684   1.00 43.94 ? 4   G   B "C2'"  1 
ATOM   559  O  "O2'"  . G   B 1 4  ? -8.058  -20.526 3.683   1.00 42.35 ? 4   G   B "O2'"  1 
ATOM   560  C  "C1'"  . G   B 1 4  ? -6.994  -20.950 1.593   1.00 43.97 ? 4   G   B "C1'"  1 
ATOM   561  N  N9     . G   B 1 4  ? -5.698  -20.722 0.969   1.00 43.45 ? 4   G   B N9     1 
ATOM   562  C  C8     . G   B 1 4  ? -5.430  -20.181 -0.266  1.00 42.78 ? 4   G   B C8     1 
ATOM   563  N  N7     . G   B 1 4  ? -4.152  -20.085 -0.516  1.00 41.84 ? 4   G   B N7     1 
ATOM   564  C  C5     . G   B 1 4  ? -3.543  -20.600 0.619   1.00 41.95 ? 4   G   B C5     1 
ATOM   565  C  C6     . G   B 1 4  ? -2.169  -20.761 0.941   1.00 42.84 ? 4   G   B C6     1 
ATOM   566  O  O6     . G   B 1 4  ? -1.181  -20.478 0.267   1.00 38.27 ? 4   G   B O6     1 
ATOM   567  N  N1     . G   B 1 4  ? -2.004  -21.329 2.201   1.00 40.05 ? 4   G   B N1     1 
ATOM   568  C  C2     . G   B 1 4  ? -3.019  -21.708 3.038   1.00 43.52 ? 4   G   B C2     1 
ATOM   569  N  N2     . G   B 1 4  ? -2.650  -22.266 4.213   1.00 43.90 ? 4   G   B N2     1 
ATOM   570  N  N3     . G   B 1 4  ? -4.299  -21.563 2.754   1.00 42.99 ? 4   G   B N3     1 
ATOM   571  C  C4     . G   B 1 4  ? -4.486  -21.006 1.539   1.00 42.89 ? 4   G   B C4     1 
ATOM   572  P  P      . C   B 1 5  ? -8.220  -16.623 3.190   1.00 48.31 ? 5   C   B P      1 
ATOM   573  O  OP1    . C   B 1 5  ? -9.341  -15.833 3.745   1.00 49.46 ? 5   C   B OP1    1 
ATOM   574  O  OP2    . C   B 1 5  ? -7.412  -16.074 2.066   1.00 48.27 ? 5   C   B OP2    1 
ATOM   575  O  "O5'"  . C   B 1 5  ? -7.222  -17.016 4.362   1.00 49.63 ? 5   C   B "O5'"  1 
ATOM   576  C  "C5'"  . C   B 1 5  ? -7.695  -17.745 5.509   1.00 49.77 ? 5   C   B "C5'"  1 
ATOM   577  C  "C4'"  . C   B 1 5  ? -6.530  -18.177 6.360   1.00 49.06 ? 5   C   B "C4'"  1 
ATOM   578  O  "O4'"  . C   B 1 5  ? -5.718  -19.123 5.617   1.00 48.72 ? 5   C   B "O4'"  1 
ATOM   579  C  "C3'"  . C   B 1 5  ? -5.546  -17.079 6.721   1.00 49.54 ? 5   C   B "C3'"  1 
ATOM   580  O  "O3'"  . C   B 1 5  ? -5.997  -16.287 7.808   1.00 51.56 ? 5   C   B "O3'"  1 
ATOM   581  C  "C2'"  . C   B 1 5  ? -4.297  -17.878 7.051   1.00 49.19 ? 5   C   B "C2'"  1 
ATOM   582  O  "O2'"  . C   B 1 5  ? -4.377  -18.504 8.315   1.00 50.05 ? 5   C   B "O2'"  1 
ATOM   583  C  "C1'"  . C   B 1 5  ? -4.355  -18.955 5.971   1.00 48.26 ? 5   C   B "C1'"  1 
ATOM   584  N  N1     . C   B 1 5  ? -3.605  -18.569 4.766   1.00 45.92 ? 5   C   B N1     1 
ATOM   585  C  C2     . C   B 1 5  ? -2.229  -18.725 4.779   1.00 46.58 ? 5   C   B C2     1 
ATOM   586  O  O2     . C   B 1 5  ? -1.693  -19.164 5.810   1.00 45.68 ? 5   C   B O2     1 
ATOM   587  N  N3     . C   B 1 5  ? -1.511  -18.397 3.676   1.00 44.95 ? 5   C   B N3     1 
ATOM   588  C  C4     . C   B 1 5  ? -2.132  -17.923 2.594   1.00 44.96 ? 5   C   B C4     1 
ATOM   589  N  N4     . C   B 1 5  ? -1.381  -17.623 1.522   1.00 44.27 ? 5   C   B N4     1 
ATOM   590  C  C5     . C   B 1 5  ? -3.543  -17.740 2.558   1.00 44.89 ? 5   C   B C5     1 
ATOM   591  C  C6     . C   B 1 5  ? -4.237  -18.074 3.659   1.00 45.66 ? 5   C   B C6     1 
ATOM   592  P  P      . U   B 1 6  ? -5.598  -14.733 7.867   1.00 54.24 ? 6   U   B P      1 
ATOM   593  O  OP1    . U   B 1 6  ? -6.263  -14.141 9.054   1.00 53.45 ? 6   U   B OP1    1 
ATOM   594  O  OP2    . U   B 1 6  ? -5.846  -14.143 6.518   1.00 53.21 ? 6   U   B OP2    1 
ATOM   595  O  "O5'"  . U   B 1 6  ? -4.022  -14.770 8.110   1.00 52.60 ? 6   U   B "O5'"  1 
ATOM   596  C  "C5'"  . U   B 1 6  ? -3.487  -15.364 9.307   1.00 53.52 ? 6   U   B "C5'"  1 
ATOM   597  C  "C4'"  . U   B 1 6  ? -1.984  -15.470 9.226   1.00 53.71 ? 6   U   B "C4'"  1 
ATOM   598  O  "O4'"  . U   B 1 6  ? -1.598  -16.312 8.106   1.00 52.92 ? 6   U   B "O4'"  1 
ATOM   599  C  "C3'"  . U   B 1 6  ? -1.218  -14.190 8.954   1.00 54.33 ? 6   U   B "C3'"  1 
ATOM   600  O  "O3'"  . U   B 1 6  ? -1.106  -13.357 10.096  1.00 54.45 ? 6   U   B "O3'"  1 
ATOM   601  C  "C2'"  . U   B 1 6  ? 0.128   -14.736 8.503   1.00 53.20 ? 6   U   B "C2'"  1 
ATOM   602  O  "O2'"  . U   B 1 6  ? 0.916   -15.232 9.571   1.00 55.40 ? 6   U   B "O2'"  1 
ATOM   603  C  "C1'"  . U   B 1 6  ? -0.317  -15.912 7.636   1.00 52.42 ? 6   U   B "C1'"  1 
ATOM   604  N  N1     . U   B 1 6  ? -0.420  -15.524 6.220   1.00 50.47 ? 6   U   B N1     1 
ATOM   605  C  C2     . U   B 1 6  ? 0.746   -15.536 5.481   1.00 50.23 ? 6   U   B C2     1 
ATOM   606  O  O2     . U   B 1 6  ? 1.824   -15.841 5.959   1.00 52.16 ? 6   U   B O2     1 
ATOM   607  N  N3     . U   B 1 6  ? 0.605   -15.171 4.161   1.00 49.08 ? 6   U   B N3     1 
ATOM   608  C  C4     . U   B 1 6  ? -0.562  -14.800 3.521   1.00 48.67 ? 6   U   B C4     1 
ATOM   609  O  O4     . U   B 1 6  ? -0.542  -14.566 2.309   1.00 45.77 ? 6   U   B O4     1 
ATOM   610  C  C5     . U   B 1 6  ? -1.728  -14.801 4.359   1.00 49.02 ? 6   U   B C5     1 
ATOM   611  C  C6     . U   B 1 6  ? -1.619  -15.157 5.651   1.00 50.88 ? 6   U   B C6     1 
ATOM   612  P  P      . G   B 1 7  ? -0.743  -11.803 9.910   1.00 55.98 ? 7   G   B P      1 
ATOM   613  O  OP1    . G   B 1 7  ? -0.784  -11.183 11.255  1.00 56.95 ? 7   G   B OP1    1 
ATOM   614  O  OP2    . G   B 1 7  ? -1.594  -11.249 8.819   1.00 56.37 ? 7   G   B OP2    1 
ATOM   615  O  "O5'"  . G   B 1 7  ? 0.764   -11.808 9.400   1.00 54.41 ? 7   G   B "O5'"  1 
ATOM   616  C  "C5'"  . G   B 1 7  ? 1.843   -12.141 10.290  1.00 54.91 ? 7   G   B "C5'"  1 
ATOM   617  C  "C4'"  . G   B 1 7  ? 3.169   -11.981 9.590   1.00 55.23 ? 7   G   B "C4'"  1 
ATOM   618  O  "O4'"  . G   B 1 7  ? 3.242   -12.902 8.471   1.00 53.59 ? 7   G   B "O4'"  1 
ATOM   619  C  "C3'"  . G   B 1 7  ? 3.424   -10.625 8.954   1.00 55.41 ? 7   G   B "C3'"  1 
ATOM   620  O  "O3'"  . G   B 1 7  ? 3.884   -9.671  9.898   1.00 56.32 ? 7   G   B "O3'"  1 
ATOM   621  C  "C2'"  . G   B 1 7  ? 4.498   -10.953 7.928   1.00 54.64 ? 7   G   B "C2'"  1 
ATOM   622  O  "O2'"  . G   B 1 7  ? 5.781   -11.061 8.510   1.00 57.35 ? 7   G   B "O2'"  1 
ATOM   623  C  "C1'"  . G   B 1 7  ? 4.033   -12.327 7.437   1.00 53.17 ? 7   G   B "C1'"  1 
ATOM   624  N  N9     . G   B 1 7  ? 3.229   -12.233 6.222   1.00 49.25 ? 7   G   B N9     1 
ATOM   625  C  C8     . G   B 1 7  ? 1.861   -12.146 6.129   1.00 48.75 ? 7   G   B C8     1 
ATOM   626  N  N7     . G   B 1 7  ? 1.440   -12.034 4.898   1.00 46.00 ? 7   G   B N7     1 
ATOM   627  C  C5     . G   B 1 7  ? 2.598   -12.057 4.135   1.00 46.02 ? 7   G   B C5     1 
ATOM   628  C  C6     . G   B 1 7  ? 2.778   -11.963 2.726   1.00 45.47 ? 7   G   B C6     1 
ATOM   629  O  O6     . G   B 1 7  ? 1.921   -11.830 1.847   1.00 45.40 ? 7   G   B O6     1 
ATOM   630  N  N1     . G   B 1 7  ? 4.123   -12.035 2.376   1.00 45.33 ? 7   G   B N1     1 
ATOM   631  C  C2     . G   B 1 7  ? 5.164   -12.170 3.263   1.00 45.66 ? 7   G   B C2     1 
ATOM   632  N  N2     . G   B 1 7  ? 6.395   -12.216 2.734   1.00 43.21 ? 7   G   B N2     1 
ATOM   633  N  N3     . G   B 1 7  ? 5.011   -12.250 4.573   1.00 45.90 ? 7   G   B N3     1 
ATOM   634  C  C4     . G   B 1 7  ? 3.710   -12.190 4.937   1.00 47.24 ? 7   G   B C4     1 
ATOM   635  P  P      . A   B 1 8  ? 2.931   -8.448  10.305  1.00 59.28 ? 8   A   B P      1 
ATOM   636  O  OP1    . A   B 1 8  ? 2.147   -8.829  11.509  1.00 60.06 ? 8   A   B OP1    1 
ATOM   637  O  OP2    . A   B 1 8  ? 2.214   -8.018  9.071   1.00 58.86 ? 8   A   B OP2    1 
ATOM   638  O  "O5'"  . A   B 1 8  ? 3.947   -7.295  10.725  1.00 59.53 ? 8   A   B "O5'"  1 
ATOM   639  C  "C5'"  . A   B 1 8  ? 4.757   -6.630  9.738   1.00 60.57 ? 8   A   B "C5'"  1 
ATOM   640  C  "C4'"  . A   B 1 8  ? 4.375   -5.170  9.653   1.00 61.09 ? 8   A   B "C4'"  1 
ATOM   641  O  "O4'"  . A   B 1 8  ? 4.413   -4.580  10.970  1.00 61.86 ? 8   A   B "O4'"  1 
ATOM   642  C  "C3'"  . A   B 1 8  ? 5.308   -4.313  8.811   1.00 60.68 ? 8   A   B "C3'"  1 
ATOM   643  O  "O3'"  . A   B 1 8  ? 4.831   -4.362  7.465   1.00 59.62 ? 8   A   B "O3'"  1 
ATOM   644  C  "C2'"  . A   B 1 8  ? 5.114   -2.911  9.398   1.00 61.39 ? 8   A   B "C2'"  1 
ATOM   645  O  "O2'"  . A   B 1 8  ? 4.054   -2.218  8.774   1.00 59.69 ? 8   A   B "O2'"  1 
ATOM   646  C  "C1'"  . A   B 1 8  ? 4.731   -3.211  10.856  1.00 63.10 ? 8   A   B "C1'"  1 
ATOM   647  N  N9     . A   B 1 8  ? 5.673   -2.875  11.926  1.00 65.86 ? 8   A   B N9     1 
ATOM   648  C  C8     . A   B 1 8  ? 6.515   -3.738  12.591  1.00 66.26 ? 8   A   B C8     1 
ATOM   649  N  N7     . A   B 1 8  ? 7.212   -3.167  13.544  1.00 66.65 ? 8   A   B N7     1 
ATOM   650  C  C5     . A   B 1 8  ? 6.812   -1.837  13.502  1.00 67.08 ? 8   A   B C5     1 
ATOM   651  C  C6     . A   B 1 8  ? 7.184   -0.709  14.262  1.00 66.94 ? 8   A   B C6     1 
ATOM   652  N  N6     . A   B 1 8  ? 8.079   -0.751  15.253  1.00 67.26 ? 8   A   B N6     1 
ATOM   653  N  N1     . A   B 1 8  ? 6.599   0.473   13.964  1.00 66.72 ? 8   A   B N1     1 
ATOM   654  C  C2     . A   B 1 8  ? 5.702   0.511   12.969  1.00 66.22 ? 8   A   B C2     1 
ATOM   655  N  N3     . A   B 1 8  ? 5.270   -0.477  12.183  1.00 66.67 ? 8   A   B N3     1 
ATOM   656  C  C4     . A   B 1 8  ? 5.871   -1.640  12.504  1.00 66.66 ? 8   A   B C4     1 
ATOM   657  P  P      . A   B 1 9  ? 5.795   -4.836  6.269   1.00 59.20 ? 9   A   B P      1 
ATOM   658  O  OP1    . A   B 1 9  ? 4.922   -5.097  5.096   1.00 60.18 ? 9   A   B OP1    1 
ATOM   659  O  OP2    . A   B 1 9  ? 6.698   -5.906  6.764   1.00 61.14 ? 9   A   B OP2    1 
ATOM   660  O  "O5'"  . A   B 1 9  ? 6.659   -3.537  5.952   1.00 57.37 ? 9   A   B "O5'"  1 
ATOM   661  C  "C5'"  . A   B 1 9  ? 6.015   -2.267  5.735   1.00 52.65 ? 9   A   B "C5'"  1 
ATOM   662  C  "C4'"  . A   B 1 9  ? 7.012   -1.252  5.228   1.00 49.58 ? 9   A   B "C4'"  1 
ATOM   663  O  "O4'"  . A   B 1 9  ? 7.930   -0.892  6.294   1.00 47.94 ? 9   A   B "O4'"  1 
ATOM   664  C  "C3'"  . A   B 1 9  ? 7.874   -1.703  4.056   1.00 48.26 ? 9   A   B "C3'"  1 
ATOM   665  O  "O3'"  . A   B 1 9  ? 8.161   -0.587  3.243   1.00 47.60 ? 9   A   B "O3'"  1 
ATOM   666  C  "C2'"  . A   B 1 9  ? 9.165   -2.135  4.734   1.00 49.50 ? 9   A   B "C2'"  1 
ATOM   667  O  "O2'"  . A   B 1 9  ? 10.295  -2.021  3.887   1.00 50.22 ? 9   A   B "O2'"  1 
ATOM   668  C  "C1'"  . A   B 1 9  ? 9.256   -1.122  5.873   1.00 48.75 ? 9   A   B "C1'"  1 
ATOM   669  N  N9     . A   B 1 9  ? 10.020  -1.638  7.007   1.00 48.76 ? 9   A   B N9     1 
ATOM   670  C  C8     . A   B 1 9  ? 10.098  -2.942  7.434   1.00 47.39 ? 9   A   B C8     1 
ATOM   671  N  N7     . A   B 1 9  ? 10.890  -3.114  8.461   1.00 47.26 ? 9   A   B N7     1 
ATOM   672  C  C5     . A   B 1 9  ? 11.357  -1.834  8.738   1.00 48.19 ? 9   A   B C5     1 
ATOM   673  C  C6     . A   B 1 9  ? 12.235  -1.345  9.713   1.00 47.52 ? 9   A   B C6     1 
ATOM   674  N  N6     . A   B 1 9  ? 12.820  -2.122  10.630  1.00 46.75 ? 9   A   B N6     1 
ATOM   675  N  N1     . A   B 1 9  ? 12.494  -0.017  9.719   1.00 47.47 ? 9   A   B N1     1 
ATOM   676  C  C2     . A   B 1 9  ? 11.901  0.755   8.799   1.00 45.79 ? 9   A   B C2     1 
ATOM   677  N  N3     . A   B 1 9  ? 11.055  0.411   7.833   1.00 47.17 ? 9   A   B N3     1 
ATOM   678  C  C4     . A   B 1 9  ? 10.824  -0.915  7.855   1.00 47.54 ? 9   A   B C4     1 
ATOM   679  P  P      . G   B 1 10 ? 7.350   -0.381  1.882   1.00 47.17 ? 10  G   B P      1 
ATOM   680  O  OP1    . G   B 1 10 ? 7.793   0.920   1.311   1.00 47.71 ? 10  G   B OP1    1 
ATOM   681  O  OP2    . G   B 1 10 ? 5.909   -0.610  2.175   1.00 48.28 ? 10  G   B OP2    1 
ATOM   682  O  "O5'"  . G   B 1 10 ? 7.840   -1.571  0.938   1.00 45.22 ? 10  G   B "O5'"  1 
ATOM   683  C  "C5'"  . G   B 1 10 ? 9.126   -1.507  0.291   1.00 43.14 ? 10  G   B "C5'"  1 
ATOM   684  C  "C4'"  . G   B 1 10 ? 9.051   -2.112  -1.093  1.00 40.10 ? 10  G   B "C4'"  1 
ATOM   685  O  "O4'"  . G   B 1 10 ? 8.787   -3.533  -0.990  1.00 40.04 ? 10  G   B "O4'"  1 
ATOM   686  C  "C3'"  . G   B 1 10 ? 7.948   -1.598  -2.005  1.00 41.46 ? 10  G   B "C3'"  1 
ATOM   687  O  "O3'"  . G   B 1 10 ? 8.320   -0.371  -2.618  1.00 39.80 ? 10  G   B "O3'"  1 
ATOM   688  C  "C2'"  . G   B 1 10 ? 7.833   -2.737  -3.005  1.00 39.78 ? 10  G   B "C2'"  1 
ATOM   689  O  "O2'"  . G   B 1 10 ? 8.914   -2.734  -3.916  1.00 39.21 ? 10  G   B "O2'"  1 
ATOM   690  C  "C1'"  . G   B 1 10 ? 7.981   -3.948  -2.079  1.00 38.81 ? 10  G   B "C1'"  1 
ATOM   691  N  N9     . G   B 1 10 ? 6.692   -4.366  -1.540  1.00 37.97 ? 10  G   B N9     1 
ATOM   692  C  C8     . G   B 1 10 ? 6.277   -4.293  -0.226  1.00 38.31 ? 10  G   B C8     1 
ATOM   693  N  N7     . G   B 1 10 ? 5.056   -4.722  -0.052  1.00 36.60 ? 10  G   B N7     1 
ATOM   694  C  C5     . G   B 1 10 ? 4.641   -5.102  -1.324  1.00 35.09 ? 10  G   B C5     1 
ATOM   695  C  C6     . G   B 1 10 ? 3.401   -5.626  -1.776  1.00 36.61 ? 10  G   B C6     1 
ATOM   696  O  O6     . G   B 1 10 ? 2.373   -5.870  -1.127  1.00 35.85 ? 10  G   B O6     1 
ATOM   697  N  N1     . G   B 1 10 ? 3.416   -5.859  -3.145  1.00 35.28 ? 10  G   B N1     1 
ATOM   698  C  C2     . G   B 1 10 ? 4.474   -5.617  -3.982  1.00 35.88 ? 10  G   B C2     1 
ATOM   699  N  N2     . G   B 1 10 ? 4.279   -5.911  -5.278  1.00 35.60 ? 10  G   B N2     1 
ATOM   700  N  N3     . G   B 1 10 ? 5.630   -5.130  -3.581  1.00 36.74 ? 10  G   B N3     1 
ATOM   701  C  C4     . G   B 1 10 ? 5.646   -4.893  -2.251  1.00 37.00 ? 10  G   B C4     1 
ATOM   702  P  P      . U   B 1 11 ? 7.191   0.616   -3.200  1.00 42.37 ? 11  U   B P      1 
ATOM   703  O  OP1    . U   B 1 11 ? 7.920   1.757   -3.816  1.00 42.13 ? 11  U   B OP1    1 
ATOM   704  O  OP2    . U   B 1 11 ? 6.175   0.879   -2.158  1.00 42.38 ? 11  U   B OP2    1 
ATOM   705  O  "O5'"  . U   B 1 11 ? 6.491   -0.213  -4.365  1.00 40.58 ? 11  U   B "O5'"  1 
ATOM   706  C  "C5'"  . U   B 1 11 ? 7.185   -0.464  -5.602  1.00 41.97 ? 11  U   B "C5'"  1 
ATOM   707  C  "C4'"  . U   B 1 11 ? 6.237   -1.052  -6.619  1.00 41.45 ? 11  U   B "C4'"  1 
ATOM   708  O  "O4'"  . U   B 1 11 ? 5.712   -2.307  -6.109  1.00 41.47 ? 11  U   B "O4'"  1 
ATOM   709  C  "C3'"  . U   B 1 11 ? 4.987   -0.236  -6.899  1.00 40.84 ? 11  U   B "C3'"  1 
ATOM   710  O  "O3'"  . U   B 1 11 ? 5.227   0.801   -7.842  1.00 42.50 ? 11  U   B "O3'"  1 
ATOM   711  C  "C2'"  . U   B 1 11 ? 4.041   -1.282  -7.450  1.00 39.57 ? 11  U   B "C2'"  1 
ATOM   712  O  "O2'"  . U   B 1 11 ? 4.345   -1.621  -8.790  1.00 40.84 ? 11  U   B "O2'"  1 
ATOM   713  C  "C1'"  . U   B 1 11 ? 4.375   -2.476  -6.555  1.00 39.02 ? 11  U   B "C1'"  1 
ATOM   714  N  N1     . U   B 1 11 ? 3.497   -2.572  -5.379  1.00 34.21 ? 11  U   B N1     1 
ATOM   715  C  C2     . U   B 1 11 ? 2.244   -3.112  -5.570  1.00 33.52 ? 11  U   B C2     1 
ATOM   716  O  O2     . U   B 1 11 ? 1.846   -3.495  -6.663  1.00 32.08 ? 11  U   B O2     1 
ATOM   717  N  N3     . U   B 1 11 ? 1.469   -3.195  -4.440  1.00 32.44 ? 11  U   B N3     1 
ATOM   718  C  C4     . U   B 1 11 ? 1.816   -2.812  -3.158  1.00 33.79 ? 11  U   B C4     1 
ATOM   719  O  O4     . U   B 1 11 ? 1.025   -3.018  -2.229  1.00 30.17 ? 11  U   B O4     1 
ATOM   720  C  C5     . U   B 1 11 ? 3.128   -2.247  -3.041  1.00 32.11 ? 11  U   B C5     1 
ATOM   721  C  C6     . U   B 1 11 ? 3.906   -2.146  -4.134  1.00 34.90 ? 11  U   B C6     1 
ATOM   722  P  P      . G   B 1 12 ? 4.375   2.155   -7.754  1.00 43.28 ? 12  G   B P      1 
ATOM   723  O  OP1    . G   B 1 12 ? 5.054   3.168   -8.616  1.00 42.73 ? 12  G   B OP1    1 
ATOM   724  O  OP2    . G   B 1 12 ? 4.126   2.465   -6.332  1.00 40.86 ? 12  G   B OP2    1 
ATOM   725  O  "O5'"  . G   B 1 12 ? 2.971   1.779   -8.386  1.00 39.77 ? 12  G   B "O5'"  1 
ATOM   726  C  "C5'"  . G   B 1 12 ? 2.853   1.396   -9.749  1.00 42.30 ? 12  G   B "C5'"  1 
ATOM   727  C  "C4'"  . G   B 1 12 ? 1.436   0.981   -10.036 1.00 40.81 ? 12  G   B "C4'"  1 
ATOM   728  O  "O4'"  . G   B 1 12 ? 1.150   -0.252  -9.318  1.00 40.30 ? 12  G   B "O4'"  1 
ATOM   729  C  "C3'"  . G   B 1 12 ? 0.355   1.939   -9.562  1.00 41.48 ? 12  G   B "C3'"  1 
ATOM   730  O  "O3'"  . G   B 1 12 ? 0.143   3.033   -10.458 1.00 45.62 ? 12  G   B "O3'"  1 
ATOM   731  C  "C2'"  . G   B 1 12 ? -0.853  1.020   -9.467  1.00 39.71 ? 12  G   B "C2'"  1 
ATOM   732  O  "O2'"  . G   B 1 12 ? -1.405  0.722   -10.738 1.00 40.32 ? 12  G   B "O2'"  1 
ATOM   733  C  "C1'"  . G   B 1 12 ? -0.209  -0.249  -8.902  1.00 37.92 ? 12  G   B "C1'"  1 
ATOM   734  N  N9     . G   B 1 12 ? -0.255  -0.291  -7.443  1.00 34.69 ? 12  G   B N9     1 
ATOM   735  C  C8     . G   B 1 12 ? 0.733   0.052   -6.546  1.00 33.51 ? 12  G   B C8     1 
ATOM   736  N  N7     . G   B 1 12 ? 0.372   -0.121  -5.297  1.00 30.21 ? 12  G   B N7     1 
ATOM   737  C  C5     . G   B 1 12 ? -0.929  -0.597  -5.381  1.00 28.52 ? 12  G   B C5     1 
ATOM   738  C  C6     . G   B 1 12 ? -1.853  -0.986  -4.356  1.00 31.00 ? 12  G   B C6     1 
ATOM   739  O  O6     . G   B 1 12 ? -1.698  -0.966  -3.106  1.00 26.59 ? 12  G   B O6     1 
ATOM   740  N  N1     . G   B 1 12 ? -3.055  -1.427  -4.900  1.00 26.16 ? 12  G   B N1     1 
ATOM   741  C  C2     . G   B 1 12 ? -3.344  -1.479  -6.241  1.00 31.87 ? 12  G   B C2     1 
ATOM   742  N  N2     . G   B 1 12 ? -4.550  -1.947  -6.573  1.00 30.54 ? 12  G   B N2     1 
ATOM   743  N  N3     . G   B 1 12 ? -2.501  -1.108  -7.192  1.00 27.96 ? 12  G   B N3     1 
ATOM   744  C  C4     . G   B 1 12 ? -1.329  -0.696  -6.700  1.00 30.07 ? 12  G   B C4     1 
ATOM   745  P  P      . C   B 1 13 ? -0.509  4.401   -9.913  1.00 46.32 ? 13  C   B P      1 
ATOM   746  O  OP1    . C   B 1 13 ? -0.447  5.373   -11.044 1.00 51.56 ? 13  C   B OP1    1 
ATOM   747  O  OP2    . C   B 1 13 ? 0.110   4.767   -8.616  1.00 45.64 ? 13  C   B OP2    1 
ATOM   748  O  "O5'"  . C   B 1 13 ? -2.046  4.046   -9.659  1.00 47.61 ? 13  C   B "O5'"  1 
ATOM   749  C  "C5'"  . C   B 1 13 ? -3.001  4.008   -10.748 1.00 45.64 ? 13  C   B "C5'"  1 
ATOM   750  C  "C4'"  . C   B 1 13 ? -4.410  3.844   -10.210 1.00 45.14 ? 13  C   B "C4'"  1 
ATOM   751  O  "O4'"  . C   B 1 13 ? -4.512  2.582   -9.501  1.00 42.08 ? 13  C   B "O4'"  1 
ATOM   752  C  "C3'"  . C   B 1 13 ? -4.863  4.871   -9.180  1.00 45.14 ? 13  C   B "C3'"  1 
ATOM   753  O  "O3'"  . C   B 1 13 ? -5.342  6.067   -9.781  1.00 48.61 ? 13  C   B "O3'"  1 
ATOM   754  C  "C2'"  . C   B 1 13 ? -5.984  4.134   -8.467  1.00 41.47 ? 13  C   B "C2'"  1 
ATOM   755  O  "O2'"  . C   B 1 13 ? -7.183  4.121   -9.212  1.00 42.41 ? 13  C   B "O2'"  1 
ATOM   756  C  "C1'"  . C   B 1 13 ? -5.403  2.722   -8.400  1.00 40.64 ? 13  C   B "C1'"  1 
ATOM   757  N  N1     . C   B 1 13 ? -4.637  2.539   -7.160  1.00 36.61 ? 13  C   B N1     1 
ATOM   758  C  C2     . C   B 1 13 ? -5.335  2.266   -5.983  1.00 34.86 ? 13  C   B C2     1 
ATOM   759  O  O2     . C   B 1 13 ? -6.573  2.180   -6.032  1.00 37.94 ? 13  C   B O2     1 
ATOM   760  N  N3     . C   B 1 13 ? -4.649  2.113   -4.830  1.00 30.77 ? 13  C   B N3     1 
ATOM   761  C  C4     . C   B 1 13 ? -3.317  2.234   -4.820  1.00 33.01 ? 13  C   B C4     1 
ATOM   762  N  N4     . C   B 1 13 ? -2.678  2.109   -3.647  1.00 33.78 ? 13  C   B N4     1 
ATOM   763  C  C5     . C   B 1 13 ? -2.578  2.500   -6.010  1.00 31.58 ? 13  C   B C5     1 
ATOM   764  C  C6     . C   B 1 13 ? -3.276  2.645   -7.149  1.00 33.44 ? 13  C   B C6     1 
ATOM   765  P  P      . A   B 1 14 ? -4.982  7.484   -9.122  1.00 50.83 ? 14  A   B P      1 
ATOM   766  O  OP1    . A   B 1 14 ? -5.614  8.522   -9.981  1.00 52.03 ? 14  A   B OP1    1 
ATOM   767  O  OP2    . A   B 1 14 ? -3.521  7.535   -8.855  1.00 50.15 ? 14  A   B OP2    1 
ATOM   768  O  "O5'"  . A   B 1 14 ? -5.694  7.470   -7.692  1.00 50.22 ? 14  A   B "O5'"  1 
ATOM   769  C  "C5'"  . A   B 1 14 ? -7.103  7.653   -7.579  1.00 48.18 ? 14  A   B "C5'"  1 
ATOM   770  C  "C4'"  . A   B 1 14 ? -7.611  7.111   -6.262  1.00 45.75 ? 14  A   B "C4'"  1 
ATOM   771  O  "O4'"  . A   B 1 14 ? -7.000  5.814   -6.007  1.00 44.23 ? 14  A   B "O4'"  1 
ATOM   772  C  "C3'"  . A   B 1 14 ? -7.288  7.833   -4.963  1.00 45.53 ? 14  A   B "C3'"  1 
ATOM   773  O  "O3'"  . A   B 1 14 ? -8.049  9.025   -4.759  1.00 45.73 ? 14  A   B "O3'"  1 
ATOM   774  C  "C2'"  . A   B 1 14 ? -7.702  6.762   -3.961  1.00 44.31 ? 14  A   B "C2'"  1 
ATOM   775  O  "O2'"  . A   B 1 14 ? -9.101  6.605   -3.909  1.00 43.67 ? 14  A   B "O2'"  1 
ATOM   776  C  "C1'"  . A   B 1 14 ? -7.138  5.508   -4.627  1.00 42.89 ? 14  A   B "C1'"  1 
ATOM   777  N  N9     . A   B 1 14 ? -5.827  5.237   -4.053  1.00 40.07 ? 14  A   B N9     1 
ATOM   778  C  C8     . A   B 1 14 ? -4.572  5.408   -4.572  1.00 39.33 ? 14  A   B C8     1 
ATOM   779  N  N7     . A   B 1 14 ? -3.611  5.091   -3.738  1.00 40.64 ? 14  A   B N7     1 
ATOM   780  C  C5     . A   B 1 14 ? -4.285  4.675   -2.597  1.00 37.81 ? 14  A   B C5     1 
ATOM   781  C  C6     . A   B 1 14 ? -3.842  4.203   -1.350  1.00 36.98 ? 14  A   B C6     1 
ATOM   782  N  N6     . A   B 1 14 ? -2.552  4.067   -1.019  1.00 34.38 ? 14  A   B N6     1 
ATOM   783  N  N1     . A   B 1 14 ? -4.784  3.870   -0.437  1.00 36.50 ? 14  A   B N1     1 
ATOM   784  C  C2     . A   B 1 14 ? -6.071  4.008   -0.763  1.00 35.83 ? 14  A   B C2     1 
ATOM   785  N  N3     . A   B 1 14 ? -6.611  4.440   -1.900  1.00 35.25 ? 14  A   B N3     1 
ATOM   786  C  C4     . A   B 1 14 ? -5.650  4.758   -2.782  1.00 38.89 ? 14  A   B C4     1 
ATOM   787  P  P      . C   B 1 15 ? -7.506  10.150  -3.744  1.00 47.24 ? 15  C   B P      1 
ATOM   788  O  OP1    . C   B 1 15 ? -8.411  11.330  -3.853  1.00 49.03 ? 15  C   B OP1    1 
ATOM   789  O  OP2    . C   B 1 15 ? -6.046  10.319  -3.955  1.00 48.29 ? 15  C   B OP2    1 
ATOM   790  O  "O5'"  . C   B 1 15 ? -7.683  9.521   -2.288  1.00 44.83 ? 15  C   B "O5'"  1 
ATOM   791  C  "C5'"  . C   B 1 15 ? -8.982  9.163   -1.807  1.00 45.87 ? 15  C   B "C5'"  1 
ATOM   792  C  "C4'"  . C   B 1 15 ? -8.890  8.559   -0.425  1.00 45.89 ? 15  C   B "C4'"  1 
ATOM   793  O  "O4'"  . C   B 1 15 ? -8.051  7.370   -0.462  1.00 45.28 ? 15  C   B "O4'"  1 
ATOM   794  C  "C3'"  . C   B 1 15 ? -8.234  9.392   0.661   1.00 46.92 ? 15  C   B "C3'"  1 
ATOM   795  O  "O3'"  . C   B 1 15 ? -9.090  10.399  1.185   1.00 50.90 ? 15  C   B "O3'"  1 
ATOM   796  C  "C2'"  . C   B 1 15 ? -7.927  8.329   1.707   1.00 46.07 ? 15  C   B "C2'"  1 
ATOM   797  O  "O2'"  . C   B 1 15 ? -9.087  7.940   2.415   1.00 46.51 ? 15  C   B "O2'"  1 
ATOM   798  C  "C1'"  . C   B 1 15 ? -7.473  7.165   0.822   1.00 45.32 ? 15  C   B "C1'"  1 
ATOM   799  N  N1     . C   B 1 15 ? -6.003  7.112   0.697   1.00 43.38 ? 15  C   B N1     1 
ATOM   800  C  C2     . C   B 1 15 ? -5.271  6.572   1.760   1.00 43.52 ? 15  C   B C2     1 
ATOM   801  O  O2     . C   B 1 15 ? -5.890  6.124   2.748   1.00 42.28 ? 15  C   B O2     1 
ATOM   802  N  N3     . C   B 1 15 ? -3.917  6.544   1.688   1.00 41.22 ? 15  C   B N3     1 
ATOM   803  C  C4     . C   B 1 15 ? -3.296  7.018   0.602   1.00 42.01 ? 15  C   B C4     1 
ATOM   804  N  N4     . C   B 1 15 ? -1.957  6.969   0.570   1.00 37.18 ? 15  C   B N4     1 
ATOM   805  C  C5     . C   B 1 15 ? -4.020  7.560   -0.504  1.00 41.10 ? 15  C   B C5     1 
ATOM   806  C  C6     . C   B 1 15 ? -5.361  7.586   -0.414  1.00 43.32 ? 15  C   B C6     1 
ATOM   807  P  P      . A   B 1 16 ? -8.448  11.717  1.850   1.00 53.51 ? 16  A   B P      1 
ATOM   808  O  OP1    . A   B 1 16 ? -9.559  12.601  2.292   1.00 56.14 ? 16  A   B OP1    1 
ATOM   809  O  OP2    . A   B 1 16 ? -7.427  12.242  0.908   1.00 53.22 ? 16  A   B OP2    1 
ATOM   810  O  "O5'"  . A   B 1 16 ? -7.688  11.184  3.142   1.00 51.88 ? 16  A   B "O5'"  1 
ATOM   811  C  "C5'"  . A   B 1 16 ? -8.420  10.612  4.228   1.00 49.62 ? 16  A   B "C5'"  1 
ATOM   812  C  "C4'"  . A   B 1 16 ? -7.476  10.115  5.289   1.00 47.68 ? 16  A   B "C4'"  1 
ATOM   813  O  "O4'"  . A   B 1 16 ? -6.611  9.096   4.730   1.00 46.00 ? 16  A   B "O4'"  1 
ATOM   814  C  "C3'"  . A   B 1 16 ? -6.487  11.117  5.853   1.00 47.69 ? 16  A   B "C3'"  1 
ATOM   815  O  "O3'"  . A   B 1 16 ? -7.101  11.951  6.819   1.00 50.11 ? 16  A   B "O3'"  1 
ATOM   816  C  "C2'"  . A   B 1 16 ? -5.453  10.194  6.490   1.00 45.84 ? 16  A   B "C2'"  1 
ATOM   817  O  "O2'"  . A   B 1 16 ? -5.881  9.651   7.724   1.00 45.16 ? 16  A   B "O2'"  1 
ATOM   818  C  "C1'"  . A   B 1 16 ? -5.398  9.061   5.462   1.00 43.05 ? 16  A   B "C1'"  1 
ATOM   819  N  N9     . A   B 1 16 ? -4.280  9.215   4.536   1.00 39.98 ? 16  A   B N9     1 
ATOM   820  C  C8     . A   B 1 16 ? -4.276  9.648   3.233   1.00 37.63 ? 16  A   B C8     1 
ATOM   821  N  N7     . A   B 1 16 ? -3.077  9.682   2.696   1.00 37.26 ? 16  A   B N7     1 
ATOM   822  C  C5     . A   B 1 16 ? -2.242  9.240   3.715   1.00 36.28 ? 16  A   B C5     1 
ATOM   823  C  C6     . A   B 1 16 ? -0.855  9.052   3.786   1.00 35.60 ? 16  A   B C6     1 
ATOM   824  N  N6     . A   B 1 16 ? -0.019  9.275   2.762   1.00 32.96 ? 16  A   B N6     1 
ATOM   825  N  N1     . A   B 1 16 ? -0.338  8.611   4.957   1.00 35.35 ? 16  A   B N1     1 
ATOM   826  C  C2     . A   B 1 16 ? -1.178  8.359   5.977   1.00 38.01 ? 16  A   B C2     1 
ATOM   827  N  N3     . A   B 1 16 ? -2.500  8.488   6.025   1.00 35.27 ? 16  A   B N3     1 
ATOM   828  C  C4     . A   B 1 16 ? -2.973  8.942   4.849   1.00 36.88 ? 16  A   B C4     1 
ATOM   829  P  P      . C   B 1 17 ? -6.555  13.442  7.039   1.00 50.72 ? 17  C   B P      1 
ATOM   830  O  OP1    . C   B 1 17 ? -7.452  14.067  8.048   1.00 50.99 ? 17  C   B OP1    1 
ATOM   831  O  OP2    . C   B 1 17 ? -6.393  14.074  5.694   1.00 50.30 ? 17  C   B OP2    1 
ATOM   832  O  "O5'"  . C   B 1 17 ? -5.124  13.229  7.690   1.00 48.35 ? 17  C   B "O5'"  1 
ATOM   833  C  "C5'"  . C   B 1 17 ? -5.005  12.614  8.977   1.00 51.33 ? 17  C   B "C5'"  1 
ATOM   834  C  "C4'"  . C   B 1 17 ? -3.556  12.441  9.332   1.00 51.55 ? 17  C   B "C4'"  1 
ATOM   835  O  "O4'"  . C   B 1 17 ? -2.958  11.446  8.461   1.00 49.43 ? 17  C   B "O4'"  1 
ATOM   836  C  "C3'"  . C   B 1 17 ? -2.690  13.665  9.104   1.00 51.54 ? 17  C   B "C3'"  1 
ATOM   837  O  "O3'"  . C   B 1 17 ? -2.820  14.635  10.129  1.00 54.90 ? 17  C   B "O3'"  1 
ATOM   838  C  "C2'"  . C   B 1 17 ? -1.304  13.047  9.028   1.00 50.70 ? 17  C   B "C2'"  1 
ATOM   839  O  "O2'"  . C   B 1 17 ? -0.801  12.659  10.294  1.00 51.06 ? 17  C   B "O2'"  1 
ATOM   840  C  "C1'"  . C   B 1 17 ? -1.602  11.794  8.203   1.00 48.03 ? 17  C   B "C1'"  1 
ATOM   841  N  N1     . C   B 1 17 ? -1.464  12.051  6.763   1.00 44.45 ? 17  C   B N1     1 
ATOM   842  C  C2     . C   B 1 17 ? -0.210  11.876  6.164   1.00 42.40 ? 17  C   B C2     1 
ATOM   843  O  O2     . C   B 1 17 ? 0.754   11.531  6.869   1.00 39.33 ? 17  C   B O2     1 
ATOM   844  N  N3     . C   B 1 17 ? -0.083  12.090  4.835   1.00 40.60 ? 17  C   B N3     1 
ATOM   845  C  C4     . C   B 1 17 ? -1.143  12.457  4.109   1.00 41.62 ? 17  C   B C4     1 
ATOM   846  N  N4     . C   B 1 17 ? -0.976  12.617  2.789   1.00 39.71 ? 17  C   B N4     1 
ATOM   847  C  C5     . C   B 1 17 ? -2.422  12.662  4.697   1.00 41.95 ? 17  C   B C5     1 
ATOM   848  C  C6     . C   B 1 17 ? -2.537  12.452  6.015   1.00 42.35 ? 17  C   B C6     1 
ATOM   849  P  P      . A   B 1 18 ? -2.735  16.192  9.747   1.00 55.84 ? 18  A   B P      1 
ATOM   850  O  OP1    . A   B 1 18 ? -3.056  16.992  10.965  1.00 57.31 ? 18  A   B OP1    1 
ATOM   851  O  OP2    . A   B 1 18 ? -3.515  16.407  8.496   1.00 55.11 ? 18  A   B OP2    1 
ATOM   852  O  "O5'"  . A   B 1 18 ? -1.196  16.413  9.409   1.00 54.31 ? 18  A   B "O5'"  1 
ATOM   853  C  "C5'"  . A   B 1 18 ? -0.184  16.151  10.392  1.00 51.88 ? 18  A   B "C5'"  1 
ATOM   854  C  "C4'"  . A   B 1 18 ? 1.176   16.413  9.800   1.00 51.97 ? 18  A   B "C4'"  1 
ATOM   855  O  "O4'"  . A   B 1 18 ? 1.500   15.385  8.827   1.00 50.72 ? 18  A   B "O4'"  1 
ATOM   856  C  "C3'"  . A   B 1 18 ? 1.264   17.695  8.995   1.00 52.00 ? 18  A   B "C3'"  1 
ATOM   857  O  "O3'"  . A   B 1 18 ? 1.421   18.847  9.804   1.00 53.99 ? 18  A   B "O3'"  1 
ATOM   858  C  "C2'"  . A   B 1 18 ? 2.471   17.434  8.111   1.00 49.74 ? 18  A   B "C2'"  1 
ATOM   859  O  "O2'"  . A   B 1 18 ? 3.685   17.598  8.808   1.00 49.82 ? 18  A   B "O2'"  1 
ATOM   860  C  "C1'"  . A   B 1 18 ? 2.272   15.956  7.776   1.00 49.59 ? 18  A   B "C1'"  1 
ATOM   861  N  N9     . A   B 1 18 ? 1.555   15.771  6.519   1.00 46.51 ? 18  A   B N9     1 
ATOM   862  C  C8     . A   B 1 18 ? 0.203   15.646  6.318   1.00 46.94 ? 18  A   B C8     1 
ATOM   863  N  N7     . A   B 1 18 ? -0.131  15.478  5.061   1.00 44.07 ? 18  A   B N7     1 
ATOM   864  C  C5     . A   B 1 18 ? 1.083   15.494  4.387   1.00 42.39 ? 18  A   B C5     1 
ATOM   865  C  C6     . A   B 1 18 ? 1.417   15.355  3.026   1.00 39.98 ? 18  A   B C6     1 
ATOM   866  N  N6     . A   B 1 18 ? 0.520   15.167  2.057   1.00 40.17 ? 18  A   B N6     1 
ATOM   867  N  N1     . A   B 1 18 ? 2.726   15.418  2.691   1.00 38.48 ? 18  A   B N1     1 
ATOM   868  C  C2     . A   B 1 18 ? 3.629   15.616  3.654   1.00 38.11 ? 18  A   B C2     1 
ATOM   869  N  N3     . A   B 1 18 ? 3.442   15.761  4.968   1.00 41.84 ? 18  A   B N3     1 
ATOM   870  C  C4     . A   B 1 18 ? 2.130   15.683  5.272   1.00 43.87 ? 18  A   B C4     1 
ATOM   871  P  P      . G   B 1 19 ? 0.889   20.261  9.261   1.00 56.64 ? 19  G   B P      1 
ATOM   872  O  OP1    . G   B 1 19 ? 0.938   21.224  10.398  1.00 57.87 ? 19  G   B OP1    1 
ATOM   873  O  OP2    . G   B 1 19 ? -0.395  20.018  8.556   1.00 55.72 ? 19  G   B OP2    1 
ATOM   874  O  "O5'"  . G   B 1 19 ? 1.951   20.682  8.145   1.00 53.08 ? 19  G   B "O5'"  1 
ATOM   875  C  "C5'"  . G   B 1 19 ? 3.353   20.782  8.457   1.00 52.26 ? 19  G   B "C5'"  1 
ATOM   876  C  "C4'"  . G   B 1 19 ? 4.198   20.773  7.190   1.00 49.33 ? 19  G   B "C4'"  1 
ATOM   877  O  "O4'"  . G   B 1 19 ? 4.040   19.508  6.489   1.00 47.37 ? 19  G   B "O4'"  1 
ATOM   878  C  "C3'"  . G   B 1 19 ? 3.906   21.799  6.101   1.00 48.11 ? 19  G   B "C3'"  1 
ATOM   879  O  "O3'"  . G   B 1 19 ? 4.441   23.087  6.392   1.00 48.29 ? 19  G   B "O3'"  1 
ATOM   880  C  "C2'"  . G   B 1 19 ? 4.643   21.186  4.915   1.00 47.22 ? 19  G   B "C2'"  1 
ATOM   881  O  "O2'"  . G   B 1 19 ? 6.042   21.371  5.001   1.00 44.10 ? 19  G   B "O2'"  1 
ATOM   882  C  "C1'"  . G   B 1 19 ? 4.340   19.701  5.114   1.00 46.35 ? 19  G   B "C1'"  1 
ATOM   883  N  N9     . G   B 1 19 ? 3.203   19.287  4.303   1.00 43.37 ? 19  G   B N9     1 
ATOM   884  C  C8     . G   B 1 19 ? 1.898   19.122  4.690   1.00 42.90 ? 19  G   B C8     1 
ATOM   885  N  N7     . G   B 1 19 ? 1.115   18.764  3.706   1.00 43.42 ? 19  G   B N7     1 
ATOM   886  C  C5     . G   B 1 19 ? 1.963   18.682  2.605   1.00 42.19 ? 19  G   B C5     1 
ATOM   887  C  C6     . G   B 1 19 ? 1.694   18.331  1.241   1.00 41.14 ? 19  G   B C6     1 
ATOM   888  O  O6     . G   B 1 19 ? 0.619   18.001  0.722   1.00 38.34 ? 19  G   B O6     1 
ATOM   889  N  N1     . G   B 1 19 ? 2.849   18.391  0.463   1.00 40.86 ? 19  G   B N1     1 
ATOM   890  C  C2     . G   B 1 19 ? 4.093   18.735  0.923   1.00 40.41 ? 19  G   B C2     1 
ATOM   891  N  N2     . G   B 1 19 ? 5.075   18.754  0.012   1.00 38.54 ? 19  G   B N2     1 
ATOM   892  N  N3     . G   B 1 19 ? 4.358   19.045  2.184   1.00 41.36 ? 19  G   B N3     1 
ATOM   893  C  C4     . G   B 1 19 ? 3.252   19.002  2.961   1.00 42.12 ? 19  G   B C4     1 
ATOM   894  P  P      . C   B 1 20 ? 3.865   24.381  5.627   1.00 47.51 ? 20  C   B P      1 
ATOM   895  O  OP1    . C   B 1 20 ? 4.422   25.591  6.295   1.00 48.62 ? 20  C   B OP1    1 
ATOM   896  O  OP2    . C   B 1 20 ? 2.399   24.214  5.508   1.00 47.87 ? 20  C   B OP2    1 
ATOM   897  O  "O5'"  . C   B 1 20 ? 4.507   24.315  4.169   1.00 48.50 ? 20  C   B "O5'"  1 
ATOM   898  C  "C5'"  . C   B 1 20 ? 5.932   24.394  3.996   1.00 47.21 ? 20  C   B "C5'"  1 
ATOM   899  C  "C4'"  . C   B 1 20 ? 6.306   24.078  2.568   1.00 48.30 ? 20  C   B "C4'"  1 
ATOM   900  O  "O4'"  . C   B 1 20 ? 5.834   22.745  2.229   1.00 47.07 ? 20  C   B "O4'"  1 
ATOM   901  C  "C3'"  . C   B 1 20 ? 5.667   24.956  1.505   1.00 48.23 ? 20  C   B "C3'"  1 
ATOM   902  O  "O3'"  . C   B 1 20 ? 6.348   26.189  1.347   1.00 52.33 ? 20  C   B "O3'"  1 
ATOM   903  C  "C2'"  . C   B 1 20 ? 5.785   24.079  0.269   1.00 47.88 ? 20  C   B "C2'"  1 
ATOM   904  O  "O2'"  . C   B 1 20 ? 7.109   24.038  -0.231  1.00 44.76 ? 20  C   B "O2'"  1 
ATOM   905  C  "C1'"  . C   B 1 20 ? 5.456   22.710  0.860   1.00 44.93 ? 20  C   B "C1'"  1 
ATOM   906  N  N1     . C   B 1 20 ? 4.026   22.372  0.776   1.00 44.21 ? 20  C   B N1     1 
ATOM   907  C  C2     . C   B 1 20 ? 3.523   21.912  -0.440  1.00 43.43 ? 20  C   B C2     1 
ATOM   908  O  O2     . C   B 1 20 ? 4.290   21.847  -1.419  1.00 42.46 ? 20  C   B O2     1 
ATOM   909  N  N3     . C   B 1 20 ? 2.218   21.553  -0.524  1.00 43.74 ? 20  C   B N3     1 
ATOM   910  C  C4     . C   B 1 20 ? 1.427   21.648  0.553   1.00 44.89 ? 20  C   B C4     1 
ATOM   911  N  N4     . C   B 1 20 ? 0.153   21.261  0.433   1.00 43.09 ? 20  C   B N4     1 
ATOM   912  C  C5     . C   B 1 20 ? 1.912   22.140  1.802   1.00 42.73 ? 20  C   B C5     1 
ATOM   913  C  C6     . C   B 1 20 ? 3.206   22.487  1.867   1.00 43.49 ? 20  C   B C6     1 
ATOM   914  P  P      . A   B 1 21 ? 5.514   27.497  0.943   1.00 54.15 ? 21  A   B P      1 
ATOM   915  O  OP1    . A   B 1 21 ? 6.409   28.682  1.025   1.00 54.74 ? 21  A   B OP1    1 
ATOM   916  O  OP2    . A   B 1 21 ? 4.251   27.466  1.726   1.00 54.57 ? 21  A   B OP2    1 
ATOM   917  O  "O5'"  . A   B 1 21 ? 5.128   27.248  -0.579  1.00 54.32 ? 21  A   B "O5'"  1 
ATOM   918  C  "C5'"  . A   B 1 21 ? 6.126   27.265  -1.606  1.00 56.09 ? 21  A   B "C5'"  1 
ATOM   919  C  "C4'"  . A   B 1 21 ? 5.484   26.999  -2.943  1.00 57.34 ? 21  A   B "C4'"  1 
ATOM   920  O  "O4'"  . A   B 1 21 ? 4.970   25.640  -2.969  1.00 57.08 ? 21  A   B "O4'"  1 
ATOM   921  C  "C3'"  . A   B 1 21 ? 4.258   27.845  -3.240  1.00 58.47 ? 21  A   B "C3'"  1 
ATOM   922  O  "O3'"  . A   B 1 21 ? 4.612   29.134  -3.722  1.00 62.60 ? 21  A   B "O3'"  1 
ATOM   923  C  "C2'"  . A   B 1 21 ? 3.535   27.007  -4.283  1.00 57.29 ? 21  A   B "C2'"  1 
ATOM   924  O  "O2'"  . A   B 1 21 ? 4.104   27.137  -5.570  1.00 59.45 ? 21  A   B "O2'"  1 
ATOM   925  C  "C1'"  . A   B 1 21 ? 3.790   25.593  -3.754  1.00 56.19 ? 21  A   B "C1'"  1 
ATOM   926  N  N9     . A   B 1 21 ? 2.705   25.074  -2.922  1.00 53.37 ? 21  A   B N9     1 
ATOM   927  C  C8     . A   B 1 21 ? 2.624   25.039  -1.550  1.00 53.06 ? 21  A   B C8     1 
ATOM   928  N  N7     . A   B 1 21 ? 1.515   24.502  -1.100  1.00 51.50 ? 21  A   B N7     1 
ATOM   929  C  C5     . A   B 1 21 ? 0.819   24.163  -2.250  1.00 49.93 ? 21  A   B C5     1 
ATOM   930  C  C6     . A   B 1 21 ? -0.428  23.557  -2.454  1.00 49.69 ? 21  A   B C6     1 
ATOM   931  N  N6     . A   B 1 21 ? -1.234  23.167  -1.460  1.00 48.31 ? 21  A   B N6     1 
ATOM   932  N  N1     . A   B 1 21 ? -0.830  23.358  -3.729  1.00 50.30 ? 21  A   B N1     1 
ATOM   933  C  C2     . A   B 1 21 ? -0.023  23.746  -4.725  1.00 49.66 ? 21  A   B C2     1 
ATOM   934  N  N3     . A   B 1 21 ? 1.173   24.325  -4.661  1.00 49.37 ? 21  A   B N3     1 
ATOM   935  C  C4     . A   B 1 21 ? 1.540   24.510  -3.380  1.00 52.05 ? 21  A   B C4     1 
ATOM   936  P  P      . A   B 1 22 ? 3.605   30.366  -3.500  1.00 64.67 ? 22  A   B P      1 
ATOM   937  O  OP1    . A   B 1 22 ? 4.322   31.607  -3.902  1.00 64.64 ? 22  A   B OP1    1 
ATOM   938  O  OP2    . A   B 1 22 ? 3.049   30.247  -2.121  1.00 64.36 ? 22  A   B OP2    1 
ATOM   939  O  "O5'"  . A   B 1 22 ? 2.426   30.087  -4.534  1.00 63.41 ? 22  A   B "O5'"  1 
ATOM   940  C  "C5'"  . A   B 1 22 ? 2.671   30.095  -5.950  1.00 63.09 ? 22  A   B "C5'"  1 
ATOM   941  C  "C4'"  . A   B 1 22 ? 1.459   29.585  -6.692  1.00 62.83 ? 22  A   B "C4'"  1 
ATOM   942  O  "O4'"  . A   B 1 22 ? 1.203   28.210  -6.300  1.00 63.13 ? 22  A   B "O4'"  1 
ATOM   943  C  "C3'"  . A   B 1 22 ? 0.146   30.281  -6.385  1.00 63.06 ? 22  A   B "C3'"  1 
ATOM   944  O  "O3'"  . A   B 1 22 ? -0.006  31.514  -7.072  1.00 62.95 ? 22  A   B "O3'"  1 
ATOM   945  C  "C2'"  . A   B 1 22 ? -0.877  29.236  -6.816  1.00 62.38 ? 22  A   B "C2'"  1 
ATOM   946  O  "O2'"  . A   B 1 22 ? -1.069  29.174  -8.217  1.00 62.15 ? 22  A   B "O2'"  1 
ATOM   947  C  "C1'"  . A   B 1 22 ? -0.197  27.953  -6.333  1.00 61.45 ? 22  A   B "C1'"  1 
ATOM   948  N  N9     . A   B 1 22 ? -0.626  27.590  -4.984  1.00 59.49 ? 22  A   B N9     1 
ATOM   949  C  C8     . A   B 1 22 ? -0.039  27.937  -3.793  1.00 58.38 ? 22  A   B C8     1 
ATOM   950  N  N7     . A   B 1 22 ? -0.671  27.479  -2.740  1.00 57.68 ? 22  A   B N7     1 
ATOM   951  C  C5     . A   B 1 22 ? -1.744  26.779  -3.273  1.00 57.01 ? 22  A   B C5     1 
ATOM   952  C  C6     . A   B 1 22 ? -2.795  26.058  -2.673  1.00 56.11 ? 22  A   B C6     1 
ATOM   953  N  N6     . A   B 1 22 ? -2.937  25.924  -1.355  1.00 54.78 ? 22  A   B N6     1 
ATOM   954  N  N1     . A   B 1 22 ? -3.702  25.472  -3.488  1.00 56.10 ? 22  A   B N1     1 
ATOM   955  C  C2     . A   B 1 22 ? -3.553  25.609  -4.814  1.00 56.71 ? 22  A   B C2     1 
ATOM   956  N  N3     . A   B 1 22 ? -2.610  26.263  -5.494  1.00 56.62 ? 22  A   B N3     1 
ATOM   957  C  C4     . A   B 1 22 ? -1.727  26.833  -4.654  1.00 57.67 ? 22  A   B C4     1 
ATOM   958  P  P      . G   B 1 23 ? -0.948  32.655  -6.442  1.00 63.09 ? 23  G   B P      1 
ATOM   959  O  OP1    . G   B 1 23 ? -0.809  33.869  -7.284  1.00 64.03 ? 23  G   B OP1    1 
ATOM   960  O  OP2    . G   B 1 23 ? -0.640  32.732  -4.991  1.00 62.87 ? 23  G   B OP2    1 
ATOM   961  O  "O5'"  . G   B 1 23 ? -2.422  32.071  -6.612  1.00 60.97 ? 23  G   B "O5'"  1 
ATOM   962  C  "C5'"  . G   B 1 23 ? -2.932  31.745  -7.919  1.00 59.70 ? 23  G   B "C5'"  1 
ATOM   963  C  "C4'"  . G   B 1 23 ? -4.254  31.021  -7.809  1.00 58.60 ? 23  G   B "C4'"  1 
ATOM   964  O  "O4'"  . G   B 1 23 ? -4.071  29.744  -7.140  1.00 57.92 ? 23  G   B "O4'"  1 
ATOM   965  C  "C3'"  . G   B 1 23 ? -5.341  31.699  -6.993  1.00 58.43 ? 23  G   B "C3'"  1 
ATOM   966  O  "O3'"  . G   B 1 23 ? -5.968  32.817  -7.652  1.00 59.40 ? 23  G   B "O3'"  1 
ATOM   967  C  "C2'"  . G   B 1 23 ? -6.268  30.530  -6.683  1.00 57.43 ? 23  G   B "C2'"  1 
ATOM   968  O  "O2'"  . G   B 1 23 ? -7.091  30.172  -7.777  1.00 58.48 ? 23  G   B "O2'"  1 
ATOM   969  C  "C1'"  . G   B 1 23 ? -5.259  29.404  -6.441  1.00 55.73 ? 23  G   B "C1'"  1 
ATOM   970  N  N9     . G   B 1 23 ? -4.931  29.239  -5.028  1.00 52.26 ? 23  G   B N9     1 
ATOM   971  C  C8     . G   B 1 23 ? -3.876  29.798  -4.350  1.00 51.02 ? 23  G   B C8     1 
ATOM   972  N  N7     . G   B 1 23 ? -3.850  29.471  -3.085  1.00 49.85 ? 23  G   B N7     1 
ATOM   973  C  C5     . G   B 1 23 ? -4.953  28.643  -2.921  1.00 48.59 ? 23  G   B C5     1 
ATOM   974  C  C6     . G   B 1 23 ? -5.441  27.977  -1.765  1.00 48.35 ? 23  G   B C6     1 
ATOM   975  O  O6     . G   B 1 23 ? -4.974  27.982  -0.617  1.00 47.32 ? 23  G   B O6     1 
ATOM   976  N  N1     . G   B 1 23 ? -6.592  27.244  -2.044  1.00 46.00 ? 23  G   B N1     1 
ATOM   977  C  C2     . G   B 1 23 ? -7.198  27.159  -3.271  1.00 47.56 ? 23  G   B C2     1 
ATOM   978  N  N2     . G   B 1 23 ? -8.314  26.407  -3.332  1.00 46.18 ? 23  G   B N2     1 
ATOM   979  N  N3     . G   B 1 23 ? -6.749  27.769  -4.362  1.00 49.27 ? 23  G   B N3     1 
ATOM   980  C  C4     . G   B 1 23 ? -5.631  28.489  -4.113  1.00 50.62 ? 23  G   B C4     1 
HETATM 981  K  K      . K   C 2 .  ? -3.083  18.947  -1.166  1.00 88.97 ? 24  K   A K      1 
HETATM 982  C  C11    . LIV D 3 .  ? 2.093   -7.806  2.994   1.00 36.05 ? 24  LIV B C11    1 
HETATM 983  O  O11    . LIV D 3 .  ? 2.081   -6.375  3.068   1.00 37.41 ? 24  LIV B O11    1 
HETATM 984  C  C21    . LIV D 3 .  ? 1.863   -8.353  4.444   1.00 35.40 ? 24  LIV B C21    1 
HETATM 985  N  N21    . LIV D 3 .  ? 0.610   -7.869  5.015   1.00 30.66 ? 24  LIV B N21    1 
HETATM 986  C  C31    . LIV D 3 .  ? 3.087   -8.010  5.373   1.00 36.30 ? 24  LIV B C31    1 
HETATM 987  C  C41    . LIV D 3 .  ? 4.389   -8.579  4.699   1.00 39.12 ? 24  LIV B C41    1 
HETATM 988  O  O41    . LIV D 3 .  ? 5.514   -8.309  5.512   1.00 42.09 ? 24  LIV B O41    1 
HETATM 989  C  C51    . LIV D 3 .  ? 4.567   -7.911  3.291   1.00 38.19 ? 24  LIV B C51    1 
HETATM 990  O  O51    . LIV D 3 .  ? 3.376   -8.239  2.471   1.00 38.02 ? 24  LIV B O51    1 
HETATM 991  C  C61    . LIV D 3 .  ? 5.763   -8.413  2.554   1.00 41.08 ? 24  LIV B C61    1 
HETATM 992  O  O61    . LIV D 3 .  ? 5.821   -7.699  1.338   1.00 39.19 ? 24  LIV B O61    1 
HETATM 993  C  C12    . LIV D 3 .  ? 0.244   -3.000  1.035   1.00 36.97 ? 24  LIV B C12    1 
HETATM 994  N  N12    . LIV D 3 .  ? -0.104  -1.994  0.005   1.00 39.07 ? 24  LIV B N12    1 
HETATM 995  C  C62    . LIV D 3 .  ? -0.166  -4.443  0.552   1.00 38.31 ? 24  LIV B C62    1 
HETATM 996  O  O62    . LIV D 3 .  ? -1.593  -4.466  0.303   1.00 35.23 ? 24  LIV B O62    1 
HETATM 997  C  C52    . LIV D 3 .  ? 0.178   -5.509  1.666   1.00 37.36 ? 24  LIV B C52    1 
HETATM 998  O  O52    . LIV D 3 .  ? -0.158  -6.855  1.238   1.00 37.91 ? 24  LIV B O52    1 
HETATM 999  C  C42    . LIV D 3 .  ? 1.703   -5.473  1.983   1.00 38.54 ? 24  LIV B C42    1 
HETATM 1000 C  C32    . LIV D 3 .  ? 2.199   -4.080  2.422   1.00 37.49 ? 24  LIV B C32    1 
HETATM 1001 N  N32    . LIV D 3 .  ? 3.656   -4.117  2.678   1.00 37.41 ? 24  LIV B N32    1 
HETATM 1002 C  C22    . LIV D 3 .  ? 1.819   -2.996  1.309   1.00 37.65 ? 24  LIV B C22    1 
HETATM 1003 C  C13    . LIV D 3 .  ? -1.365  -7.434  1.610   1.00 38.17 ? 24  LIV B C13    1 
HETATM 1004 C  C23    . LIV D 3 .  ? -1.757  -8.500  0.585   1.00 37.67 ? 24  LIV B C23    1 
HETATM 1005 O  O23    . LIV D 3 .  ? -2.322  -7.960  -0.628  1.00 35.58 ? 24  LIV B O23    1 
HETATM 1006 C  C33    . LIV D 3 .  ? -2.700  -9.306  1.403   1.00 39.72 ? 24  LIV B C33    1 
HETATM 1007 C  C43    . LIV D 3 .  ? -2.080  -9.335  2.840   1.00 40.56 ? 24  LIV B C43    1 
HETATM 1008 O  O43    . LIV D 3 .  ? -1.292  -8.149  2.857   1.00 38.39 ? 24  LIV B O43    1 
HETATM 1009 C  C53    . LIV D 3 .  ? -1.169  -10.538 3.122   1.00 41.77 ? 24  LIV B C53    1 
HETATM 1010 O  O53    . LIV D 3 .  ? -0.836  -10.528 4.514   1.00 44.79 ? 24  LIV B O53    1 
HETATM 1011 C  C44    . LIV D 3 .  ? -7.751  -9.589  3.271   1.00 54.07 ? 24  LIV B C44    1 
HETATM 1012 O  O44    . LIV D 3 .  ? -7.648  -8.455  4.143   1.00 58.64 ? 24  LIV B O44    1 
HETATM 1013 C  C34    . LIV D 3 .  ? -7.707  -8.975  1.771   1.00 53.03 ? 24  LIV B C34    1 
HETATM 1014 O  O34    . LIV D 3 .  ? -7.839  -10.099 0.881   1.00 54.34 ? 24  LIV B O34    1 
HETATM 1015 C  C24    . LIV D 3 .  ? -6.290  -8.242  1.499   1.00 49.96 ? 24  LIV B C24    1 
HETATM 1016 N  N24    . LIV D 3 .  ? -6.020  -7.041  2.327   1.00 51.23 ? 24  LIV B N24    1 
HETATM 1017 C  C14    . LIV D 3 .  ? -5.107  -9.327  1.699   1.00 49.28 ? 24  LIV B C14    1 
HETATM 1018 O  O33    . LIV D 3 .  ? -3.927  -8.623  1.506   1.00 43.56 ? 24  LIV B O33    1 
HETATM 1019 C  C54    . LIV D 3 .  ? -6.489  -10.416 3.450   1.00 52.84 ? 24  LIV B C54    1 
HETATM 1020 O  O54    . LIV D 3 .  ? -5.164  -9.974  3.099   1.00 49.45 ? 24  LIV B O54    1 
HETATM 1021 C  C64    . LIV D 3 .  ? -6.360  -11.058 4.884   1.00 51.62 ? 24  LIV B C64    1 
HETATM 1022 N  N64    . LIV D 3 .  ? -5.107  -11.828 5.073   1.00 49.26 ? 24  LIV B N64    1 
HETATM 1023 C  C15    . LIV D 3 .  ? -8.929  -7.962  5.071   1.00 63.42 ? 24  LIV B C15    1 
HETATM 1024 C  C25    . LIV D 3 .  ? -8.156  -6.773  5.673   1.00 65.36 ? 24  LIV B C25    1 
HETATM 1025 C  C35    . LIV D 3 .  ? -7.308  -7.101  6.930   1.00 66.46 ? 24  LIV B C35    1 
HETATM 1026 C  C45    . LIV D 3 .  ? -8.095  -7.880  7.992   1.00 66.89 ? 24  LIV B C45    1 
HETATM 1027 C  C55    . LIV D 3 .  ? -8.720  -9.113  7.347   1.00 67.28 ? 24  LIV B C55    1 
HETATM 1028 C  C65    . LIV D 3 .  ? -9.588  -10.073 8.154   1.00 68.16 ? 24  LIV B C65    1 
HETATM 1029 O  O25    . LIV D 3 .  ? -9.112  -5.742  6.010   1.00 65.78 ? 24  LIV B O25    1 
HETATM 1030 O  O35    . LIV D 3 .  ? -6.834  -5.866  7.492   1.00 66.24 ? 24  LIV B O35    1 
HETATM 1031 O  O45    . LIV D 3 .  ? -7.158  -8.195  9.044   1.00 67.54 ? 24  LIV B O45    1 
HETATM 1032 O  O55    . LIV D 3 .  ? -9.475  -8.855  6.124   1.00 65.93 ? 24  LIV B O55    1 
HETATM 1033 O  O65    . LIV D 3 .  ? -8.823  -11.255 8.520   1.00 70.72 ? 24  LIV B O65    1 
HETATM 1034 C  C11    . LIV E 3 .  ? 3.222   7.878   2.089   1.00 29.38 ? 25  LIV B C11    1 
HETATM 1035 O  O11    . LIV E 3 .  ? 3.384   6.456   2.142   1.00 29.50 ? 25  LIV B O11    1 
HETATM 1036 C  C21    . LIV E 3 .  ? 4.570   8.479   1.609   1.00 27.76 ? 25  LIV B C21    1 
HETATM 1037 N  N21    . LIV E 3 .  ? 4.990   7.901   0.315   1.00 28.06 ? 25  LIV B N21    1 
HETATM 1038 C  C31    . LIV E 3 .  ? 5.692   8.316   2.711   1.00 29.91 ? 25  LIV B C31    1 
HETATM 1039 C  C41    . LIV E 3 .  ? 5.164   8.963   4.065   1.00 31.27 ? 25  LIV B C41    1 
HETATM 1040 O  O41    . LIV E 3 .  ? 6.143   8.850   5.086   1.00 32.45 ? 25  LIV B O41    1 
HETATM 1041 C  C51    . LIV E 3 .  ? 3.844   8.232   4.479   1.00 31.75 ? 25  LIV B C51    1 
HETATM 1042 O  O51    . LIV E 3 .  ? 2.856   8.391   3.414   1.00 29.41 ? 25  LIV B O51    1 
HETATM 1043 C  C61    . LIV E 3 .  ? 3.222   8.785   5.744   1.00 31.01 ? 25  LIV B C61    1 
HETATM 1044 O  O61    . LIV E 3 .  ? 2.059   8.014   5.985   1.00 34.82 ? 25  LIV B O61    1 
HETATM 1045 C  C12    . LIV E 3 .  ? 1.363   2.938   0.769   1.00 30.76 ? 25  LIV B C12    1 
HETATM 1046 N  N12    . LIV E 3 .  ? 0.342   1.927   0.579   1.00 26.81 ? 25  LIV B N12    1 
HETATM 1047 C  C62    . LIV E 3 .  ? 0.796   4.344   0.288   1.00 32.90 ? 25  LIV B C62    1 
HETATM 1048 O  O62    . LIV E 3 .  ? 0.440   4.256   -1.127  1.00 28.36 ? 25  LIV B O62    1 
HETATM 1049 C  C52    . LIV E 3 .  ? 1.882   5.439   0.468   1.00 32.05 ? 25  LIV B C52    1 
HETATM 1050 O  O52    . LIV E 3 .  ? 1.375   6.744   0.089   1.00 35.93 ? 25  LIV B O52    1 
HETATM 1051 C  C42    . LIV E 3 .  ? 2.327   5.513   1.954   1.00 32.71 ? 25  LIV B C42    1 
HETATM 1052 C  C32    . LIV E 3 .  ? 2.864   4.158   2.507   1.00 32.59 ? 25  LIV B C32    1 
HETATM 1053 N  N32    . LIV E 3 .  ? 3.244   4.311   3.917   1.00 32.93 ? 25  LIV B N32    1 
HETATM 1054 C  C22    . LIV E 3 .  ? 1.748   3.048   2.316   1.00 33.11 ? 25  LIV B C22    1 
HETATM 1055 C  C13    . LIV E 3 .  ? 1.560   7.245   -1.209  1.00 36.31 ? 25  LIV B C13    1 
HETATM 1056 C  C23    . LIV E 3 .  ? 0.412   8.182   -1.546  1.00 35.63 ? 25  LIV B C23    1 
HETATM 1057 O  O23    . LIV E 3 .  ? -0.815  7.506   -1.866  1.00 34.31 ? 25  LIV B O23    1 
HETATM 1058 C  C33    . LIV E 3 .  ? 1.043   8.963   -2.650  1.00 37.23 ? 25  LIV B C33    1 
HETATM 1059 C  C43    . LIV E 3 .  ? 2.532   9.148   -2.241  1.00 38.56 ? 25  LIV B C43    1 
HETATM 1060 O  O43    . LIV E 3 .  ? 2.728   8.062   -1.331  1.00 38.23 ? 25  LIV B O43    1 
HETATM 1061 C  C53    . LIV E 3 .  ? 2.855   10.472  -1.520  1.00 37.12 ? 25  LIV B C53    1 
HETATM 1062 O  O53    . LIV E 3 .  ? 4.237   10.451  -1.150  1.00 37.07 ? 25  LIV B O53    1 
HETATM 1063 C  C44    . LIV E 3 .  ? 1.235   9.337   -8.033  1.00 55.26 ? 25  LIV B C44    1 
HETATM 1064 O  O44    . LIV E 3 .  ? 2.071   8.239   -8.425  1.00 59.91 ? 25  LIV B O44    1 
HETATM 1065 C  C34    . LIV E 3 .  ? -0.111  8.693   -7.443  1.00 51.40 ? 25  LIV B C34    1 
HETATM 1066 O  O34    . LIV E 3 .  ? -0.949  9.817   -7.119  1.00 54.32 ? 25  LIV B O34    1 
HETATM 1067 C  C24    . LIV E 3 .  ? 0.168   7.878   -6.073  1.00 47.96 ? 25  LIV B C24    1 
HETATM 1068 N  N24    . LIV E 3 .  ? 1.009   6.669   -6.207  1.00 46.27 ? 25  LIV B N24    1 
HETATM 1069 C  C14    . LIV E 3 .  ? 0.821   8.909   -5.016  1.00 47.15 ? 25  LIV B C14    1 
HETATM 1070 O  O33    . LIV E 3 .  ? 1.071   8.221   -3.838  1.00 40.40 ? 25  LIV B O33    1 
HETATM 1071 C  C54    . LIV E 3 .  ? 1.914   10.071  -6.887  1.00 54.53 ? 25  LIV B C54    1 
HETATM 1072 O  O54    . LIV E 3 .  ? 2.100   9.539   -5.564  1.00 50.50 ? 25  LIV B O54    1 
HETATM 1073 C  C64    . LIV E 3 .  ? 3.288   10.715  -7.299  1.00 55.41 ? 25  LIV B C64    1 
HETATM 1074 N  N64    . LIV E 3 .  ? 4.419   10.371  -6.402  1.00 54.47 ? 25  LIV B N64    1 
HETATM 1075 C  C15    . LIV E 3 .  ? 2.781   8.254   -9.938  1.00 64.37 ? 25  LIV B C15    1 
HETATM 1076 C  C25    . LIV E 3 .  ? 2.646   6.739   -10.140 1.00 66.17 ? 25  LIV B C25    1 
HETATM 1077 C  C35    . LIV E 3 .  ? 3.839   5.870   -9.677  1.00 67.19 ? 25  LIV B C35    1 
HETATM 1078 C  C45    . LIV E 3 .  ? 5.215   6.453   -10.033 1.00 68.81 ? 25  LIV B C45    1 
HETATM 1079 C  C55    . LIV E 3 .  ? 5.285   7.915   -9.626  1.00 68.75 ? 25  LIV B C55    1 
HETATM 1080 C  C65    . LIV E 3 .  ? 6.534   8.731   -9.904  1.00 70.47 ? 25  LIV B C65    1 
HETATM 1081 O  O25    . LIV E 3 .  ? 2.413   6.490   -11.546 1.00 66.29 ? 25  LIV B O25    1 
HETATM 1082 O  O35    . LIV E 3 .  ? 3.695   4.588   -10.298 1.00 68.00 ? 25  LIV B O35    1 
HETATM 1083 O  O45    . LIV E 3 .  ? 6.192   5.632   -9.358  1.00 70.82 ? 25  LIV B O45    1 
HETATM 1084 O  O55    . LIV E 3 .  ? 4.177   8.734   -10.088 1.00 66.27 ? 25  LIV B O55    1 
HETATM 1085 O  O65    . LIV E 3 .  ? 7.569   8.363   -8.954  1.00 71.93 ? 25  LIV B O65    1 
HETATM 1086 K  K      . K   F 2 .  ? -0.388  -19.720 -2.142  1.00 70.10 ? 26  K   B K      1 
HETATM 1087 O  O      . HOH G 4 .  ? 11.760  11.642  5.496   1.00 36.27 ? 25  HOH A O      1 
HETATM 1088 O  O      . HOH G 4 .  ? -2.979  -1.163  1.781   1.00 36.96 ? 26  HOH A O      1 
HETATM 1089 O  O      . HOH G 4 .  ? 6.912   3.620   1.976   1.00 31.77 ? 27  HOH A O      1 
HETATM 1090 O  O      . HOH G 4 .  ? 13.828  7.216   3.386   1.00 44.06 ? 28  HOH A O      1 
HETATM 1091 O  O      . HOH G 4 .  ? 7.423   -8.067  -4.781  1.00 44.43 ? 29  HOH A O      1 
HETATM 1092 O  O      . HOH G 4 .  ? 7.540   9.351   0.014   1.00 36.96 ? 30  HOH A O      1 
HETATM 1093 O  O      . HOH G 4 .  ? 1.216   -13.694 -3.388  1.00 46.08 ? 31  HOH A O      1 
HETATM 1094 O  O      . HOH G 4 .  ? -8.197  -3.081  9.455   1.00 71.16 ? 32  HOH A O      1 
HETATM 1095 O  O      . HOH G 4 .  ? 6.107   10.482  -3.086  1.00 37.78 ? 33  HOH A O      1 
HETATM 1096 O  O      . HOH G 4 .  ? -12.635 2.649   0.781   1.00 57.61 ? 34  HOH A O      1 
HETATM 1097 O  O      . HOH G 4 .  ? 3.662   -21.482 -0.722  1.00 45.43 ? 35  HOH A O      1 
HETATM 1098 O  O      . HOH G 4 .  ? 2.278   -25.708 1.237   1.00 72.09 ? 36  HOH A O      1 
HETATM 1099 O  O      . HOH G 4 .  ? 5.549   8.087   -3.439  1.00 60.03 ? 37  HOH A O      1 
HETATM 1100 O  O      . HOH G 4 .  ? -9.407  3.085   3.867   1.00 56.25 ? 38  HOH A O      1 
HETATM 1101 O  O      . HOH G 4 .  ? 1.970   -18.364 -1.338  1.00 47.23 ? 39  HOH A O      1 
HETATM 1102 O  O      . HOH G 4 .  ? -2.589  -0.002  11.657  1.00 58.86 ? 40  HOH A O      1 
HETATM 1103 O  O      . HOH G 4 .  ? 0.045   -10.735 -1.485  1.00 41.85 ? 41  HOH A O      1 
HETATM 1104 O  O      . HOH G 4 .  ? 14.126  12.501  6.379   1.00 53.67 ? 42  HOH A O      1 
HETATM 1105 O  O      . HOH G 4 .  ? 4.511   -18.638 -0.628  1.00 59.16 ? 43  HOH A O      1 
HETATM 1106 O  O      . HOH G 4 .  ? 2.839   -16.044 -2.264  1.00 54.48 ? 44  HOH A O      1 
HETATM 1107 O  O      . HOH G 4 .  ? -2.325  14.832  -0.140  1.00 53.77 ? 45  HOH A O      1 
HETATM 1108 O  O      . HOH G 4 .  ? -3.362  -5.117  -9.392  1.00 54.42 ? 46  HOH A O      1 
HETATM 1109 O  O      . HOH G 4 .  ? 1.944   -29.239 -2.218  1.00 60.74 ? 47  HOH A O      1 
HETATM 1110 O  O      . HOH G 4 .  ? -0.324  12.730  -0.709  1.00 45.40 ? 48  HOH A O      1 
HETATM 1111 O  O      . HOH G 4 .  ? 9.076   -7.815  -1.526  1.00 52.29 ? 49  HOH A O      1 
HETATM 1112 O  O      . HOH G 4 .  ? 8.454   -9.157  0.406   1.00 58.00 ? 50  HOH A O      1 
HETATM 1113 O  O      . HOH G 4 .  ? -12.346 17.639  -4.409  0.50 62.40 ? 51  HOH A O      1 
HETATM 1114 O  O      . HOH G 4 .  ? 1.942   -33.818 1.394   1.00 74.38 ? 52  HOH A O      1 
HETATM 1115 O  O      . HOH G 4 .  ? 2.773   -14.378 -5.348  1.00 45.65 ? 53  HOH A O      1 
HETATM 1116 O  O      . HOH G 4 .  ? -12.662 -4.114  4.030   1.00 67.80 ? 54  HOH A O      1 
HETATM 1117 O  O      . HOH G 4 .  ? 0.214   -0.647  4.799   1.00 59.73 ? 55  HOH A O      1 
HETATM 1118 O  O      . HOH G 4 .  ? -7.178  5.541   7.131   1.00 57.57 ? 56  HOH A O      1 
HETATM 1119 O  O      . HOH G 4 .  ? 12.715  9.287   -0.883  1.00 58.79 ? 57  HOH A O      1 
HETATM 1120 O  O      . HOH G 4 .  ? 3.798   21.595  -7.899  1.00 58.88 ? 58  HOH A O      1 
HETATM 1121 O  O      . HOH G 4 .  ? -3.390  -1.969  4.477   1.00 43.91 ? 59  HOH A O      1 
HETATM 1122 O  O      . HOH G 4 .  ? 11.566  1.603   -1.446  1.00 91.47 ? 60  HOH A O      1 
HETATM 1123 O  O      . HOH G 4 .  ? -5.424  -29.996 -7.761  1.00 58.49 ? 61  HOH A O      1 
HETATM 1124 O  O      . HOH G 4 .  ? 5.880   3.932   11.388  1.00 48.85 ? 62  HOH A O      1 
HETATM 1125 O  O      . HOH G 4 .  ? -8.496  23.810  -8.228  1.00 65.10 ? 63  HOH A O      1 
HETATM 1126 O  O      . HOH G 4 .  ? 7.611   -22.049 -2.344  1.00 78.20 ? 64  HOH A O      1 
HETATM 1127 O  O      . HOH G 4 .  ? 0.672   -9.056  -11.883 1.00 61.32 ? 65  HOH A O      1 
HETATM 1128 O  O      . HOH G 4 .  ? 2.139   18.044  -11.304 1.00 60.59 ? 66  HOH A O      1 
HETATM 1129 O  O      . HOH G 4 .  ? 5.854   6.463   7.784   1.00 47.46 ? 67  HOH A O      1 
HETATM 1130 O  O      . HOH G 4 .  ? 5.197   22.759  -6.318  1.00 47.66 ? 68  HOH A O      1 
HETATM 1131 O  O      . HOH G 4 .  ? -1.258  -21.627 7.326   1.00 47.49 ? 69  HOH A O      1 
HETATM 1132 O  O      . HOH G 4 .  ? -5.597  17.815  -6.242  1.00 47.97 ? 70  HOH A O      1 
HETATM 1133 O  O      . HOH G 4 .  ? -11.883 24.822  -2.170  1.00 47.76 ? 71  HOH A O      1 
HETATM 1134 O  O      . HOH G 4 .  ? 7.513   -16.114 4.786   1.00 47.52 ? 72  HOH A O      1 
HETATM 1135 O  O      . HOH G 4 .  ? -6.353  -8.447  -1.495  1.00 47.85 ? 73  HOH A O      1 
HETATM 1136 O  O      . HOH G 4 .  ? -3.374  17.777  -3.572  1.00 47.42 ? 74  HOH A O      1 
HETATM 1137 O  O      . HOH G 4 .  ? 10.364  -4.300  12.980  1.00 47.37 ? 75  HOH A O      1 
HETATM 1138 O  O      . HOH G 4 .  ? 11.001  4.022   -0.112  1.00 48.06 ? 76  HOH A O      1 
HETATM 1139 O  O      . HOH G 4 .  ? -3.402  4.794   8.651   1.00 47.82 ? 77  HOH A O      1 
HETATM 1140 O  O      . HOH H 4 .  ? -0.892  5.555   -3.773  1.00 34.57 ? 27  HOH B O      1 
HETATM 1141 O  O      . HOH H 4 .  ? 9.969   -5.389  1.165   1.00 59.27 ? 28  HOH B O      1 
HETATM 1142 O  O      . HOH H 4 .  ? -1.849  -19.225 -6.097  1.00 51.56 ? 29  HOH B O      1 
HETATM 1143 O  O      . HOH H 4 .  ? -1.192  0.322   -0.976  1.00 37.57 ? 30  HOH B O      1 
HETATM 1144 O  O      . HOH H 4 .  ? 0.274   3.155   -3.949  1.00 28.55 ? 31  HOH B O      1 
HETATM 1145 O  O      . HOH H 4 .  ? 9.657   2.775   6.876   1.00 46.78 ? 32  HOH B O      1 
HETATM 1146 O  O      . HOH H 4 .  ? 3.876   1.979   -3.696  1.00 35.30 ? 33  HOH B O      1 
HETATM 1147 O  O      . HOH H 4 .  ? -1.350  10.341  0.418   1.00 47.29 ? 34  HOH B O      1 
HETATM 1148 O  O      . HOH H 4 .  ? 1.858   -0.123  -0.368  1.00 37.46 ? 35  HOH B O      1 
HETATM 1149 O  O      . HOH H 4 .  ? -11.532 -14.815 2.300   1.00 45.97 ? 36  HOH B O      1 
HETATM 1150 O  O      . HOH H 4 .  ? -2.375  -26.678 -11.065 1.00 55.19 ? 37  HOH B O      1 
HETATM 1151 O  O      . HOH H 4 .  ? -0.247  10.810  -10.370 1.00 63.38 ? 38  HOH B O      1 
HETATM 1152 O  O      . HOH H 4 .  ? 0.048   -9.171  7.363   1.00 40.69 ? 39  HOH B O      1 
HETATM 1153 O  O      . HOH H 4 .  ? 4.682   -0.569  -0.492  1.00 43.72 ? 40  HOH B O      1 
HETATM 1154 O  O      . HOH H 4 .  ? -8.976  3.243   -7.188  1.00 41.41 ? 41  HOH B O      1 
HETATM 1155 O  O      . HOH H 4 .  ? 1.281   0.899   -2.785  1.00 41.30 ? 42  HOH B O      1 
HETATM 1156 O  O      . HOH H 4 .  ? -0.275  -0.027  2.135   1.00 40.58 ? 43  HOH B O      1 
HETATM 1157 O  O      . HOH H 4 .  ? -4.523  -6.312  -0.445  1.00 38.17 ? 44  HOH B O      1 
HETATM 1158 O  O      . HOH H 4 .  ? 1.356   9.563   8.492   1.00 46.29 ? 45  HOH B O      1 
HETATM 1159 O  O      . HOH H 4 .  ? 6.151   -5.420  -7.178  1.00 54.69 ? 46  HOH B O      1 
HETATM 1160 O  O      . HOH H 4 .  ? 2.206   25.874  3.376   1.00 66.45 ? 47  HOH B O      1 
HETATM 1161 O  O      . HOH H 4 .  ? -12.269 -19.348 -3.081  1.00 51.00 ? 48  HOH B O      1 
HETATM 1162 O  O      . HOH H 4 .  ? -4.951  35.443  -6.722  1.00 54.55 ? 49  HOH B O      1 
HETATM 1163 O  O      . HOH H 4 .  ? 9.777   4.659   8.739   1.00 61.25 ? 50  HOH B O      1 
HETATM 1164 O  O      . HOH H 4 .  ? 1.561   3.448   -6.340  1.00 51.65 ? 51  HOH B O      1 
HETATM 1165 O  O      . HOH H 4 .  ? -10.876 -12.000 0.955   1.00 69.90 ? 52  HOH B O      1 
HETATM 1166 O  O      . HOH H 4 .  ? 1.486   12.620  -4.898  1.00 56.54 ? 53  HOH B O      1 
HETATM 1167 O  O      . HOH H 4 .  ? 5.028   1.858   2.911   1.00 45.16 ? 54  HOH B O      1 
HETATM 1168 O  O      . HOH H 4 .  ? 7.158   5.528   0.395   1.00 50.38 ? 55  HOH B O      1 
HETATM 1169 O  O      . HOH H 4 .  ? -10.143 8.561   7.262   1.00 57.43 ? 56  HOH B O      1 
HETATM 1170 O  O      . HOH H 4 .  ? 8.040   9.324   -5.894  1.00 55.47 ? 57  HOH B O      1 
HETATM 1171 O  O      . HOH H 4 .  ? -3.142  -4.565  2.643   1.00 40.93 ? 58  HOH B O      1 
HETATM 1172 O  O      . HOH H 4 .  ? 5.610   -6.446  13.099  1.00 53.01 ? 59  HOH B O      1 
HETATM 1173 O  O      . HOH H 4 .  ? 8.432   -4.540  -5.789  1.00 61.78 ? 60  HOH B O      1 
HETATM 1174 O  O      . HOH H 4 .  ? 5.010   3.013   -0.082  1.00 40.94 ? 61  HOH B O      1 
HETATM 1175 O  O      . HOH H 4 .  ? 4.029   -1.739  3.474   1.00 49.32 ? 62  HOH B O      1 
HETATM 1176 O  O      . HOH H 4 .  ? -2.104  33.765  -3.357  1.00 60.83 ? 63  HOH B O      1 
HETATM 1177 O  O      . HOH H 4 .  ? 12.447  -3.767  4.476   1.00 46.82 ? 64  HOH B O      1 
HETATM 1178 O  O      . HOH H 4 .  ? 7.388   5.200   -12.015 1.00 61.06 ? 65  HOH B O      1 
HETATM 1179 O  O      . HOH H 4 .  ? -4.388  -13.191 2.327   1.00 59.05 ? 66  HOH B O      1 
HETATM 1180 O  O      . HOH H 4 .  ? 2.449   24.824  -6.829  1.00 49.92 ? 67  HOH B O      1 
HETATM 1181 O  O      . HOH H 4 .  ? -2.683  28.924  1.024   1.00 63.05 ? 68  HOH B O      1 
HETATM 1182 O  O      . HOH H 4 .  ? -0.451  28.026  -0.297  1.00 55.78 ? 69  HOH B O      1 
HETATM 1183 O  O      . HOH H 4 .  ? -2.714  15.806  3.388   1.00 49.99 ? 70  HOH B O      1 
HETATM 1184 O  O      . HOH H 4 .  ? -11.109 11.540  -3.752  1.00 51.49 ? 71  HOH B O      1 
HETATM 1185 O  O      . HOH H 4 .  ? 8.566   3.110   -0.125  1.00 47.34 ? 72  HOH B O      1 
HETATM 1186 O  O      . HOH H 4 .  ? -1.033  30.695  -1.853  1.00 68.85 ? 73  HOH B O      1 
HETATM 1187 O  O      . HOH H 4 .  ? -4.136  -6.562  4.555   1.00 47.27 ? 74  HOH B O      1 
HETATM 1188 O  O      . HOH H 4 .  ? -0.811  1.934   -13.201 1.00 53.54 ? 75  HOH B O      1 
HETATM 1189 O  O      . HOH H 4 .  ? 10.167  4.050   -9.493  1.00 71.77 ? 76  HOH B O      1 
HETATM 1190 O  O      . HOH H 4 .  ? 8.999   6.462   -2.394  1.00 54.40 ? 77  HOH B O      1 
HETATM 1191 O  O      . HOH H 4 .  ? -6.965  -21.935 5.381   1.00 56.21 ? 78  HOH B O      1 
HETATM 1192 O  O      . HOH H 4 .  ? -3.933  -14.835 -4.603  1.00 73.46 ? 79  HOH B O      1 
HETATM 1193 O  O      . HOH H 4 .  ? 5.585   16.427  6.072   1.00 63.01 ? 80  HOH B O      1 
HETATM 1194 O  O      . HOH H 4 .  ? 8.480   3.216   -6.229  1.00 69.03 ? 81  HOH B O      1 
HETATM 1195 O  O      . HOH H 4 .  ? 1.593   -1.185  11.811  1.00 78.36 ? 82  HOH B O      1 
HETATM 1196 O  O      . HOH H 4 .  ? 3.166   -16.103 8.591   1.00 66.75 ? 83  HOH B O      1 
HETATM 1197 O  O      . HOH H 4 .  ? -4.180  -22.646 6.690   1.00 62.33 ? 84  HOH B O      1 
HETATM 1198 O  O      . HOH H 4 .  ? 3.203   5.857   7.198   1.00 59.60 ? 85  HOH B O      1 
HETATM 1199 O  O      . HOH H 4 .  ? -9.735  -8.780  -0.075  1.00 50.83 ? 86  HOH B O      1 
HETATM 1200 O  O      . HOH H 4 .  ? 11.245  -0.901  -3.986  1.00 60.49 ? 87  HOH B O      1 
HETATM 1201 O  O      . HOH H 4 .  ? 2.752   3.758   -2.245  1.00 84.33 ? 88  HOH B O      1 
HETATM 1202 O  O      . HOH H 4 .  ? -3.704  8.867   -4.618  1.00 65.27 ? 89  HOH B O      1 
HETATM 1203 O  O      . HOH H 4 .  ? -1.912  9.814   -3.304  1.00 51.64 ? 90  HOH B O      1 
HETATM 1204 O  O      . HOH H 4 .  ? -3.269  23.179  7.166   1.00 67.47 ? 91  HOH B O      1 
HETATM 1205 O  O      . HOH H 4 .  ? 7.466   2.384   -9.876  1.00 58.37 ? 92  HOH B O      1 
HETATM 1206 O  O      . HOH H 4 .  ? 10.030  -5.625  9.518   1.00 70.66 ? 93  HOH B O      1 
HETATM 1207 O  O      . HOH H 4 .  ? 1.898   28.421  6.340   1.00 74.76 ? 94  HOH B O      1 
HETATM 1208 O  O      . HOH H 4 .  ? -2.381  -11.222 6.275   1.00 55.88 ? 95  HOH B O      1 
HETATM 1209 O  O      . HOH H 4 .  ? -0.593  -12.278 0.462   1.00 56.55 ? 96  HOH B O      1 
HETATM 1210 O  O      . HOH H 4 .  ? -7.622  33.152  -10.645 1.00 76.83 ? 97  HOH B O      1 
HETATM 1211 O  O      . HOH H 4 .  ? 0.031   24.923  0.978   1.00 48.12 ? 98  HOH B O      1 
HETATM 1212 O  O      . HOH H 4 .  ? -9.754  4.682   -2.024  1.00 47.53 ? 99  HOH B O      1 
HETATM 1213 O  O      . HOH H 4 .  ? 6.319   17.383  8.198   1.00 47.39 ? 100 HOH B O      1 
HETATM 1214 O  O      . HOH H 4 .  ? -0.281  12.244  -3.406  1.00 47.47 ? 101 HOH B O      1 
HETATM 1215 O  O      . HOH H 4 .  ? -4.703  -17.901 -4.530  1.00 47.30 ? 102 HOH B O      1 
HETATM 1216 O  O      . HOH H 4 .  ? -4.075  8.101   8.826   1.00 47.57 ? 103 HOH B O      1 
HETATM 1217 O  O      . HOH H 4 .  ? 1.156   -5.073  6.102   1.00 47.59 ? 104 HOH B O      1 
HETATM 1218 O  O      . HOH H 4 .  ? -11.613 -10.396 6.033   1.00 48.04 ? 105 HOH B O      1 
HETATM 1219 O  O      . HOH H 4 .  ? -10.941 -20.681 -4.459  1.00 47.89 ? 106 HOH B O      1 
HETATM 1220 O  O      . HOH H 4 .  ? -9.824  5.489   -8.016  1.00 47.78 ? 107 HOH B O      1 
HETATM 1221 O  O      . HOH H 4 .  ? 2.457   -2.561  -10.451 1.00 47.45 ? 108 HOH B O      1 
HETATM 1222 O  O      . HOH H 4 .  ? -11.991 -11.850 3.905   1.00 47.77 ? 109 HOH B O      1 
HETATM 1223 O  O      . HOH H 4 .  ? 3.080   -5.922  13.251  1.00 47.47 ? 110 HOH B O      1 
HETATM 1224 O  O      . HOH H 4 .  ? 2.959   8.665   -12.616 1.00 47.87 ? 111 HOH B O      1 
HETATM 1225 O  O      . HOH H 4 .  ? 6.442   10.735  6.914   1.00 47.74 ? 112 HOH B O      1 
HETATM 1226 O  O      . HOH H 4 .  ? 3.153   5.851   -4.845  1.00 47.22 ? 113 HOH B O      1 
# 
loop_
_pdbx_poly_seq_scheme.asym_id 
_pdbx_poly_seq_scheme.entity_id 
_pdbx_poly_seq_scheme.seq_id 
_pdbx_poly_seq_scheme.mon_id 
_pdbx_poly_seq_scheme.ndb_seq_num 
_pdbx_poly_seq_scheme.pdb_seq_num 
_pdbx_poly_seq_scheme.auth_seq_num 
_pdbx_poly_seq_scheme.pdb_mon_id 
_pdbx_poly_seq_scheme.auth_mon_id 
_pdbx_poly_seq_scheme.pdb_strand_id 
_pdbx_poly_seq_scheme.pdb_ins_code 
_pdbx_poly_seq_scheme.hetero 
A 1 1  C   1  1  1  C   CYT A . n 
A 1 2  U   2  2  2  U   URI A . n 
A 1 3  UMS 3  3  3  UMS UMS A . n 
A 1 4  G   4  4  4  G   GUA A . n 
A 1 5  C   5  5  5  C   CYT A . n 
A 1 6  U   6  6  6  U   URI A . n 
A 1 7  G   7  7  7  G   GUA A . n 
A 1 8  A   8  8  8  A   ADE A . n 
A 1 9  A   9  9  9  A   ADE A . n 
A 1 10 G   10 10 10 G   GUA A . n 
A 1 11 U   11 11 11 U   URI A . n 
A 1 12 G   12 12 12 G   GUA A . n 
A 1 13 C   13 13 13 C   CYT A . n 
A 1 14 A   14 14 14 A   ADE A . n 
A 1 15 C   15 15 15 C   CYT A . n 
A 1 16 A   16 16 16 A   ADE A . n 
A 1 17 C   17 17 17 C   CYT A . n 
A 1 18 A   18 18 18 A   ADE A . n 
A 1 19 G   19 19 19 G   GUA A . n 
A 1 20 C   20 20 20 C   CYT A . n 
A 1 21 A   21 21 21 A   ADE A . n 
A 1 22 A   22 22 22 A   ADE A . n 
A 1 23 G   23 23 23 G   GUA A . n 
B 1 1  C   1  1  1  C   CYT B . n 
B 1 2  U   2  2  2  U   URI B . n 
B 1 3  UMS 3  3  3  UMS UMS B . n 
B 1 4  G   4  4  4  G   GUA B . n 
B 1 5  C   5  5  5  C   CYT B . n 
B 1 6  U   6  6  6  U   URI B . n 
B 1 7  G   7  7  7  G   GUA B . n 
B 1 8  A   8  8  8  A   ADE B . n 
B 1 9  A   9  9  9  A   ADE B . n 
B 1 10 G   10 10 10 G   GUA B . n 
B 1 11 U   11 11 11 U   URI B . n 
B 1 12 G   12 12 12 G   GUA B . n 
B 1 13 C   13 13 13 C   CYT B . n 
B 1 14 A   14 14 14 A   ADE B . n 
B 1 15 C   15 15 15 C   CYT B . n 
B 1 16 A   16 16 16 A   ADE B . n 
B 1 17 C   17 17 17 C   CYT B . n 
B 1 18 A   18 18 18 A   ADE B . n 
B 1 19 G   19 19 19 G   GUA B . n 
B 1 20 C   20 20 20 C   CYT B . n 
B 1 21 A   21 21 21 A   ADE B . n 
B 1 22 A   22 22 22 A   ADE B . n 
B 1 23 G   23 23 23 G   GUA B . n 
# 
loop_
_pdbx_nonpoly_scheme.asym_id 
_pdbx_nonpoly_scheme.entity_id 
_pdbx_nonpoly_scheme.mon_id 
_pdbx_nonpoly_scheme.ndb_seq_num 
_pdbx_nonpoly_scheme.pdb_seq_num 
_pdbx_nonpoly_scheme.auth_seq_num 
_pdbx_nonpoly_scheme.pdb_mon_id 
_pdbx_nonpoly_scheme.auth_mon_id 
_pdbx_nonpoly_scheme.pdb_strand_id 
_pdbx_nonpoly_scheme.pdb_ins_code 
C 2 K   1  24  2   K   K1  A . 
D 3 LIV 1  24  1   LIV LIV B . 
E 3 LIV 1  25  1   LIV LIV B . 
F 2 K   1  26  1   K   K1  B . 
G 4 HOH 1  25  6   HOH TIP A . 
G 4 HOH 2  26  7   HOH TIP A . 
G 4 HOH 3  27  10  HOH TIP A . 
G 4 HOH 4  28  11  HOH TIP A . 
G 4 HOH 5  29  12  HOH TIP A . 
G 4 HOH 6  30  15  HOH TIP A . 
G 4 HOH 7  31  16  HOH TIP A . 
G 4 HOH 8  32  18  HOH TIP A . 
G 4 HOH 9  33  20  HOH TIP A . 
G 4 HOH 10 34  24  HOH TIP A . 
G 4 HOH 11 35  26  HOH TIP A . 
G 4 HOH 12 36  32  HOH TIP A . 
G 4 HOH 13 37  33  HOH TIP A . 
G 4 HOH 14 38  37  HOH TIP A . 
G 4 HOH 15 39  38  HOH TIP A . 
G 4 HOH 16 40  42  HOH TIP A . 
G 4 HOH 17 41  45  HOH TIP A . 
G 4 HOH 18 42  46  HOH TIP A . 
G 4 HOH 19 43  50  HOH TIP A . 
G 4 HOH 20 44  52  HOH TIP A . 
G 4 HOH 21 45  54  HOH TIP A . 
G 4 HOH 22 46  57  HOH TIP A . 
G 4 HOH 23 47  58  HOH TIP A . 
G 4 HOH 24 48  59  HOH TIP A . 
G 4 HOH 25 49  61  HOH TIP A . 
G 4 HOH 26 50  70  HOH TIP A . 
G 4 HOH 27 51  77  HOH TIP A . 
G 4 HOH 28 52  80  HOH TIP A . 
G 4 HOH 29 53  85  HOH TIP A . 
G 4 HOH 30 54  87  HOH TIP A . 
G 4 HOH 31 55  88  HOH TIP A . 
G 4 HOH 32 56  90  HOH TIP A . 
G 4 HOH 33 57  91  HOH TIP A . 
G 4 HOH 34 58  94  HOH TIP A . 
G 4 HOH 35 59  97  HOH TIP A . 
G 4 HOH 36 60  99  HOH TIP A . 
G 4 HOH 37 61  100 HOH TIP A . 
G 4 HOH 38 62  104 HOH TIP A . 
G 4 HOH 39 63  108 HOH TIP A . 
G 4 HOH 40 64  116 HOH TIP A . 
G 4 HOH 41 65  118 HOH TIP A . 
G 4 HOH 42 66  119 HOH TIP A . 
G 4 HOH 43 67  124 HOH TIP A . 
G 4 HOH 44 68  134 HOH TIP A . 
G 4 HOH 45 69  135 HOH TIP A . 
G 4 HOH 46 70  137 HOH TIP A . 
G 4 HOH 47 71  142 HOH TIP A . 
G 4 HOH 48 72  144 HOH TIP A . 
G 4 HOH 49 73  146 HOH TIP A . 
G 4 HOH 50 74  147 HOH TIP A . 
G 4 HOH 51 75  149 HOH TIP A . 
G 4 HOH 52 76  150 HOH TIP A . 
G 4 HOH 53 77  154 HOH TIP A . 
H 4 HOH 1  27  1   HOH TIP B . 
H 4 HOH 2  28  2   HOH TIP B . 
H 4 HOH 3  29  3   HOH TIP B . 
H 4 HOH 4  30  4   HOH TIP B . 
H 4 HOH 5  31  5   HOH TIP B . 
H 4 HOH 6  32  8   HOH TIP B . 
H 4 HOH 7  33  9   HOH TIP B . 
H 4 HOH 8  34  13  HOH TIP B . 
H 4 HOH 9  35  14  HOH TIP B . 
H 4 HOH 10 36  17  HOH TIP B . 
H 4 HOH 11 37  19  HOH TIP B . 
H 4 HOH 12 38  21  HOH TIP B . 
H 4 HOH 13 39  22  HOH TIP B . 
H 4 HOH 14 40  23  HOH TIP B . 
H 4 HOH 15 41  27  HOH TIP B . 
H 4 HOH 16 42  28  HOH TIP B . 
H 4 HOH 17 43  29  HOH TIP B . 
H 4 HOH 18 44  30  HOH TIP B . 
H 4 HOH 19 45  31  HOH TIP B . 
H 4 HOH 20 46  34  HOH TIP B . 
H 4 HOH 21 47  35  HOH TIP B . 
H 4 HOH 22 48  36  HOH TIP B . 
H 4 HOH 23 49  39  HOH TIP B . 
H 4 HOH 24 50  40  HOH TIP B . 
H 4 HOH 25 51  41  HOH TIP B . 
H 4 HOH 26 52  43  HOH TIP B . 
H 4 HOH 27 53  44  HOH TIP B . 
H 4 HOH 28 54  47  HOH TIP B . 
H 4 HOH 29 55  48  HOH TIP B . 
H 4 HOH 30 56  51  HOH TIP B . 
H 4 HOH 31 57  53  HOH TIP B . 
H 4 HOH 32 58  55  HOH TIP B . 
H 4 HOH 33 59  56  HOH TIP B . 
H 4 HOH 34 60  60  HOH TIP B . 
H 4 HOH 35 61  63  HOH TIP B . 
H 4 HOH 36 62  64  HOH TIP B . 
H 4 HOH 37 63  65  HOH TIP B . 
H 4 HOH 38 64  66  HOH TIP B . 
H 4 HOH 39 65  67  HOH TIP B . 
H 4 HOH 40 66  68  HOH TIP B . 
H 4 HOH 41 67  69  HOH TIP B . 
H 4 HOH 42 68  71  HOH TIP B . 
H 4 HOH 43 69  72  HOH TIP B . 
H 4 HOH 44 70  73  HOH TIP B . 
H 4 HOH 45 71  74  HOH TIP B . 
H 4 HOH 46 72  75  HOH TIP B . 
H 4 HOH 47 73  76  HOH TIP B . 
H 4 HOH 48 74  78  HOH TIP B . 
H 4 HOH 49 75  79  HOH TIP B . 
H 4 HOH 50 76  81  HOH TIP B . 
H 4 HOH 51 77  82  HOH TIP B . 
H 4 HOH 52 78  83  HOH TIP B . 
H 4 HOH 53 79  84  HOH TIP B . 
H 4 HOH 54 80  89  HOH TIP B . 
H 4 HOH 55 81  92  HOH TIP B . 
H 4 HOH 56 82  96  HOH TIP B . 
H 4 HOH 57 83  98  HOH TIP B . 
H 4 HOH 58 84  101 HOH TIP B . 
H 4 HOH 59 85  102 HOH TIP B . 
H 4 HOH 60 86  103 HOH TIP B . 
H 4 HOH 61 87  105 HOH TIP B . 
H 4 HOH 62 88  106 HOH TIP B . 
H 4 HOH 63 89  109 HOH TIP B . 
H 4 HOH 64 90  110 HOH TIP B . 
H 4 HOH 65 91  111 HOH TIP B . 
H 4 HOH 66 92  112 HOH TIP B . 
H 4 HOH 67 93  115 HOH TIP B . 
H 4 HOH 68 94  117 HOH TIP B . 
H 4 HOH 69 95  120 HOH TIP B . 
H 4 HOH 70 96  121 HOH TIP B . 
H 4 HOH 71 97  122 HOH TIP B . 
H 4 HOH 72 98  125 HOH TIP B . 
H 4 HOH 73 99  128 HOH TIP B . 
H 4 HOH 74 100 129 HOH TIP B . 
H 4 HOH 75 101 131 HOH TIP B . 
H 4 HOH 76 102 132 HOH TIP B . 
H 4 HOH 77 103 133 HOH TIP B . 
H 4 HOH 78 104 138 HOH TIP B . 
H 4 HOH 79 105 140 HOH TIP B . 
H 4 HOH 80 106 141 HOH TIP B . 
H 4 HOH 81 107 145 HOH TIP B . 
H 4 HOH 82 108 148 HOH TIP B . 
H 4 HOH 83 109 151 HOH TIP B . 
H 4 HOH 84 110 152 HOH TIP B . 
H 4 HOH 85 111 153 HOH TIP B . 
H 4 HOH 86 112 155 HOH TIP B . 
H 4 HOH 87 113 156 HOH TIP B . 
# 
loop_
_pdbx_struct_mod_residue.id 
_pdbx_struct_mod_residue.label_asym_id 
_pdbx_struct_mod_residue.label_comp_id 
_pdbx_struct_mod_residue.label_seq_id 
_pdbx_struct_mod_residue.auth_asym_id 
_pdbx_struct_mod_residue.auth_comp_id 
_pdbx_struct_mod_residue.auth_seq_id 
_pdbx_struct_mod_residue.PDB_ins_code 
_pdbx_struct_mod_residue.parent_comp_id 
_pdbx_struct_mod_residue.details 
1 A UMS 3 A UMS 3 ? DU ? 
2 B UMS 3 B UMS 3 ? DU ? 
# 
_struct_site_keywords.site_id   1 
_struct_site_keywords.text      'MAJOR GROOVE BINDER' 
# 
_pdbx_struct_assembly.id                   1 
_pdbx_struct_assembly.details              author_and_software_defined_assembly 
_pdbx_struct_assembly.method_details       PISA 
_pdbx_struct_assembly.oligomeric_details   dimeric 
_pdbx_struct_assembly.oligomeric_count     2 
# 
_pdbx_struct_assembly_gen.assembly_id       1 
_pdbx_struct_assembly_gen.oper_expression   1 
_pdbx_struct_assembly_gen.asym_id_list      A,B,C,D,E,F,G,H 
# 
loop_
_pdbx_struct_assembly_prop.biol_id 
_pdbx_struct_assembly_prop.type 
_pdbx_struct_assembly_prop.value 
_pdbx_struct_assembly_prop.details 
1 'ABSA (A^2)' 7140 ? 
1 MORE         -46  ? 
1 'SSA (A^2)'  7330 ? 
# 
_pdbx_struct_oper_list.id                   1 
_pdbx_struct_oper_list.type                 'identity operation' 
_pdbx_struct_oper_list.name                 1_555 
_pdbx_struct_oper_list.symmetry_operation   x,y,z 
_pdbx_struct_oper_list.matrix[1][1]         1.0000000000 
_pdbx_struct_oper_list.matrix[1][2]         0.0000000000 
_pdbx_struct_oper_list.matrix[1][3]         0.0000000000 
_pdbx_struct_oper_list.vector[1]            0.0000000000 
_pdbx_struct_oper_list.matrix[2][1]         0.0000000000 
_pdbx_struct_oper_list.matrix[2][2]         1.0000000000 
_pdbx_struct_oper_list.matrix[2][3]         0.0000000000 
_pdbx_struct_oper_list.vector[2]            0.0000000000 
_pdbx_struct_oper_list.matrix[3][1]         0.0000000000 
_pdbx_struct_oper_list.matrix[3][2]         0.0000000000 
_pdbx_struct_oper_list.matrix[3][3]         1.0000000000 
_pdbx_struct_oper_list.vector[3]            0.0000000000 
# 
_pdbx_struct_special_symmetry.id              1 
_pdbx_struct_special_symmetry.PDB_model_num   1 
_pdbx_struct_special_symmetry.auth_asym_id    A 
_pdbx_struct_special_symmetry.auth_comp_id    HOH 
_pdbx_struct_special_symmetry.auth_seq_id     51 
_pdbx_struct_special_symmetry.PDB_ins_code    ? 
_pdbx_struct_special_symmetry.label_asym_id   G 
_pdbx_struct_special_symmetry.label_comp_id   HOH 
_pdbx_struct_special_symmetry.label_seq_id    . 
# 
loop_
_pdbx_struct_conn_angle.id 
_pdbx_struct_conn_angle.ptnr1_label_atom_id 
_pdbx_struct_conn_angle.ptnr1_label_alt_id 
_pdbx_struct_conn_angle.ptnr1_label_asym_id 
_pdbx_struct_conn_angle.ptnr1_label_comp_id 
_pdbx_struct_conn_angle.ptnr1_label_seq_id 
_pdbx_struct_conn_angle.ptnr1_auth_atom_id 
_pdbx_struct_conn_angle.ptnr1_auth_asym_id 
_pdbx_struct_conn_angle.ptnr1_auth_comp_id 
_pdbx_struct_conn_angle.ptnr1_auth_seq_id 
_pdbx_struct_conn_angle.ptnr1_PDB_ins_code 
_pdbx_struct_conn_angle.ptnr1_symmetry 
_pdbx_struct_conn_angle.ptnr2_label_atom_id 
_pdbx_struct_conn_angle.ptnr2_label_alt_id 
_pdbx_struct_conn_angle.ptnr2_label_asym_id 
_pdbx_struct_conn_angle.ptnr2_label_comp_id 
_pdbx_struct_conn_angle.ptnr2_label_seq_id 
_pdbx_struct_conn_angle.ptnr2_auth_atom_id 
_pdbx_struct_conn_angle.ptnr2_auth_asym_id 
_pdbx_struct_conn_angle.ptnr2_auth_comp_id 
_pdbx_struct_conn_angle.ptnr2_auth_seq_id 
_pdbx_struct_conn_angle.ptnr2_PDB_ins_code 
_pdbx_struct_conn_angle.ptnr2_symmetry 
_pdbx_struct_conn_angle.ptnr3_label_atom_id 
_pdbx_struct_conn_angle.ptnr3_label_alt_id 
_pdbx_struct_conn_angle.ptnr3_label_asym_id 
_pdbx_struct_conn_angle.ptnr3_label_comp_id 
_pdbx_struct_conn_angle.ptnr3_label_seq_id 
_pdbx_struct_conn_angle.ptnr3_auth_atom_id 
_pdbx_struct_conn_angle.ptnr3_auth_asym_id 
_pdbx_struct_conn_angle.ptnr3_auth_comp_id 
_pdbx_struct_conn_angle.ptnr3_auth_seq_id 
_pdbx_struct_conn_angle.ptnr3_PDB_ins_code 
_pdbx_struct_conn_angle.ptnr3_symmetry 
_pdbx_struct_conn_angle.value 
_pdbx_struct_conn_angle.value_esd 
1 O4 ? A UMS 3 ? A UMS 3  ? 1_555 K ? C K . ? A K 24 ? 1_555 O6 ? A G   4 ? A G   4  ? 1_555 72.8  ? 
2 O4 ? A UMS 3 ? A UMS 3  ? 1_555 K ? C K . ? A K 24 ? 1_555 O  ? G HOH . ? A HOH 74 ? 1_555 91.4  ? 
3 O6 ? A G   4 ? A G   4  ? 1_555 K ? C K . ? A K 24 ? 1_555 O  ? G HOH . ? A HOH 74 ? 1_555 89.0  ? 
4 O  ? G HOH . ? A HOH 39 ? 1_555 K ? F K . ? B K 26 ? 1_555 O4 ? B UMS 3 ? B UMS 3  ? 1_555 148.6 ? 
5 O  ? G HOH . ? A HOH 39 ? 1_555 K ? F K . ? B K 26 ? 1_555 O6 ? B G   4 ? B G   4  ? 1_555 97.3  ? 
6 O4 ? B UMS 3 ? B UMS 3  ? 1_555 K ? F K . ? B K 26 ? 1_555 O6 ? B G   4 ? B G   4  ? 1_555 76.5  ? 
# 
loop_
_pdbx_audit_revision_history.ordinal 
_pdbx_audit_revision_history.data_content_type 
_pdbx_audit_revision_history.major_revision 
_pdbx_audit_revision_history.minor_revision 
_pdbx_audit_revision_history.revision_date 
1 'Structure model' 1 0 2008-05-06 
2 'Structure model' 1 1 2011-07-13 
3 'Structure model' 1 2 2023-11-01 
# 
_pdbx_audit_revision_details.ordinal             1 
_pdbx_audit_revision_details.revision_ordinal    1 
_pdbx_audit_revision_details.data_content_type   'Structure model' 
_pdbx_audit_revision_details.provider            repository 
_pdbx_audit_revision_details.type                'Initial release' 
_pdbx_audit_revision_details.description         ? 
_pdbx_audit_revision_details.details             ? 
# 
loop_
_pdbx_audit_revision_group.ordinal 
_pdbx_audit_revision_group.revision_ordinal 
_pdbx_audit_revision_group.data_content_type 
_pdbx_audit_revision_group.group 
1 2 'Structure model' 'Version format compliance' 
2 3 'Structure model' 'Data collection'           
3 3 'Structure model' 'Database references'       
4 3 'Structure model' 'Derived calculations'      
5 3 'Structure model' 'Refinement description'    
6 3 'Structure model' 'Structure summary'         
# 
loop_
_pdbx_audit_revision_category.ordinal 
_pdbx_audit_revision_category.revision_ordinal 
_pdbx_audit_revision_category.data_content_type 
_pdbx_audit_revision_category.category 
1  3 'Structure model' chem_comp                     
2  3 'Structure model' chem_comp_atom                
3  3 'Structure model' chem_comp_bond                
4  3 'Structure model' database_2                    
5  3 'Structure model' entity                        
6  3 'Structure model' pdbx_entity_nonpoly           
7  3 'Structure model' pdbx_initial_refinement_model 
8  3 'Structure model' pdbx_struct_conn_angle        
9  3 'Structure model' struct_conn                   
10 3 'Structure model' struct_conn_type              
11 3 'Structure model' struct_site                   
# 
loop_
_pdbx_audit_revision_item.ordinal 
_pdbx_audit_revision_item.revision_ordinal 
_pdbx_audit_revision_item.data_content_type 
_pdbx_audit_revision_item.item 
1  3 'Structure model' '_chem_comp.name'                             
2  3 'Structure model' '_chem_comp.pdbx_synonyms'                    
3  3 'Structure model' '_database_2.pdbx_DOI'                        
4  3 'Structure model' '_database_2.pdbx_database_accession'         
5  3 'Structure model' '_entity.pdbx_description'                    
6  3 'Structure model' '_pdbx_entity_nonpoly.name'                   
7  3 'Structure model' '_pdbx_struct_conn_angle.ptnr1_auth_asym_id'  
8  3 'Structure model' '_pdbx_struct_conn_angle.ptnr1_auth_comp_id'  
9  3 'Structure model' '_pdbx_struct_conn_angle.ptnr1_auth_seq_id'   
10 3 'Structure model' '_pdbx_struct_conn_angle.ptnr1_label_asym_id' 
11 3 'Structure model' '_pdbx_struct_conn_angle.ptnr1_label_atom_id' 
12 3 'Structure model' '_pdbx_struct_conn_angle.ptnr1_label_comp_id' 
13 3 'Structure model' '_pdbx_struct_conn_angle.ptnr1_label_seq_id'  
14 3 'Structure model' '_pdbx_struct_conn_angle.ptnr3_auth_asym_id'  
15 3 'Structure model' '_pdbx_struct_conn_angle.ptnr3_auth_comp_id'  
16 3 'Structure model' '_pdbx_struct_conn_angle.ptnr3_auth_seq_id'   
17 3 'Structure model' '_pdbx_struct_conn_angle.ptnr3_label_asym_id' 
18 3 'Structure model' '_pdbx_struct_conn_angle.ptnr3_label_atom_id' 
19 3 'Structure model' '_pdbx_struct_conn_angle.ptnr3_label_comp_id' 
20 3 'Structure model' '_pdbx_struct_conn_angle.ptnr3_label_seq_id'  
21 3 'Structure model' '_pdbx_struct_conn_angle.value'               
22 3 'Structure model' '_struct_conn.conn_type_id'                   
23 3 'Structure model' '_struct_conn.id'                             
24 3 'Structure model' '_struct_conn.pdbx_dist_value'                
25 3 'Structure model' '_struct_conn.pdbx_leaving_atom_flag'         
26 3 'Structure model' '_struct_conn.ptnr1_auth_asym_id'             
27 3 'Structure model' '_struct_conn.ptnr1_auth_comp_id'             
28 3 'Structure model' '_struct_conn.ptnr1_auth_seq_id'              
29 3 'Structure model' '_struct_conn.ptnr1_label_asym_id'            
30 3 'Structure model' '_struct_conn.ptnr1_label_atom_id'            
31 3 'Structure model' '_struct_conn.ptnr1_label_comp_id'            
32 3 'Structure model' '_struct_conn.ptnr1_label_seq_id'             
33 3 'Structure model' '_struct_conn.ptnr2_auth_asym_id'             
34 3 'Structure model' '_struct_conn.ptnr2_auth_comp_id'             
35 3 'Structure model' '_struct_conn.ptnr2_auth_seq_id'              
36 3 'Structure model' '_struct_conn.ptnr2_label_asym_id'            
37 3 'Structure model' '_struct_conn.ptnr2_label_atom_id'            
38 3 'Structure model' '_struct_conn.ptnr2_label_comp_id'            
39 3 'Structure model' '_struct_conn.ptnr2_label_seq_id'             
40 3 'Structure model' '_struct_conn_type.id'                        
41 3 'Structure model' '_struct_site.pdbx_auth_asym_id'              
42 3 'Structure model' '_struct_site.pdbx_auth_comp_id'              
43 3 'Structure model' '_struct_site.pdbx_auth_seq_id'               
# 
loop_
_software.name 
_software.classification 
_software.version 
_software.citation_id 
_software.pdbx_ordinal 
CNS       refinement        1.1 ? 1 
DNA       'data collection' .   ? 2 
DENZO     'data reduction'  .   ? 3 
SCALEPACK 'data scaling'    .   ? 4 
MOLREP    phasing           .   ? 5 
# 
loop_
_pdbx_validate_rmsd_angle.id 
_pdbx_validate_rmsd_angle.PDB_model_num 
_pdbx_validate_rmsd_angle.auth_atom_id_1 
_pdbx_validate_rmsd_angle.auth_asym_id_1 
_pdbx_validate_rmsd_angle.auth_comp_id_1 
_pdbx_validate_rmsd_angle.auth_seq_id_1 
_pdbx_validate_rmsd_angle.PDB_ins_code_1 
_pdbx_validate_rmsd_angle.label_alt_id_1 
_pdbx_validate_rmsd_angle.auth_atom_id_2 
_pdbx_validate_rmsd_angle.auth_asym_id_2 
_pdbx_validate_rmsd_angle.auth_comp_id_2 
_pdbx_validate_rmsd_angle.auth_seq_id_2 
_pdbx_validate_rmsd_angle.PDB_ins_code_2 
_pdbx_validate_rmsd_angle.label_alt_id_2 
_pdbx_validate_rmsd_angle.auth_atom_id_3 
_pdbx_validate_rmsd_angle.auth_asym_id_3 
_pdbx_validate_rmsd_angle.auth_comp_id_3 
_pdbx_validate_rmsd_angle.auth_seq_id_3 
_pdbx_validate_rmsd_angle.PDB_ins_code_3 
_pdbx_validate_rmsd_angle.label_alt_id_3 
_pdbx_validate_rmsd_angle.angle_value 
_pdbx_validate_rmsd_angle.angle_target_value 
_pdbx_validate_rmsd_angle.angle_deviation 
_pdbx_validate_rmsd_angle.angle_standard_deviation 
_pdbx_validate_rmsd_angle.linker_flag 
1 1 "C3'" A UMS 3 ? ? "O3'" A UMS 3 ? ? P A G 4 ? ? 128.09 119.70 8.39 1.20 Y 
2 1 "C3'" B UMS 3 ? ? "O3'" B UMS 3 ? ? P B G 4 ? ? 127.12 119.70 7.42 1.20 Y 
# 
loop_
_chem_comp_atom.comp_id 
_chem_comp_atom.atom_id 
_chem_comp_atom.type_symbol 
_chem_comp_atom.pdbx_aromatic_flag 
_chem_comp_atom.pdbx_stereo_config 
_chem_comp_atom.pdbx_ordinal 
A   OP3    O  N N 1   
A   P      P  N N 2   
A   OP1    O  N N 3   
A   OP2    O  N N 4   
A   "O5'"  O  N N 5   
A   "C5'"  C  N N 6   
A   "C4'"  C  N R 7   
A   "O4'"  O  N N 8   
A   "C3'"  C  N S 9   
A   "O3'"  O  N N 10  
A   "C2'"  C  N R 11  
A   "O2'"  O  N N 12  
A   "C1'"  C  N R 13  
A   N9     N  Y N 14  
A   C8     C  Y N 15  
A   N7     N  Y N 16  
A   C5     C  Y N 17  
A   C6     C  Y N 18  
A   N6     N  N N 19  
A   N1     N  Y N 20  
A   C2     C  Y N 21  
A   N3     N  Y N 22  
A   C4     C  Y N 23  
A   HOP3   H  N N 24  
A   HOP2   H  N N 25  
A   "H5'"  H  N N 26  
A   "H5''" H  N N 27  
A   "H4'"  H  N N 28  
A   "H3'"  H  N N 29  
A   "HO3'" H  N N 30  
A   "H2'"  H  N N 31  
A   "HO2'" H  N N 32  
A   "H1'"  H  N N 33  
A   H8     H  N N 34  
A   H61    H  N N 35  
A   H62    H  N N 36  
A   H2     H  N N 37  
C   OP3    O  N N 38  
C   P      P  N N 39  
C   OP1    O  N N 40  
C   OP2    O  N N 41  
C   "O5'"  O  N N 42  
C   "C5'"  C  N N 43  
C   "C4'"  C  N R 44  
C   "O4'"  O  N N 45  
C   "C3'"  C  N S 46  
C   "O3'"  O  N N 47  
C   "C2'"  C  N R 48  
C   "O2'"  O  N N 49  
C   "C1'"  C  N R 50  
C   N1     N  N N 51  
C   C2     C  N N 52  
C   O2     O  N N 53  
C   N3     N  N N 54  
C   C4     C  N N 55  
C   N4     N  N N 56  
C   C5     C  N N 57  
C   C6     C  N N 58  
C   HOP3   H  N N 59  
C   HOP2   H  N N 60  
C   "H5'"  H  N N 61  
C   "H5''" H  N N 62  
C   "H4'"  H  N N 63  
C   "H3'"  H  N N 64  
C   "HO3'" H  N N 65  
C   "H2'"  H  N N 66  
C   "HO2'" H  N N 67  
C   "H1'"  H  N N 68  
C   H41    H  N N 69  
C   H42    H  N N 70  
C   H5     H  N N 71  
C   H6     H  N N 72  
G   OP3    O  N N 73  
G   P      P  N N 74  
G   OP1    O  N N 75  
G   OP2    O  N N 76  
G   "O5'"  O  N N 77  
G   "C5'"  C  N N 78  
G   "C4'"  C  N R 79  
G   "O4'"  O  N N 80  
G   "C3'"  C  N S 81  
G   "O3'"  O  N N 82  
G   "C2'"  C  N R 83  
G   "O2'"  O  N N 84  
G   "C1'"  C  N R 85  
G   N9     N  Y N 86  
G   C8     C  Y N 87  
G   N7     N  Y N 88  
G   C5     C  Y N 89  
G   C6     C  N N 90  
G   O6     O  N N 91  
G   N1     N  N N 92  
G   C2     C  N N 93  
G   N2     N  N N 94  
G   N3     N  N N 95  
G   C4     C  Y N 96  
G   HOP3   H  N N 97  
G   HOP2   H  N N 98  
G   "H5'"  H  N N 99  
G   "H5''" H  N N 100 
G   "H4'"  H  N N 101 
G   "H3'"  H  N N 102 
G   "HO3'" H  N N 103 
G   "H2'"  H  N N 104 
G   "HO2'" H  N N 105 
G   "H1'"  H  N N 106 
G   H8     H  N N 107 
G   H1     H  N N 108 
G   H21    H  N N 109 
G   H22    H  N N 110 
HOH O      O  N N 111 
HOH H1     H  N N 112 
HOH H2     H  N N 113 
K   K      K  N N 114 
LIV C11    C  N S 115 
LIV O11    O  N N 116 
LIV C21    C  N R 117 
LIV N21    N  N N 118 
LIV C31    C  N N 119 
LIV C41    C  N S 120 
LIV O41    O  N N 121 
LIV C51    C  N R 122 
LIV O51    O  N N 123 
LIV C61    C  N N 124 
LIV O61    O  N N 125 
LIV C12    C  N R 126 
LIV N12    N  N N 127 
LIV C62    C  N S 128 
LIV O62    O  N N 129 
LIV C52    C  N R 130 
LIV O52    O  N N 131 
LIV C42    C  N R 132 
LIV C32    C  N S 133 
LIV N32    N  N N 134 
LIV C22    C  N N 135 
LIV C13    C  N S 136 
LIV C23    C  N R 137 
LIV O23    O  N N 138 
LIV C33    C  N S 139 
LIV C43    C  N R 140 
LIV O43    O  N N 141 
LIV C53    C  N N 142 
LIV O53    O  N N 143 
LIV C44    C  N S 144 
LIV O44    O  N N 145 
LIV C34    C  N R 146 
LIV O34    O  N N 147 
LIV C24    C  N R 148 
LIV N24    N  N N 149 
LIV C14    C  N R 150 
LIV O33    O  N N 151 
LIV C54    C  N S 152 
LIV O54    O  N N 153 
LIV C64    C  N N 154 
LIV N64    N  N N 155 
LIV C15    C  N R 156 
LIV C25    C  N S 157 
LIV C35    C  N S 158 
LIV C45    C  N S 159 
LIV C55    C  N R 160 
LIV C65    C  N N 161 
LIV O25    O  N N 162 
LIV O35    O  N N 163 
LIV O45    O  N N 164 
LIV O55    O  N N 165 
LIV O65    O  N N 166 
LIV H11    H  N N 167 
LIV H21    H  N N 168 
LIV H211   H  N N 169 
LIV H212   H  N N 170 
LIV H311   H  N N 171 
LIV H312   H  N N 172 
LIV H41    H  N N 173 
LIV H3     H  N N 174 
LIV H51    H  N N 175 
LIV H611   H  N N 176 
LIV H612   H  N N 177 
LIV H61    H  N N 178 
LIV H12    H  N N 179 
LIV H121   H  N N 180 
LIV H122   H  N N 181 
LIV H62    H  N N 182 
LIV H2     H  N N 183 
LIV H52    H  N N 184 
LIV H42    H  N N 185 
LIV H32    H  N N 186 
LIV H321   H  N N 187 
LIV H322   H  N N 188 
LIV H221   H  N N 189 
LIV H222   H  N N 190 
LIV H13    H  N N 191 
LIV H23    H  N N 192 
LIV H1     H  N N 193 
LIV H33    H  N N 194 
LIV H43    H  N N 195 
LIV H531   H  N N 196 
LIV H532   H  N N 197 
LIV H53    H  N N 198 
LIV H44    H  N N 199 
LIV H34    H  N N 200 
LIV H4     H  N N 201 
LIV H24    H  N N 202 
LIV H241   H  N N 203 
LIV H242   H  N N 204 
LIV H14    H  N N 205 
LIV H54    H  N N 206 
LIV H11A   H  N N 207 
LIV H12A   H  N N 208 
LIV H641   H  N N 209 
LIV H642   H  N N 210 
LIV H15    H  N N 211 
LIV H25    H  N N 212 
LIV H35    H  N N 213 
LIV H45    H  N N 214 
LIV H55    H  N N 215 
LIV H651   H  N N 216 
LIV H652   H  N N 217 
LIV H7     H  N N 218 
LIV H6     H  N N 219 
LIV H5     H  N N 220 
LIV H65    H  N N 221 
U   OP3    O  N N 222 
U   P      P  N N 223 
U   OP1    O  N N 224 
U   OP2    O  N N 225 
U   "O5'"  O  N N 226 
U   "C5'"  C  N N 227 
U   "C4'"  C  N R 228 
U   "O4'"  O  N N 229 
U   "C3'"  C  N S 230 
U   "O3'"  O  N N 231 
U   "C2'"  C  N R 232 
U   "O2'"  O  N N 233 
U   "C1'"  C  N R 234 
U   N1     N  N N 235 
U   C2     C  N N 236 
U   O2     O  N N 237 
U   N3     N  N N 238 
U   C4     C  N N 239 
U   O4     O  N N 240 
U   C5     C  N N 241 
U   C6     C  N N 242 
U   HOP3   H  N N 243 
U   HOP2   H  N N 244 
U   "H5'"  H  N N 245 
U   "H5''" H  N N 246 
U   "H4'"  H  N N 247 
U   "H3'"  H  N N 248 
U   "HO3'" H  N N 249 
U   "H2'"  H  N N 250 
U   "HO2'" H  N N 251 
U   "H1'"  H  N N 252 
U   H3     H  N N 253 
U   H5     H  N N 254 
U   H6     H  N N 255 
UMS OP3    O  N N 256 
UMS P      P  N N 257 
UMS OP1    O  N N 258 
UMS OP2    O  N N 259 
UMS "O5'"  O  N N 260 
UMS "C5'"  C  N N 261 
UMS "C4'"  C  N R 262 
UMS "O4'"  O  N N 263 
UMS "C3'"  C  N R 264 
UMS "O3'"  O  N N 265 
UMS "C2'"  C  N R 266 
UMS "SE2'" SE N N 267 
UMS "C1'"  C  N R 268 
UMS "CA'"  C  N N 269 
UMS N1     N  N N 270 
UMS C2     C  N N 271 
UMS O2     O  N N 272 
UMS N3     N  N N 273 
UMS C4     C  N N 274 
UMS O4     O  N N 275 
UMS C5     C  N N 276 
UMS C6     C  N N 277 
UMS HOP3   H  N N 278 
UMS HOP2   H  N N 279 
UMS "H5'"  H  N N 280 
UMS "H5'2" H  N N 281 
UMS "H4'"  H  N N 282 
UMS "H3'"  H  N N 283 
UMS "HO3'" H  N N 284 
UMS "H2'"  H  N N 285 
UMS "H1'"  H  N N 286 
UMS "HA'"  H  N N 287 
UMS "HA'2" H  N N 288 
UMS "HA'3" H  N N 289 
UMS H3     H  N N 290 
UMS H5     H  N N 291 
UMS H6     H  N N 292 
# 
loop_
_chem_comp_bond.comp_id 
_chem_comp_bond.atom_id_1 
_chem_comp_bond.atom_id_2 
_chem_comp_bond.value_order 
_chem_comp_bond.pdbx_aromatic_flag 
_chem_comp_bond.pdbx_stereo_config 
_chem_comp_bond.pdbx_ordinal 
A   OP3    P      sing N N 1   
A   OP3    HOP3   sing N N 2   
A   P      OP1    doub N N 3   
A   P      OP2    sing N N 4   
A   P      "O5'"  sing N N 5   
A   OP2    HOP2   sing N N 6   
A   "O5'"  "C5'"  sing N N 7   
A   "C5'"  "C4'"  sing N N 8   
A   "C5'"  "H5'"  sing N N 9   
A   "C5'"  "H5''" sing N N 10  
A   "C4'"  "O4'"  sing N N 11  
A   "C4'"  "C3'"  sing N N 12  
A   "C4'"  "H4'"  sing N N 13  
A   "O4'"  "C1'"  sing N N 14  
A   "C3'"  "O3'"  sing N N 15  
A   "C3'"  "C2'"  sing N N 16  
A   "C3'"  "H3'"  sing N N 17  
A   "O3'"  "HO3'" sing N N 18  
A   "C2'"  "O2'"  sing N N 19  
A   "C2'"  "C1'"  sing N N 20  
A   "C2'"  "H2'"  sing N N 21  
A   "O2'"  "HO2'" sing N N 22  
A   "C1'"  N9     sing N N 23  
A   "C1'"  "H1'"  sing N N 24  
A   N9     C8     sing Y N 25  
A   N9     C4     sing Y N 26  
A   C8     N7     doub Y N 27  
A   C8     H8     sing N N 28  
A   N7     C5     sing Y N 29  
A   C5     C6     sing Y N 30  
A   C5     C4     doub Y N 31  
A   C6     N6     sing N N 32  
A   C6     N1     doub Y N 33  
A   N6     H61    sing N N 34  
A   N6     H62    sing N N 35  
A   N1     C2     sing Y N 36  
A   C2     N3     doub Y N 37  
A   C2     H2     sing N N 38  
A   N3     C4     sing Y N 39  
C   OP3    P      sing N N 40  
C   OP3    HOP3   sing N N 41  
C   P      OP1    doub N N 42  
C   P      OP2    sing N N 43  
C   P      "O5'"  sing N N 44  
C   OP2    HOP2   sing N N 45  
C   "O5'"  "C5'"  sing N N 46  
C   "C5'"  "C4'"  sing N N 47  
C   "C5'"  "H5'"  sing N N 48  
C   "C5'"  "H5''" sing N N 49  
C   "C4'"  "O4'"  sing N N 50  
C   "C4'"  "C3'"  sing N N 51  
C   "C4'"  "H4'"  sing N N 52  
C   "O4'"  "C1'"  sing N N 53  
C   "C3'"  "O3'"  sing N N 54  
C   "C3'"  "C2'"  sing N N 55  
C   "C3'"  "H3'"  sing N N 56  
C   "O3'"  "HO3'" sing N N 57  
C   "C2'"  "O2'"  sing N N 58  
C   "C2'"  "C1'"  sing N N 59  
C   "C2'"  "H2'"  sing N N 60  
C   "O2'"  "HO2'" sing N N 61  
C   "C1'"  N1     sing N N 62  
C   "C1'"  "H1'"  sing N N 63  
C   N1     C2     sing N N 64  
C   N1     C6     sing N N 65  
C   C2     O2     doub N N 66  
C   C2     N3     sing N N 67  
C   N3     C4     doub N N 68  
C   C4     N4     sing N N 69  
C   C4     C5     sing N N 70  
C   N4     H41    sing N N 71  
C   N4     H42    sing N N 72  
C   C5     C6     doub N N 73  
C   C5     H5     sing N N 74  
C   C6     H6     sing N N 75  
G   OP3    P      sing N N 76  
G   OP3    HOP3   sing N N 77  
G   P      OP1    doub N N 78  
G   P      OP2    sing N N 79  
G   P      "O5'"  sing N N 80  
G   OP2    HOP2   sing N N 81  
G   "O5'"  "C5'"  sing N N 82  
G   "C5'"  "C4'"  sing N N 83  
G   "C5'"  "H5'"  sing N N 84  
G   "C5'"  "H5''" sing N N 85  
G   "C4'"  "O4'"  sing N N 86  
G   "C4'"  "C3'"  sing N N 87  
G   "C4'"  "H4'"  sing N N 88  
G   "O4'"  "C1'"  sing N N 89  
G   "C3'"  "O3'"  sing N N 90  
G   "C3'"  "C2'"  sing N N 91  
G   "C3'"  "H3'"  sing N N 92  
G   "O3'"  "HO3'" sing N N 93  
G   "C2'"  "O2'"  sing N N 94  
G   "C2'"  "C1'"  sing N N 95  
G   "C2'"  "H2'"  sing N N 96  
G   "O2'"  "HO2'" sing N N 97  
G   "C1'"  N9     sing N N 98  
G   "C1'"  "H1'"  sing N N 99  
G   N9     C8     sing Y N 100 
G   N9     C4     sing Y N 101 
G   C8     N7     doub Y N 102 
G   C8     H8     sing N N 103 
G   N7     C5     sing Y N 104 
G   C5     C6     sing N N 105 
G   C5     C4     doub Y N 106 
G   C6     O6     doub N N 107 
G   C6     N1     sing N N 108 
G   N1     C2     sing N N 109 
G   N1     H1     sing N N 110 
G   C2     N2     sing N N 111 
G   C2     N3     doub N N 112 
G   N2     H21    sing N N 113 
G   N2     H22    sing N N 114 
G   N3     C4     sing N N 115 
HOH O      H1     sing N N 116 
HOH O      H2     sing N N 117 
LIV C11    O11    sing N N 118 
LIV C11    C21    sing N N 119 
LIV C11    O51    sing N N 120 
LIV C11    H11    sing N N 121 
LIV O11    C42    sing N N 122 
LIV C21    N21    sing N N 123 
LIV C21    C31    sing N N 124 
LIV C21    H21    sing N N 125 
LIV N21    H211   sing N N 126 
LIV N21    H212   sing N N 127 
LIV C31    C41    sing N N 128 
LIV C31    H311   sing N N 129 
LIV C31    H312   sing N N 130 
LIV C41    O41    sing N N 131 
LIV C41    C51    sing N N 132 
LIV C41    H41    sing N N 133 
LIV O41    H3     sing N N 134 
LIV C51    O51    sing N N 135 
LIV C51    C61    sing N N 136 
LIV C51    H51    sing N N 137 
LIV C61    O61    sing N N 138 
LIV C61    H611   sing N N 139 
LIV C61    H612   sing N N 140 
LIV O61    H61    sing N N 141 
LIV C12    N12    sing N N 142 
LIV C12    C62    sing N N 143 
LIV C12    C22    sing N N 144 
LIV C12    H12    sing N N 145 
LIV N12    H121   sing N N 146 
LIV N12    H122   sing N N 147 
LIV C62    O62    sing N N 148 
LIV C62    C52    sing N N 149 
LIV C62    H62    sing N N 150 
LIV O62    H2     sing N N 151 
LIV C52    O52    sing N N 152 
LIV C52    C42    sing N N 153 
LIV C52    H52    sing N N 154 
LIV O52    C13    sing N N 155 
LIV C42    C32    sing N N 156 
LIV C42    H42    sing N N 157 
LIV C32    N32    sing N N 158 
LIV C32    C22    sing N N 159 
LIV C32    H32    sing N N 160 
LIV N32    H321   sing N N 161 
LIV N32    H322   sing N N 162 
LIV C22    H221   sing N N 163 
LIV C22    H222   sing N N 164 
LIV C13    C23    sing N N 165 
LIV C13    O43    sing N N 166 
LIV C13    H13    sing N N 167 
LIV C23    O23    sing N N 168 
LIV C23    C33    sing N N 169 
LIV C23    H23    sing N N 170 
LIV O23    H1     sing N N 171 
LIV C33    C43    sing N N 172 
LIV C33    O33    sing N N 173 
LIV C33    H33    sing N N 174 
LIV C43    O43    sing N N 175 
LIV C43    C53    sing N N 176 
LIV C43    H43    sing N N 177 
LIV C53    O53    sing N N 178 
LIV C53    H531   sing N N 179 
LIV C53    H532   sing N N 180 
LIV O53    H53    sing N N 181 
LIV C44    O44    sing N N 182 
LIV C44    C34    sing N N 183 
LIV C44    C54    sing N N 184 
LIV C44    H44    sing N N 185 
LIV O44    C15    sing N N 186 
LIV C34    O34    sing N N 187 
LIV C34    C24    sing N N 188 
LIV C34    H34    sing N N 189 
LIV O34    H4     sing N N 190 
LIV C24    N24    sing N N 191 
LIV C24    C14    sing N N 192 
LIV C24    H24    sing N N 193 
LIV N24    H241   sing N N 194 
LIV N24    H242   sing N N 195 
LIV C14    O33    sing N N 196 
LIV C14    O54    sing N N 197 
LIV C14    H14    sing N N 198 
LIV C54    O54    sing N N 199 
LIV C54    C64    sing N N 200 
LIV C54    H54    sing N N 201 
LIV C64    N64    sing N N 202 
LIV C64    H11A   sing N N 203 
LIV C64    H12A   sing N N 204 
LIV N64    H641   sing N N 205 
LIV N64    H642   sing N N 206 
LIV C15    C25    sing N N 207 
LIV C15    O55    sing N N 208 
LIV C15    H15    sing N N 209 
LIV C25    C35    sing N N 210 
LIV C25    O25    sing N N 211 
LIV C25    H25    sing N N 212 
LIV C35    C45    sing N N 213 
LIV C35    O35    sing N N 214 
LIV C35    H35    sing N N 215 
LIV C45    C55    sing N N 216 
LIV C45    O45    sing N N 217 
LIV C45    H45    sing N N 218 
LIV C55    C65    sing N N 219 
LIV C55    O55    sing N N 220 
LIV C55    H55    sing N N 221 
LIV C65    O65    sing N N 222 
LIV C65    H651   sing N N 223 
LIV C65    H652   sing N N 224 
LIV O25    H7     sing N N 225 
LIV O35    H6     sing N N 226 
LIV O45    H5     sing N N 227 
LIV O65    H65    sing N N 228 
U   OP3    P      sing N N 229 
U   OP3    HOP3   sing N N 230 
U   P      OP1    doub N N 231 
U   P      OP2    sing N N 232 
U   P      "O5'"  sing N N 233 
U   OP2    HOP2   sing N N 234 
U   "O5'"  "C5'"  sing N N 235 
U   "C5'"  "C4'"  sing N N 236 
U   "C5'"  "H5'"  sing N N 237 
U   "C5'"  "H5''" sing N N 238 
U   "C4'"  "O4'"  sing N N 239 
U   "C4'"  "C3'"  sing N N 240 
U   "C4'"  "H4'"  sing N N 241 
U   "O4'"  "C1'"  sing N N 242 
U   "C3'"  "O3'"  sing N N 243 
U   "C3'"  "C2'"  sing N N 244 
U   "C3'"  "H3'"  sing N N 245 
U   "O3'"  "HO3'" sing N N 246 
U   "C2'"  "O2'"  sing N N 247 
U   "C2'"  "C1'"  sing N N 248 
U   "C2'"  "H2'"  sing N N 249 
U   "O2'"  "HO2'" sing N N 250 
U   "C1'"  N1     sing N N 251 
U   "C1'"  "H1'"  sing N N 252 
U   N1     C2     sing N N 253 
U   N1     C6     sing N N 254 
U   C2     O2     doub N N 255 
U   C2     N3     sing N N 256 
U   N3     C4     sing N N 257 
U   N3     H3     sing N N 258 
U   C4     O4     doub N N 259 
U   C4     C5     sing N N 260 
U   C5     C6     doub N N 261 
U   C5     H5     sing N N 262 
U   C6     H6     sing N N 263 
UMS OP3    P      sing N N 264 
UMS OP3    HOP3   sing N N 265 
UMS P      OP1    doub N N 266 
UMS P      OP2    sing N N 267 
UMS P      "O5'"  sing N N 268 
UMS OP2    HOP2   sing N N 269 
UMS "O5'"  "C5'"  sing N N 270 
UMS "C5'"  "C4'"  sing N N 271 
UMS "C5'"  "H5'"  sing N N 272 
UMS "C5'"  "H5'2" sing N N 273 
UMS "C4'"  "O4'"  sing N N 274 
UMS "C4'"  "C3'"  sing N N 275 
UMS "C4'"  "H4'"  sing N N 276 
UMS "O4'"  "C1'"  sing N N 277 
UMS "C3'"  "O3'"  sing N N 278 
UMS "C3'"  "C2'"  sing N N 279 
UMS "C3'"  "H3'"  sing N N 280 
UMS "O3'"  "HO3'" sing N N 281 
UMS "C2'"  "SE2'" sing N N 282 
UMS "C2'"  "C1'"  sing N N 283 
UMS "C2'"  "H2'"  sing N N 284 
UMS "SE2'" "CA'"  sing N N 285 
UMS "C1'"  N1     sing N N 286 
UMS "C1'"  "H1'"  sing N N 287 
UMS "CA'"  "HA'"  sing N N 288 
UMS "CA'"  "HA'2" sing N N 289 
UMS "CA'"  "HA'3" sing N N 290 
UMS N1     C2     sing N N 291 
UMS N1     C6     sing N N 292 
UMS C2     O2     doub N N 293 
UMS C2     N3     sing N N 294 
UMS N3     C4     sing N N 295 
UMS N3     H3     sing N N 296 
UMS C4     O4     doub N N 297 
UMS C4     C5     sing N N 298 
UMS C5     C6     doub N N 299 
UMS C5     H5     sing N N 300 
UMS C6     H6     sing N N 301 
# 
loop_
_ndb_struct_conf_na.entry_id 
_ndb_struct_conf_na.feature 
3C5D 'double helix'        
3C5D 'a-form double helix' 
3C5D 'internal loop'       
# 
loop_
_ndb_struct_na_base_pair.model_number 
_ndb_struct_na_base_pair.i_label_asym_id 
_ndb_struct_na_base_pair.i_label_comp_id 
_ndb_struct_na_base_pair.i_label_seq_id 
_ndb_struct_na_base_pair.i_symmetry 
_ndb_struct_na_base_pair.j_label_asym_id 
_ndb_struct_na_base_pair.j_label_comp_id 
_ndb_struct_na_base_pair.j_label_seq_id 
_ndb_struct_na_base_pair.j_symmetry 
_ndb_struct_na_base_pair.shear 
_ndb_struct_na_base_pair.stretch 
_ndb_struct_na_base_pair.stagger 
_ndb_struct_na_base_pair.buckle 
_ndb_struct_na_base_pair.propeller 
_ndb_struct_na_base_pair.opening 
_ndb_struct_na_base_pair.pair_number 
_ndb_struct_na_base_pair.pair_name 
_ndb_struct_na_base_pair.i_auth_asym_id 
_ndb_struct_na_base_pair.i_auth_seq_id 
_ndb_struct_na_base_pair.i_PDB_ins_code 
_ndb_struct_na_base_pair.j_auth_asym_id 
_ndb_struct_na_base_pair.j_auth_seq_id 
_ndb_struct_na_base_pair.j_PDB_ins_code 
_ndb_struct_na_base_pair.hbond_type_28 
_ndb_struct_na_base_pair.hbond_type_12 
1 A C   1  1_555 B G   23 1_555 0.015  -0.283 0.057  7.410  -20.730 -3.971 1  A_C1:G23_B   A 1  ? B 23 ? 19 1 
1 A U   2  1_555 B A   22 1_555 -0.178 -0.112 0.164  1.661  -17.275 4.626  2  A_U2:A22_B   A 2  ? B 22 ? 20 1 
1 A UMS 3  1_555 B A   21 1_555 0.239  -0.180 0.062  5.353  -12.411 5.204  3  A_UMS3:A21_B A 3  ? B 21 ? 20 1 
1 A G   4  1_555 B C   20 1_555 0.007  -0.183 0.095  -2.647 -17.662 1.382  4  A_G4:C20_B   A 4  ? B 20 ? 19 1 
1 A C   5  1_555 B G   19 1_555 0.324  -0.141 0.206  -2.913 -14.187 1.512  5  A_C5:G19_B   A 5  ? B 19 ? 19 1 
1 A U   6  1_555 B A   18 1_555 -0.155 -0.171 0.204  -0.492 -13.479 3.856  6  A_U6:A18_B   A 6  ? B 18 ? 20 1 
1 A G   7  1_555 B C   17 1_555 -0.388 -0.099 -0.007 -9.942 -28.968 4.680  7  A_G7:C17_B   A 7  ? B 17 ? 19 1 
1 A G   10 1_555 B C   15 1_555 -0.343 -0.231 -0.218 1.962  -7.898  -1.414 8  A_G10:C15_B  A 10 ? B 15 ? 19 1 
1 A U   11 1_555 B A   14 1_555 -0.306 -0.112 -0.090 0.256  -7.854  -1.529 9  A_U11:A14_B  A 11 ? B 14 ? 20 1 
1 A G   12 1_555 B C   13 1_555 0.045  -0.234 0.374  8.481  -4.832  -2.429 10 A_G12:C13_B  A 12 ? B 13 ? 19 1 
1 A C   13 1_555 B G   12 1_555 0.301  -0.214 0.016  -0.186 -13.486 3.054  11 A_C13:G12_B  A 13 ? B 12 ? 19 1 
1 A A   14 1_555 B U   11 1_555 0.148  -0.182 -0.001 -3.631 -12.143 1.853  12 A_A14:U11_B  A 14 ? B 11 ? 20 1 
1 A C   15 1_555 B G   10 1_555 0.407  -0.099 0.117  -2.979 -9.395  1.893  13 A_C15:G10_B  A 15 ? B 10 ? 19 1 
1 A C   17 1_555 B G   7  1_555 0.325  -0.304 -0.005 7.598  -19.736 2.164  14 A_C17:G7_B   A 17 ? B 7  ? 19 1 
1 A A   18 1_555 B U   6  1_555 -0.024 -0.112 0.237  3.737  -18.587 8.314  15 A_A18:U6_B   A 18 ? B 6  ? 20 1 
1 A G   19 1_555 B C   5  1_555 -0.226 -0.171 -0.028 2.489  -13.285 1.610  16 A_G19:C5_B   A 19 ? B 5  ? 19 1 
1 A C   20 1_555 B G   4  1_555 0.275  -0.098 0.050  2.777  -12.340 2.497  17 A_C20:G4_B   A 20 ? B 4  ? 19 1 
1 A A   21 1_555 B UMS 3  1_555 -0.070 -0.150 -0.028 -4.568 -10.693 4.272  18 A_A21:UMS3_B A 21 ? B 3  ? 20 1 
1 A A   22 1_555 B U   2  1_555 0.325  -0.392 0.335  1.986  -13.640 0.138  19 A_A22:U2_B   A 22 ? B 2  ? 20 1 
1 A G   23 1_555 B C   1  1_555 -0.201 -0.335 -0.080 -6.295 -20.468 1.196  20 A_G23:C1_B   A 23 ? B 1  ? 19 1 
# 
loop_
_ndb_struct_na_base_pair_step.model_number 
_ndb_struct_na_base_pair_step.i_label_asym_id_1 
_ndb_struct_na_base_pair_step.i_label_comp_id_1 
_ndb_struct_na_base_pair_step.i_label_seq_id_1 
_ndb_struct_na_base_pair_step.i_symmetry_1 
_ndb_struct_na_base_pair_step.j_label_asym_id_1 
_ndb_struct_na_base_pair_step.j_label_comp_id_1 
_ndb_struct_na_base_pair_step.j_label_seq_id_1 
_ndb_struct_na_base_pair_step.j_symmetry_1 
_ndb_struct_na_base_pair_step.i_label_asym_id_2 
_ndb_struct_na_base_pair_step.i_label_comp_id_2 
_ndb_struct_na_base_pair_step.i_label_seq_id_2 
_ndb_struct_na_base_pair_step.i_symmetry_2 
_ndb_struct_na_base_pair_step.j_label_asym_id_2 
_ndb_struct_na_base_pair_step.j_label_comp_id_2 
_ndb_struct_na_base_pair_step.j_label_seq_id_2 
_ndb_struct_na_base_pair_step.j_symmetry_2 
_ndb_struct_na_base_pair_step.shift 
_ndb_struct_na_base_pair_step.slide 
_ndb_struct_na_base_pair_step.rise 
_ndb_struct_na_base_pair_step.tilt 
_ndb_struct_na_base_pair_step.roll 
_ndb_struct_na_base_pair_step.twist 
_ndb_struct_na_base_pair_step.x_displacement 
_ndb_struct_na_base_pair_step.y_displacement 
_ndb_struct_na_base_pair_step.helical_rise 
_ndb_struct_na_base_pair_step.inclination 
_ndb_struct_na_base_pair_step.tip 
_ndb_struct_na_base_pair_step.helical_twist 
_ndb_struct_na_base_pair_step.step_number 
_ndb_struct_na_base_pair_step.step_name 
_ndb_struct_na_base_pair_step.i_auth_asym_id_1 
_ndb_struct_na_base_pair_step.i_auth_seq_id_1 
_ndb_struct_na_base_pair_step.i_PDB_ins_code_1 
_ndb_struct_na_base_pair_step.j_auth_asym_id_1 
_ndb_struct_na_base_pair_step.j_auth_seq_id_1 
_ndb_struct_na_base_pair_step.j_PDB_ins_code_1 
_ndb_struct_na_base_pair_step.i_auth_asym_id_2 
_ndb_struct_na_base_pair_step.i_auth_seq_id_2 
_ndb_struct_na_base_pair_step.i_PDB_ins_code_2 
_ndb_struct_na_base_pair_step.j_auth_asym_id_2 
_ndb_struct_na_base_pair_step.j_auth_seq_id_2 
_ndb_struct_na_base_pair_step.j_PDB_ins_code_2 
1 A C   1  1_555 B G   23 1_555 A U   2  1_555 B A   22 1_555 -0.127 -1.300 3.262 -3.550 12.277 34.126 -3.682 -0.259 2.652 20.068 
5.803   36.374 1  AA_C1U2:A22G23_BB   A 1  ? B 23 ? A 2  ? B 22 ? 
1 A U   2  1_555 B A   22 1_555 A UMS 3  1_555 B A   21 1_555 -0.016 -0.952 3.195 -1.685 5.865  34.352 -2.437 -0.217 2.994 9.834  
2.825   34.874 2  AA_U2UMS3:A21A22_BB A 2  ? B 22 ? A 3  ? B 21 ? 
1 A UMS 3  1_555 B A   21 1_555 A G   4  1_555 B C   20 1_555 0.048  -1.353 3.131 1.413  16.921 32.143 -4.225 0.095  2.174 28.235 
-2.358  36.247 3  AA_UMS3G4:C20A21_BB A 3  ? B 21 ? A 4  ? B 20 ? 
1 A G   4  1_555 B C   20 1_555 A C   5  1_555 B G   19 1_555 0.180  -1.502 3.264 0.242  3.174  33.851 -3.064 -0.270 3.116 5.437  
-0.414  33.996 4  AA_G4C5:G19C20_BB   A 4  ? B 20 ? A 5  ? B 19 ? 
1 A C   5  1_555 B G   19 1_555 A U   6  1_555 B A   18 1_555 -0.019 -1.660 3.092 0.556  7.122  24.807 -5.459 0.178  2.523 16.155 
-1.262  25.800 5  AA_C5U6:A18G19_BB   A 5  ? B 19 ? A 6  ? B 18 ? 
1 A U   6  1_555 B A   18 1_555 A G   7  1_555 B C   17 1_555 -0.075 -1.444 3.303 1.465  15.574 32.383 -4.389 0.314  2.378 26.110 
-2.456  35.872 6  AA_U6G7:C17A18_BB   A 6  ? B 18 ? A 7  ? B 17 ? 
1 A G   7  1_555 B C   17 1_555 A G   10 1_555 B C   15 1_555 -1.520 -3.425 6.240 8.511  21.787 78.501 -3.622 1.554  5.155 16.874 
-6.592  81.369 7  AA_G7G10:C15C17_BB  A 7  ? B 17 ? A 10 ? B 15 ? 
1 A G   10 1_555 B C   15 1_555 A U   11 1_555 B A   14 1_555 -0.585 -2.608 3.332 -3.339 0.398  33.396 -4.584 0.453  3.343 0.691  
5.791   33.560 8  AA_G10U11:A14C15_BB A 10 ? B 15 ? A 11 ? B 14 ? 
1 A U   11 1_555 B A   14 1_555 A G   12 1_555 B C   13 1_555 -1.093 -1.753 2.959 -4.088 9.087  27.888 -5.063 1.407  2.413 18.137 
8.159   29.582 9  AA_U11G12:C13A14_BB A 11 ? B 14 ? A 12 ? B 13 ? 
1 A G   12 1_555 B C   13 1_555 A C   13 1_555 B G   12 1_555 0.775  -1.350 3.492 2.844  14.157 35.288 -3.878 -0.825 2.818 22.239 
-4.468  38.041 10 AA_G12C13:G12C13_BB A 12 ? B 13 ? A 13 ? B 12 ? 
1 A C   13 1_555 B G   12 1_555 A A   14 1_555 B U   11 1_555 0.238  -1.397 3.170 0.444  12.649 32.049 -4.127 -0.341 2.463 21.875 
-0.768  34.397 11 AA_C13A14:U11G12_BB A 13 ? B 12 ? A 14 ? B 11 ? 
1 A A   14 1_555 B U   11 1_555 A C   15 1_555 B G   10 1_555 0.414  -2.420 3.284 1.166  -0.118 31.930 -4.375 -0.539 3.306 -0.214 
-2.118  31.951 12 AA_A14C15:G10U11_BB A 14 ? B 11 ? A 15 ? B 10 ? 
1 A C   15 1_555 B G   10 1_555 A C   17 1_555 B G   7  1_555 1.388  -3.648 6.113 -6.372 16.650 77.524 -3.657 -1.393 5.263 13.135 
5.027   79.232 13 AA_C15C17:G7G10_BB  A 15 ? B 10 ? A 17 ? B 7  ? 
1 A C   17 1_555 B G   7  1_555 A A   18 1_555 B U   6  1_555 0.388  -1.472 3.188 -0.949 13.358 31.633 -4.360 -0.790 2.379 23.245 
1.651   34.284 14 AA_C17A18:U6G7_BB   A 17 ? B 7  ? A 18 ? B 6  ? 
1 A A   18 1_555 B U   6  1_555 A G   19 1_555 B C   5  1_555 -0.782 -1.510 3.275 -1.990 7.811  29.661 -4.310 1.105  2.840 14.914 
3.800   30.713 15 AA_A18G19:C5U6_BB   A 18 ? B 6  ? A 19 ? B 5  ? 
1 A G   19 1_555 B C   5  1_555 A C   20 1_555 B G   4  1_555 0.200  -1.536 3.216 -0.659 6.174  34.226 -3.459 -0.429 2.899 10.384 
1.108   34.768 16 AA_G19C20:G4C5_BB   A 19 ? B 5  ? A 20 ? B 4  ? 
1 A C   20 1_555 B G   4  1_555 A A   21 1_555 B UMS 3  1_555 -0.187 -1.515 3.221 0.916  12.686 30.086 -4.674 0.475  2.397 23.180 
-1.673  32.607 17 AA_C20A21:UMS3G4_BB A 20 ? B 4  ? A 21 ? B 3  ? 
1 A A   21 1_555 B UMS 3  1_555 A A   22 1_555 B U   2  1_555 -0.180 -1.263 2.936 -1.866 6.896  34.438 -2.979 0.058  2.647 11.495 
3.111   35.150 18 AA_A21A22:U2UMS3_BB A 21 ? B 3  ? A 22 ? B 2  ? 
1 A A   22 1_555 B U   2  1_555 A G   23 1_555 B C   1  1_555 0.486  -1.451 3.419 6.622  13.457 31.776 -4.385 0.166  2.655 23.042 
-11.339 35.055 19 AA_A22G23:C1U2_BB   A 22 ? B 2  ? A 23 ? B 1  ? 
# 
loop_
_pdbx_entity_nonpoly.entity_id 
_pdbx_entity_nonpoly.name 
_pdbx_entity_nonpoly.comp_id 
2 'POTASSIUM ION' K   
3 
;(2R,3S,4S,5S,6R)-2-((2S,3S,4R,5R,6R)-5-AMINO-2-(AMINOMETHYL)-6-((2R,3S,4R,5S)-5-((1R,2R,3S,5R,6S)-3,5-DIAMINO-2-((2S,3R ,5S,6R)-3-AMINO-5-HYDROXY-6-(HYDROXYMETHYL)-TETRAHYDRO-2H-PYRAN-2-YLOXY)-6-HYDROXYCYCLOHEXYLOXY)-4-HYDROXY-2-(HYDROXYMET HYL)-TETRAHYDROFURAN-3-YLOXY)-4-HYDROXY-TETRAHYDRO-2H-PYRAN-3-YLOXY)-6-(HYDROXYMETHYL)-TETRAHYDRO-2H-PYRAN-3,4,5-TRIOL
;
LIV 
4 water HOH 
# 
_pdbx_initial_refinement_model.id               1 
_pdbx_initial_refinement_model.entity_id_list   ? 
_pdbx_initial_refinement_model.type             'experimental model' 
_pdbx_initial_refinement_model.source_name      PDB 
_pdbx_initial_refinement_model.accession_code   3C3Z 
_pdbx_initial_refinement_model.details          ? 
# 
